data_1J4I
# 
_entry.id   1J4I 
# 
_audit_conform.dict_name       mmcif_pdbx.dic 
_audit_conform.dict_version    5.383 
_audit_conform.dict_location   http://mmcif.pdb.org/dictionaries/ascii/mmcif_pdbx.dic 
# 
loop_
_database_2.database_id 
_database_2.database_code 
_database_2.pdbx_database_accession 
_database_2.pdbx_DOI 
PDB   1J4I         pdb_00001j4i 10.2210/pdb1j4i/pdb 
RCSB  RCSB001602   ?            ?                   
WWPDB D_1000001602 ?            ?                   
# 
loop_
_pdbx_audit_revision_history.ordinal 
_pdbx_audit_revision_history.data_content_type 
_pdbx_audit_revision_history.major_revision 
_pdbx_audit_revision_history.minor_revision 
_pdbx_audit_revision_history.revision_date 
1 'Structure model' 1 0 2003-06-03 
2 'Structure model' 1 1 2008-04-26 
3 'Structure model' 1 2 2011-07-13 
4 'Structure model' 1 3 2019-10-23 
5 'Structure model' 1 4 2023-12-27 
# 
_pdbx_audit_revision_details.ordinal             1 
_pdbx_audit_revision_details.revision_ordinal    1 
_pdbx_audit_revision_details.data_content_type   'Structure model' 
_pdbx_audit_revision_details.provider            repository 
_pdbx_audit_revision_details.type                'Initial release' 
_pdbx_audit_revision_details.description         ? 
_pdbx_audit_revision_details.details             ? 
# 
loop_
_pdbx_audit_revision_group.ordinal 
_pdbx_audit_revision_group.revision_ordinal 
_pdbx_audit_revision_group.data_content_type 
_pdbx_audit_revision_group.group 
1 2 'Structure model' 'Version format compliance' 
2 3 'Structure model' 'Version format compliance' 
3 4 'Structure model' 'Data collection'           
4 4 'Structure model' 'Database references'       
5 5 'Structure model' 'Data collection'           
6 5 'Structure model' 'Database references'       
7 5 'Structure model' 'Derived calculations'      
# 
loop_
_pdbx_audit_revision_category.ordinal 
_pdbx_audit_revision_category.revision_ordinal 
_pdbx_audit_revision_category.data_content_type 
_pdbx_audit_revision_category.category 
1 4 'Structure model' citation       
2 5 'Structure model' chem_comp_atom 
3 5 'Structure model' chem_comp_bond 
4 5 'Structure model' database_2     
5 5 'Structure model' struct_site    
# 
loop_
_pdbx_audit_revision_item.ordinal 
_pdbx_audit_revision_item.revision_ordinal 
_pdbx_audit_revision_item.data_content_type 
_pdbx_audit_revision_item.item 
1 4 'Structure model' '_citation.pdbx_database_id_DOI'      
2 4 'Structure model' '_citation.title'                     
3 5 'Structure model' '_database_2.pdbx_DOI'                
4 5 'Structure model' '_database_2.pdbx_database_accession' 
5 5 'Structure model' '_struct_site.pdbx_auth_asym_id'      
6 5 'Structure model' '_struct_site.pdbx_auth_comp_id'      
7 5 'Structure model' '_struct_site.pdbx_auth_seq_id'       
# 
_pdbx_database_status.status_code                     REL 
_pdbx_database_status.entry_id                        1J4I 
_pdbx_database_status.recvd_initial_deposition_date   2001-09-30 
_pdbx_database_status.deposit_site                    RCSB 
_pdbx_database_status.process_site                    PDBJ 
_pdbx_database_status.SG_entry                        . 
_pdbx_database_status.pdb_format_compatible           Y 
_pdbx_database_status.status_code_mr                  ? 
_pdbx_database_status.status_code_sf                  ? 
_pdbx_database_status.status_code_cs                  ? 
_pdbx_database_status.methods_development_category    ? 
_pdbx_database_status.status_code_nmr_data            ? 
# 
_pdbx_database_related.db_name        PDB 
_pdbx_database_related.db_id          1J4H 
_pdbx_database_related.details        
;1J4H contains the same portein complexed with 
(3R)-4-(p-Toluenesulfonyl)-1,4-thiazane-3-carboxylic acid-L-phenylalanine ethyl ester.
;
_pdbx_database_related.content_type   unspecified 
# 
loop_
_audit_author.name 
_audit_author.pdbx_ordinal 
'Li, P.'   1 
'Ding, Y.' 2 
'Wang, L.' 3 
'Wu, B.'   4 
'Shu, C.'  5 
'Li, S.'   6 
'Shen, B.' 7 
'Rao, Z.'  8 
# 
_citation.id                        primary 
_citation.title                     'Design and structure-based study of new potential FKBP12 inhibitors.' 
_citation.journal_abbrev            Biophys.J. 
_citation.journal_volume            85 
_citation.page_first                3194 
_citation.page_last                 3201 
_citation.year                      2003 
_citation.journal_id_ASTM           BIOJAU 
_citation.country                   US 
_citation.journal_id_ISSN           0006-3495 
_citation.journal_id_CSD            0030 
_citation.book_publisher            ? 
_citation.pdbx_database_id_PubMed   14581219 
_citation.pdbx_database_id_DOI      '10.1016/S0006-3495(03)74737-7' 
# 
loop_
_citation_author.citation_id 
_citation_author.name 
_citation_author.ordinal 
_citation_author.identifier_ORCID 
primary 'Sun, F.'     1  ? 
primary 'Li, P.'      2  ? 
primary 'Ding, Y.'    3  ? 
primary 'Wang, L.'    4  ? 
primary 'Bartlam, M.' 5  ? 
primary 'Shu, C.'     6  ? 
primary 'Shen, B.'    7  ? 
primary 'Jiang, H.'   8  ? 
primary 'Li, S.'      9  ? 
primary 'Rao, Z.'     10 ? 
# 
loop_
_entity.id 
_entity.type 
_entity.src_method 
_entity.pdbx_description 
_entity.formula_weight 
_entity.pdbx_number_of_molecules 
_entity.pdbx_ec 
_entity.pdbx_mutation 
_entity.pdbx_fragment 
_entity.details 
1 polymer     man FKBP12                                                                                 11836.508 1   5.2.1.8 ? ? 
? 
2 non-polymer syn '4-METHYL-2-{[4-(TOLUENE-4-SULFONYL)-THIOMORPHOLINE-3-CARBONYL]-AMINO}-PENTANOIC ACID' 414.539   1   ?       ? ? 
? 
3 water       nat water                                                                                  18.015    119 ?       ? ? 
? 
# 
_entity_name_com.entity_id   1 
_entity_name_com.name        'FK506-binding protein' 
# 
_entity_poly.entity_id                      1 
_entity_poly.type                           'polypeptide(L)' 
_entity_poly.nstd_linkage                   no 
_entity_poly.nstd_monomer                   no 
_entity_poly.pdbx_seq_one_letter_code       
;GVQVETISPGDGRTFPKRGQTCVVHYTGMLEDGKKFDSSRDRNKPFKFMLGKQEVIRGWEEGVAQMSVGQRAKLTISPDY
AYGATGHPGIIPPHATLVFDVELLKLE
;
_entity_poly.pdbx_seq_one_letter_code_can   
;GVQVETISPGDGRTFPKRGQTCVVHYTGMLEDGKKFDSSRDRNKPFKFMLGKQEVIRGWEEGVAQMSVGQRAKLTISPDY
AYGATGHPGIIPPHATLVFDVELLKLE
;
_entity_poly.pdbx_strand_id                 A 
_entity_poly.pdbx_target_identifier         ? 
# 
loop_
_pdbx_entity_nonpoly.entity_id 
_pdbx_entity_nonpoly.name 
_pdbx_entity_nonpoly.comp_id 
2 '4-METHYL-2-{[4-(TOLUENE-4-SULFONYL)-THIOMORPHOLINE-3-CARBONYL]-AMINO}-PENTANOIC ACID' TST 
3 water                                                                                  HOH 
# 
loop_
_entity_poly_seq.entity_id 
_entity_poly_seq.num 
_entity_poly_seq.mon_id 
_entity_poly_seq.hetero 
1 1   GLY n 
1 2   VAL n 
1 3   GLN n 
1 4   VAL n 
1 5   GLU n 
1 6   THR n 
1 7   ILE n 
1 8   SER n 
1 9   PRO n 
1 10  GLY n 
1 11  ASP n 
1 12  GLY n 
1 13  ARG n 
1 14  THR n 
1 15  PHE n 
1 16  PRO n 
1 17  LYS n 
1 18  ARG n 
1 19  GLY n 
1 20  GLN n 
1 21  THR n 
1 22  CYS n 
1 23  VAL n 
1 24  VAL n 
1 25  HIS n 
1 26  TYR n 
1 27  THR n 
1 28  GLY n 
1 29  MET n 
1 30  LEU n 
1 31  GLU n 
1 32  ASP n 
1 33  GLY n 
1 34  LYS n 
1 35  LYS n 
1 36  PHE n 
1 37  ASP n 
1 38  SER n 
1 39  SER n 
1 40  ARG n 
1 41  ASP n 
1 42  ARG n 
1 43  ASN n 
1 44  LYS n 
1 45  PRO n 
1 46  PHE n 
1 47  LYS n 
1 48  PHE n 
1 49  MET n 
1 50  LEU n 
1 51  GLY n 
1 52  LYS n 
1 53  GLN n 
1 54  GLU n 
1 55  VAL n 
1 56  ILE n 
1 57  ARG n 
1 58  GLY n 
1 59  TRP n 
1 60  GLU n 
1 61  GLU n 
1 62  GLY n 
1 63  VAL n 
1 64  ALA n 
1 65  GLN n 
1 66  MET n 
1 67  SER n 
1 68  VAL n 
1 69  GLY n 
1 70  GLN n 
1 71  ARG n 
1 72  ALA n 
1 73  LYS n 
1 74  LEU n 
1 75  THR n 
1 76  ILE n 
1 77  SER n 
1 78  PRO n 
1 79  ASP n 
1 80  TYR n 
1 81  ALA n 
1 82  TYR n 
1 83  GLY n 
1 84  ALA n 
1 85  THR n 
1 86  GLY n 
1 87  HIS n 
1 88  PRO n 
1 89  GLY n 
1 90  ILE n 
1 91  ILE n 
1 92  PRO n 
1 93  PRO n 
1 94  HIS n 
1 95  ALA n 
1 96  THR n 
1 97  LEU n 
1 98  VAL n 
1 99  PHE n 
1 100 ASP n 
1 101 VAL n 
1 102 GLU n 
1 103 LEU n 
1 104 LEU n 
1 105 LYS n 
1 106 LEU n 
1 107 GLU n 
# 
_entity_src_gen.entity_id                          1 
_entity_src_gen.pdbx_src_id                        1 
_entity_src_gen.pdbx_alt_source_flag               sample 
_entity_src_gen.pdbx_seq_type                      ? 
_entity_src_gen.pdbx_beg_seq_num                   ? 
_entity_src_gen.pdbx_end_seq_num                   ? 
_entity_src_gen.gene_src_common_name               human 
_entity_src_gen.gene_src_genus                     Homo 
_entity_src_gen.pdbx_gene_src_gene                 ? 
_entity_src_gen.gene_src_species                   ? 
_entity_src_gen.gene_src_strain                    ? 
_entity_src_gen.gene_src_tissue                    ? 
_entity_src_gen.gene_src_tissue_fraction           ? 
_entity_src_gen.gene_src_details                   ? 
_entity_src_gen.pdbx_gene_src_fragment             ? 
_entity_src_gen.pdbx_gene_src_scientific_name      'Homo sapiens' 
_entity_src_gen.pdbx_gene_src_ncbi_taxonomy_id     9606 
_entity_src_gen.pdbx_gene_src_variant              ? 
_entity_src_gen.pdbx_gene_src_cell_line            ? 
_entity_src_gen.pdbx_gene_src_atcc                 ? 
_entity_src_gen.pdbx_gene_src_organ                ? 
_entity_src_gen.pdbx_gene_src_organelle            ? 
_entity_src_gen.pdbx_gene_src_cell                 ? 
_entity_src_gen.pdbx_gene_src_cellular_location    ? 
_entity_src_gen.host_org_common_name               ? 
_entity_src_gen.pdbx_host_org_scientific_name      'Escherichia coli' 
_entity_src_gen.pdbx_host_org_ncbi_taxonomy_id     562 
_entity_src_gen.host_org_genus                     Escherichia 
_entity_src_gen.pdbx_host_org_gene                 ? 
_entity_src_gen.pdbx_host_org_organ                ? 
_entity_src_gen.host_org_species                   ? 
_entity_src_gen.pdbx_host_org_tissue               ? 
_entity_src_gen.pdbx_host_org_tissue_fraction      ? 
_entity_src_gen.pdbx_host_org_strain               ? 
_entity_src_gen.pdbx_host_org_variant              ? 
_entity_src_gen.pdbx_host_org_cell_line            ? 
_entity_src_gen.pdbx_host_org_atcc                 ? 
_entity_src_gen.pdbx_host_org_culture_collection   ? 
_entity_src_gen.pdbx_host_org_cell                 ? 
_entity_src_gen.pdbx_host_org_organelle            ? 
_entity_src_gen.pdbx_host_org_cellular_location    ? 
_entity_src_gen.pdbx_host_org_vector_type          ? 
_entity_src_gen.pdbx_host_org_vector               ? 
_entity_src_gen.host_org_details                   ? 
_entity_src_gen.expression_system_id               ? 
_entity_src_gen.plasmid_name                       ? 
_entity_src_gen.plasmid_details                    ? 
_entity_src_gen.pdbx_description                   ? 
# 
loop_
_chem_comp.id 
_chem_comp.type 
_chem_comp.mon_nstd_flag 
_chem_comp.name 
_chem_comp.pdbx_synonyms 
_chem_comp.formula 
_chem_comp.formula_weight 
ALA 'L-peptide linking' y ALANINE                                                                                ? 'C3 H7 N O2' 
89.093  
ARG 'L-peptide linking' y ARGININE                                                                               ? 
'C6 H15 N4 O2 1'   175.209 
ASN 'L-peptide linking' y ASPARAGINE                                                                             ? 'C4 H8 N2 O3' 
132.118 
ASP 'L-peptide linking' y 'ASPARTIC ACID'                                                                        ? 'C4 H7 N O4' 
133.103 
CYS 'L-peptide linking' y CYSTEINE                                                                               ? 'C3 H7 N O2 S' 
121.158 
GLN 'L-peptide linking' y GLUTAMINE                                                                              ? 'C5 H10 N2 O3' 
146.144 
GLU 'L-peptide linking' y 'GLUTAMIC ACID'                                                                        ? 'C5 H9 N O4' 
147.129 
GLY 'peptide linking'   y GLYCINE                                                                                ? 'C2 H5 N O2' 
75.067  
HIS 'L-peptide linking' y HISTIDINE                                                                              ? 
'C6 H10 N3 O2 1'   156.162 
HOH non-polymer         . WATER                                                                                  ? 'H2 O' 18.015  
ILE 'L-peptide linking' y ISOLEUCINE                                                                             ? 'C6 H13 N O2' 
131.173 
LEU 'L-peptide linking' y LEUCINE                                                                                ? 'C6 H13 N O2' 
131.173 
LYS 'L-peptide linking' y LYSINE                                                                                 ? 
'C6 H15 N2 O2 1'   147.195 
MET 'L-peptide linking' y METHIONINE                                                                             ? 'C5 H11 N O2 S' 
149.211 
PHE 'L-peptide linking' y PHENYLALANINE                                                                          ? 'C9 H11 N O2' 
165.189 
PRO 'L-peptide linking' y PROLINE                                                                                ? 'C5 H9 N O2' 
115.130 
SER 'L-peptide linking' y SERINE                                                                                 ? 'C3 H7 N O3' 
105.093 
THR 'L-peptide linking' y THREONINE                                                                              ? 'C4 H9 N O3' 
119.119 
TRP 'L-peptide linking' y TRYPTOPHAN                                                                             ? 'C11 H12 N2 O2' 
204.225 
TST 'L-peptide linking' . '4-METHYL-2-{[4-(TOLUENE-4-SULFONYL)-THIOMORPHOLINE-3-CARBONYL]-AMINO}-PENTANOIC ACID' 
'(3R)-4-(P-TOLUENESULFONYL)-1,4-THIAZANE-3-CARBOXYLIC ACID-L-LEUCINE' 'C18 H26 N2 O5 S2' 414.539 
TYR 'L-peptide linking' y TYROSINE                                                                               ? 'C9 H11 N O3' 
181.189 
VAL 'L-peptide linking' y VALINE                                                                                 ? 'C5 H11 N O2' 
117.146 
# 
loop_
_pdbx_poly_seq_scheme.asym_id 
_pdbx_poly_seq_scheme.entity_id 
_pdbx_poly_seq_scheme.seq_id 
_pdbx_poly_seq_scheme.mon_id 
_pdbx_poly_seq_scheme.ndb_seq_num 
_pdbx_poly_seq_scheme.pdb_seq_num 
_pdbx_poly_seq_scheme.auth_seq_num 
_pdbx_poly_seq_scheme.pdb_mon_id 
_pdbx_poly_seq_scheme.auth_mon_id 
_pdbx_poly_seq_scheme.pdb_strand_id 
_pdbx_poly_seq_scheme.pdb_ins_code 
_pdbx_poly_seq_scheme.hetero 
A 1 1   GLY 1   1   1   GLY GLY A . n 
A 1 2   VAL 2   2   2   VAL VAL A . n 
A 1 3   GLN 3   3   3   GLN GLN A . n 
A 1 4   VAL 4   4   4   VAL VAL A . n 
A 1 5   GLU 5   5   5   GLU GLU A . n 
A 1 6   THR 6   6   6   THR THR A . n 
A 1 7   ILE 7   7   7   ILE ILE A . n 
A 1 8   SER 8   8   8   SER SER A . n 
A 1 9   PRO 9   9   9   PRO PRO A . n 
A 1 10  GLY 10  10  10  GLY GLY A . n 
A 1 11  ASP 11  11  11  ASP ASP A . n 
A 1 12  GLY 12  12  12  GLY GLY A . n 
A 1 13  ARG 13  13  13  ARG ARG A . n 
A 1 14  THR 14  14  14  THR THR A . n 
A 1 15  PHE 15  15  15  PHE PHE A . n 
A 1 16  PRO 16  16  16  PRO PRO A . n 
A 1 17  LYS 17  17  17  LYS LYS A . n 
A 1 18  ARG 18  18  18  ARG ARG A . n 
A 1 19  GLY 19  19  19  GLY GLY A . n 
A 1 20  GLN 20  20  20  GLN GLN A . n 
A 1 21  THR 21  21  21  THR THR A . n 
A 1 22  CYS 22  22  22  CYS CYS A . n 
A 1 23  VAL 23  23  23  VAL VAL A . n 
A 1 24  VAL 24  24  24  VAL VAL A . n 
A 1 25  HIS 25  25  25  HIS HIS A . n 
A 1 26  TYR 26  26  26  TYR TYR A . n 
A 1 27  THR 27  27  27  THR THR A . n 
A 1 28  GLY 28  28  28  GLY GLY A . n 
A 1 29  MET 29  29  29  MET MET A . n 
A 1 30  LEU 30  30  30  LEU LEU A . n 
A 1 31  GLU 31  31  31  GLU GLU A . n 
A 1 32  ASP 32  32  32  ASP ASP A . n 
A 1 33  GLY 33  33  33  GLY GLY A . n 
A 1 34  LYS 34  34  34  LYS LYS A . n 
A 1 35  LYS 35  35  35  LYS LYS A . n 
A 1 36  PHE 36  36  36  PHE PHE A . n 
A 1 37  ASP 37  37  37  ASP ASP A . n 
A 1 38  SER 38  38  38  SER SER A . n 
A 1 39  SER 39  39  39  SER SER A . n 
A 1 40  ARG 40  40  40  ARG ARG A . n 
A 1 41  ASP 41  41  41  ASP ASP A . n 
A 1 42  ARG 42  42  42  ARG ARG A . n 
A 1 43  ASN 43  43  43  ASN ASN A . n 
A 1 44  LYS 44  44  44  LYS LYS A . n 
A 1 45  PRO 45  45  45  PRO PRO A . n 
A 1 46  PHE 46  46  46  PHE PHE A . n 
A 1 47  LYS 47  47  47  LYS LYS A . n 
A 1 48  PHE 48  48  48  PHE PHE A . n 
A 1 49  MET 49  49  49  MET MET A . n 
A 1 50  LEU 50  50  50  LEU LEU A . n 
A 1 51  GLY 51  51  51  GLY GLY A . n 
A 1 52  LYS 52  52  52  LYS LYS A . n 
A 1 53  GLN 53  53  53  GLN GLN A . n 
A 1 54  GLU 54  54  54  GLU GLU A . n 
A 1 55  VAL 55  55  55  VAL VAL A . n 
A 1 56  ILE 56  56  56  ILE ILE A . n 
A 1 57  ARG 57  57  57  ARG ARG A . n 
A 1 58  GLY 58  58  58  GLY GLY A . n 
A 1 59  TRP 59  59  59  TRP TRP A . n 
A 1 60  GLU 60  60  60  GLU GLU A . n 
A 1 61  GLU 61  61  61  GLU GLU A . n 
A 1 62  GLY 62  62  62  GLY GLY A . n 
A 1 63  VAL 63  63  63  VAL VAL A . n 
A 1 64  ALA 64  64  64  ALA ALA A . n 
A 1 65  GLN 65  65  65  GLN GLN A . n 
A 1 66  MET 66  66  66  MET MET A . n 
A 1 67  SER 67  67  67  SER SER A . n 
A 1 68  VAL 68  68  68  VAL VAL A . n 
A 1 69  GLY 69  69  69  GLY GLY A . n 
A 1 70  GLN 70  70  70  GLN GLN A . n 
A 1 71  ARG 71  71  71  ARG ARG A . n 
A 1 72  ALA 72  72  72  ALA ALA A . n 
A 1 73  LYS 73  73  73  LYS LYS A . n 
A 1 74  LEU 74  74  74  LEU LEU A . n 
A 1 75  THR 75  75  75  THR THR A . n 
A 1 76  ILE 76  76  76  ILE ILE A . n 
A 1 77  SER 77  77  77  SER SER A . n 
A 1 78  PRO 78  78  78  PRO PRO A . n 
A 1 79  ASP 79  79  79  ASP ASP A . n 
A 1 80  TYR 80  80  80  TYR TYR A . n 
A 1 81  ALA 81  81  81  ALA ALA A . n 
A 1 82  TYR 82  82  82  TYR TYR A . n 
A 1 83  GLY 83  83  83  GLY GLY A . n 
A 1 84  ALA 84  84  84  ALA ALA A . n 
A 1 85  THR 85  85  85  THR THR A . n 
A 1 86  GLY 86  86  86  GLY GLY A . n 
A 1 87  HIS 87  87  87  HIS HIS A . n 
A 1 88  PRO 88  88  88  PRO PRO A . n 
A 1 89  GLY 89  89  89  GLY GLY A . n 
A 1 90  ILE 90  90  90  ILE ILE A . n 
A 1 91  ILE 91  91  91  ILE ILE A . n 
A 1 92  PRO 92  92  92  PRO PRO A . n 
A 1 93  PRO 93  93  93  PRO PRO A . n 
A 1 94  HIS 94  94  94  HIS HIS A . n 
A 1 95  ALA 95  95  95  ALA ALA A . n 
A 1 96  THR 96  96  96  THR THR A . n 
A 1 97  LEU 97  97  97  LEU LEU A . n 
A 1 98  VAL 98  98  98  VAL VAL A . n 
A 1 99  PHE 99  99  99  PHE PHE A . n 
A 1 100 ASP 100 100 100 ASP ASP A . n 
A 1 101 VAL 101 101 101 VAL VAL A . n 
A 1 102 GLU 102 102 102 GLU GLU A . n 
A 1 103 LEU 103 103 103 LEU LEU A . n 
A 1 104 LEU 104 104 104 LEU LEU A . n 
A 1 105 LYS 105 105 105 LYS LYS A . n 
A 1 106 LEU 106 106 106 LEU LEU A . n 
A 1 107 GLU 107 107 107 GLU GLU A . n 
# 
loop_
_pdbx_nonpoly_scheme.asym_id 
_pdbx_nonpoly_scheme.entity_id 
_pdbx_nonpoly_scheme.mon_id 
_pdbx_nonpoly_scheme.ndb_seq_num 
_pdbx_nonpoly_scheme.pdb_seq_num 
_pdbx_nonpoly_scheme.auth_seq_num 
_pdbx_nonpoly_scheme.pdb_mon_id 
_pdbx_nonpoly_scheme.auth_mon_id 
_pdbx_nonpoly_scheme.pdb_strand_id 
_pdbx_nonpoly_scheme.pdb_ins_code 
B 2 TST 1   201 201 TST SUB A . 
C 3 HOH 1   202 1   HOH TIP A . 
C 3 HOH 2   203 2   HOH TIP A . 
C 3 HOH 3   204 3   HOH TIP A . 
C 3 HOH 4   205 4   HOH TIP A . 
C 3 HOH 5   206 5   HOH TIP A . 
C 3 HOH 6   207 6   HOH TIP A . 
C 3 HOH 7   208 7   HOH TIP A . 
C 3 HOH 8   209 8   HOH TIP A . 
C 3 HOH 9   210 9   HOH TIP A . 
C 3 HOH 10  211 10  HOH TIP A . 
C 3 HOH 11  212 11  HOH TIP A . 
C 3 HOH 12  213 12  HOH TIP A . 
C 3 HOH 13  214 13  HOH TIP A . 
C 3 HOH 14  215 14  HOH TIP A . 
C 3 HOH 15  216 15  HOH TIP A . 
C 3 HOH 16  217 16  HOH TIP A . 
C 3 HOH 17  218 17  HOH TIP A . 
C 3 HOH 18  219 18  HOH TIP A . 
C 3 HOH 19  220 19  HOH TIP A . 
C 3 HOH 20  221 20  HOH TIP A . 
C 3 HOH 21  222 21  HOH TIP A . 
C 3 HOH 22  223 22  HOH TIP A . 
C 3 HOH 23  224 23  HOH TIP A . 
C 3 HOH 24  225 24  HOH TIP A . 
C 3 HOH 25  226 25  HOH TIP A . 
C 3 HOH 26  227 26  HOH TIP A . 
C 3 HOH 27  228 27  HOH TIP A . 
C 3 HOH 28  229 28  HOH TIP A . 
C 3 HOH 29  230 29  HOH TIP A . 
C 3 HOH 30  231 30  HOH TIP A . 
C 3 HOH 31  232 31  HOH TIP A . 
C 3 HOH 32  233 32  HOH TIP A . 
C 3 HOH 33  234 33  HOH TIP A . 
C 3 HOH 34  235 34  HOH TIP A . 
C 3 HOH 35  236 35  HOH TIP A . 
C 3 HOH 36  237 36  HOH TIP A . 
C 3 HOH 37  238 37  HOH TIP A . 
C 3 HOH 38  239 38  HOH TIP A . 
C 3 HOH 39  240 39  HOH TIP A . 
C 3 HOH 40  241 40  HOH TIP A . 
C 3 HOH 41  242 41  HOH TIP A . 
C 3 HOH 42  243 42  HOH TIP A . 
C 3 HOH 43  244 43  HOH TIP A . 
C 3 HOH 44  245 44  HOH TIP A . 
C 3 HOH 45  246 45  HOH TIP A . 
C 3 HOH 46  247 46  HOH TIP A . 
C 3 HOH 47  248 47  HOH TIP A . 
C 3 HOH 48  249 48  HOH TIP A . 
C 3 HOH 49  250 49  HOH TIP A . 
C 3 HOH 50  251 50  HOH TIP A . 
C 3 HOH 51  252 51  HOH TIP A . 
C 3 HOH 52  253 52  HOH TIP A . 
C 3 HOH 53  254 53  HOH TIP A . 
C 3 HOH 54  255 54  HOH TIP A . 
C 3 HOH 55  256 55  HOH TIP A . 
C 3 HOH 56  257 56  HOH TIP A . 
C 3 HOH 57  258 57  HOH TIP A . 
C 3 HOH 58  259 58  HOH TIP A . 
C 3 HOH 59  260 59  HOH TIP A . 
C 3 HOH 60  261 60  HOH TIP A . 
C 3 HOH 61  262 61  HOH TIP A . 
C 3 HOH 62  263 62  HOH TIP A . 
C 3 HOH 63  264 63  HOH TIP A . 
C 3 HOH 64  265 64  HOH TIP A . 
C 3 HOH 65  266 65  HOH TIP A . 
C 3 HOH 66  267 66  HOH TIP A . 
C 3 HOH 67  268 67  HOH TIP A . 
C 3 HOH 68  269 68  HOH TIP A . 
C 3 HOH 69  270 69  HOH TIP A . 
C 3 HOH 70  271 70  HOH TIP A . 
C 3 HOH 71  272 71  HOH TIP A . 
C 3 HOH 72  273 72  HOH TIP A . 
C 3 HOH 73  274 73  HOH TIP A . 
C 3 HOH 74  275 74  HOH TIP A . 
C 3 HOH 75  276 75  HOH TIP A . 
C 3 HOH 76  277 76  HOH TIP A . 
C 3 HOH 77  278 77  HOH TIP A . 
C 3 HOH 78  279 78  HOH TIP A . 
C 3 HOH 79  280 79  HOH TIP A . 
C 3 HOH 80  281 80  HOH TIP A . 
C 3 HOH 81  282 81  HOH TIP A . 
C 3 HOH 82  283 82  HOH TIP A . 
C 3 HOH 83  284 83  HOH TIP A . 
C 3 HOH 84  285 84  HOH TIP A . 
C 3 HOH 85  286 85  HOH TIP A . 
C 3 HOH 86  287 86  HOH TIP A . 
C 3 HOH 87  288 87  HOH TIP A . 
C 3 HOH 88  289 88  HOH TIP A . 
C 3 HOH 89  290 89  HOH TIP A . 
C 3 HOH 90  291 90  HOH TIP A . 
C 3 HOH 91  292 91  HOH TIP A . 
C 3 HOH 92  293 92  HOH TIP A . 
C 3 HOH 93  294 93  HOH TIP A . 
C 3 HOH 94  295 94  HOH TIP A . 
C 3 HOH 95  296 95  HOH TIP A . 
C 3 HOH 96  297 96  HOH TIP A . 
C 3 HOH 97  298 97  HOH TIP A . 
C 3 HOH 98  299 98  HOH TIP A . 
C 3 HOH 99  300 99  HOH TIP A . 
C 3 HOH 100 301 100 HOH TIP A . 
C 3 HOH 101 302 101 HOH TIP A . 
C 3 HOH 102 303 102 HOH TIP A . 
C 3 HOH 103 304 103 HOH TIP A . 
C 3 HOH 104 305 104 HOH TIP A . 
C 3 HOH 105 306 105 HOH TIP A . 
C 3 HOH 106 307 106 HOH TIP A . 
C 3 HOH 107 308 107 HOH TIP A . 
C 3 HOH 108 309 108 HOH TIP A . 
C 3 HOH 109 310 109 HOH TIP A . 
C 3 HOH 110 311 110 HOH TIP A . 
C 3 HOH 111 312 111 HOH TIP A . 
C 3 HOH 112 313 112 HOH TIP A . 
C 3 HOH 113 314 113 HOH TIP A . 
C 3 HOH 114 315 114 HOH TIP A . 
C 3 HOH 115 316 115 HOH TIP A . 
C 3 HOH 116 317 116 HOH TIP A . 
C 3 HOH 117 318 117 HOH TIP A . 
C 3 HOH 118 319 118 HOH TIP A . 
C 3 HOH 119 320 119 HOH TIP A . 
# 
loop_
_software.name 
_software.classification 
_software.version 
_software.citation_id 
_software.pdbx_ordinal 
DENZO     'data reduction' .   ? 1 
SCALEPACK 'data scaling'   .   ? 2 
CNS       refinement       1.0 ? 3 
CNS       phasing          1.0 ? 4 
# 
_cell.entry_id           1J4I 
_cell.length_a           41.20 
_cell.length_b           29.56 
_cell.length_c           41.47 
_cell.angle_alpha        90 
_cell.angle_beta         114.03 
_cell.angle_gamma        90 
_cell.Z_PDB              2 
_cell.pdbx_unique_axis   ? 
# 
_symmetry.entry_id                         1J4I 
_symmetry.space_group_name_H-M             'P 1 21 1' 
_symmetry.pdbx_full_space_group_name_H-M   ? 
_symmetry.cell_setting                     ? 
_symmetry.Int_Tables_number                4 
# 
_exptl.entry_id          1J4I 
_exptl.method            'X-RAY DIFFRACTION' 
_exptl.crystals_number   1 
# 
_exptl_crystal.id                    1 
_exptl_crystal.density_meas          ? 
_exptl_crystal.density_Matthews      1.95 
_exptl_crystal.density_percent_sol   36.84 
_exptl_crystal.description           ? 
# 
_exptl_crystal_grow.crystal_id      1 
_exptl_crystal_grow.method          EVAPORATION 
_exptl_crystal_grow.temp            291 
_exptl_crystal_grow.temp_details    ? 
_exptl_crystal_grow.pH              6.5 
_exptl_crystal_grow.pdbx_details    'PEG10000, HEPES, pH 6.5, EVAPORATION, temperature 291K' 
_exptl_crystal_grow.pdbx_pH_range   . 
# 
_diffrn.id                     1 
_diffrn.ambient_temp           110.0 
_diffrn.ambient_temp_details   ? 
_diffrn.crystal_id             1 
# 
_diffrn_detector.diffrn_id              1 
_diffrn_detector.detector               'IMAGE PLATE' 
_diffrn_detector.type                   'MAR scanner 345 mm plate' 
_diffrn_detector.pdbx_collection_date   2001-04-03 
_diffrn_detector.details                ? 
# 
_diffrn_radiation.diffrn_id                        1 
_diffrn_radiation.wavelength_id                    1 
_diffrn_radiation.pdbx_monochromatic_or_laue_m_l   M 
_diffrn_radiation.monochromator                    ? 
_diffrn_radiation.pdbx_diffrn_protocol             'SINGLE WAVELENGTH' 
_diffrn_radiation.pdbx_scattering_type             x-ray 
# 
_diffrn_radiation_wavelength.id           1 
_diffrn_radiation_wavelength.wavelength   1.5418 
_diffrn_radiation_wavelength.wt           1.0 
# 
_diffrn_source.diffrn_id                   1 
_diffrn_source.source                      'ROTATING ANODE' 
_diffrn_source.type                        'RIGAKU RU200' 
_diffrn_source.pdbx_synchrotron_site       ? 
_diffrn_source.pdbx_synchrotron_beamline   ? 
_diffrn_source.pdbx_wavelength             1.5418 
_diffrn_source.pdbx_wavelength_list        ? 
# 
_reflns.entry_id                     1J4I 
_reflns.observed_criterion_sigma_I   0 
_reflns.observed_criterion_sigma_F   0 
_reflns.d_resolution_low             30 
_reflns.d_resolution_high            1.8 
_reflns.number_obs                   83819 
_reflns.number_all                   83830 
_reflns.percent_possible_obs         99.9 
_reflns.pdbx_Rmerge_I_obs            0.073 
_reflns.pdbx_Rsym_value              ? 
_reflns.pdbx_netI_over_sigmaI        18.6 
_reflns.B_iso_Wilson_estimate        11.5 
_reflns.pdbx_redundancy              8.9 
_reflns.R_free_details               ? 
_reflns.limit_h_max                  ? 
_reflns.limit_h_min                  ? 
_reflns.limit_k_max                  ? 
_reflns.limit_k_min                  ? 
_reflns.limit_l_max                  ? 
_reflns.limit_l_min                  ? 
_reflns.observed_criterion_F_max     ? 
_reflns.observed_criterion_F_min     ? 
_reflns.pdbx_diffrn_id               1 
_reflns.pdbx_ordinal                 1 
# 
_reflns_shell.d_res_high             1.80 
_reflns_shell.d_res_low              1.86 
_reflns_shell.percent_possible_all   99.7 
_reflns_shell.Rmerge_I_obs           0.248 
_reflns_shell.pdbx_Rsym_value        ? 
_reflns_shell.meanI_over_sigI_obs    ? 
_reflns_shell.pdbx_redundancy        8.9 
_reflns_shell.percent_possible_obs   ? 
_reflns_shell.number_unique_all      ? 
_reflns_shell.pdbx_diffrn_id         ? 
_reflns_shell.pdbx_ordinal           1 
# 
_refine.entry_id                                 1J4I 
_refine.ls_number_reflns_obs                     8613 
_refine.ls_number_reflns_all                     8645 
_refine.pdbx_ls_sigma_I                          0 
_refine.pdbx_ls_sigma_F                          0 
_refine.pdbx_data_cutoff_high_absF               ? 
_refine.pdbx_data_cutoff_low_absF                ? 
_refine.pdbx_data_cutoff_high_rms_absF           ? 
_refine.ls_d_res_low                             30 
_refine.ls_d_res_high                            1.8 
_refine.ls_percent_reflns_obs                    99.6 
_refine.ls_R_factor_obs                          ? 
_refine.ls_R_factor_all                          ? 
_refine.ls_R_factor_R_work                       0.185 
_refine.ls_R_factor_R_free                       0.209 
_refine.ls_R_factor_R_free_error                 ? 
_refine.ls_R_factor_R_free_error_details         ? 
_refine.ls_percent_reflns_R_free                 10.37 
_refine.ls_number_reflns_R_free                  893 
_refine.ls_number_parameters                     ? 
_refine.ls_number_restraints                     ? 
_refine.occupancy_min                            ? 
_refine.occupancy_max                            ? 
_refine.B_iso_mean                               ? 
_refine.aniso_B[1][1]                            ? 
_refine.aniso_B[2][2]                            ? 
_refine.aniso_B[3][3]                            ? 
_refine.aniso_B[1][2]                            ? 
_refine.aniso_B[1][3]                            ? 
_refine.aniso_B[2][3]                            ? 
_refine.solvent_model_details                    ? 
_refine.solvent_model_param_ksol                 ? 
_refine.solvent_model_param_bsol                 ? 
_refine.pdbx_ls_cross_valid_method               ? 
_refine.details                                  ? 
_refine.pdbx_starting_model                      ? 
_refine.pdbx_method_to_determine_struct          ? 
_refine.pdbx_isotropic_thermal_model             ? 
_refine.pdbx_stereochemistry_target_values       'Engh & Huber' 
_refine.pdbx_stereochem_target_val_spec_case     ? 
_refine.pdbx_R_Free_selection_details            RANDOM 
_refine.pdbx_overall_ESU_R                       ? 
_refine.pdbx_overall_ESU_R_Free                  ? 
_refine.overall_SU_ML                            ? 
_refine.overall_SU_B                             ? 
_refine.ls_redundancy_reflns_obs                 ? 
_refine.B_iso_min                                ? 
_refine.B_iso_max                                ? 
_refine.correlation_coeff_Fo_to_Fc               ? 
_refine.overall_SU_R_Cruickshank_DPI             ? 
_refine.overall_SU_R_free                        ? 
_refine.correlation_coeff_Fo_to_Fc_free          ? 
_refine.pdbx_solvent_vdw_probe_radii             ? 
_refine.pdbx_solvent_ion_probe_radii             ? 
_refine.pdbx_solvent_shrinkage_radii             ? 
_refine.pdbx_refine_id                           'X-RAY DIFFRACTION' 
_refine.pdbx_diffrn_id                           1 
_refine.pdbx_TLS_residual_ADP_flag               ? 
_refine.pdbx_overall_phase_error                 ? 
_refine.pdbx_overall_SU_R_free_Cruickshank_DPI   ? 
_refine.pdbx_overall_SU_R_Blow_DPI               ? 
_refine.pdbx_overall_SU_R_free_Blow_DPI          ? 
# 
_refine_hist.pdbx_refine_id                   'X-RAY DIFFRACTION' 
_refine_hist.cycle_id                         LAST 
_refine_hist.pdbx_number_atoms_protein        831 
_refine_hist.pdbx_number_atoms_nucleic_acid   0 
_refine_hist.pdbx_number_atoms_ligand         27 
_refine_hist.number_atoms_solvent             119 
_refine_hist.number_atoms_total               977 
_refine_hist.d_res_high                       1.8 
_refine_hist.d_res_low                        30 
# 
loop_
_refine_ls_restr.type 
_refine_ls_restr.dev_ideal 
_refine_ls_restr.dev_ideal_target 
_refine_ls_restr.weight 
_refine_ls_restr.number 
_refine_ls_restr.pdbx_refine_id 
_refine_ls_restr.pdbx_restraint_function 
c_bond_d    0.018 ? ? ? 'X-RAY DIFFRACTION' ? 
c_angle_deg 2.10  ? ? ? 'X-RAY DIFFRACTION' ? 
# 
_struct.entry_id                  1J4I 
_struct.title                     'crystal structure analysis of the FKBP12 complexed with 000308 small molecule' 
_struct.pdbx_model_details        ? 
_struct.pdbx_CASP_flag            ? 
_struct.pdbx_model_type_details   ? 
# 
_struct_keywords.entry_id        1J4I 
_struct_keywords.pdbx_keywords   ISOMERASE 
_struct_keywords.text            'Isomerase, Rotamase' 
# 
loop_
_struct_asym.id 
_struct_asym.pdbx_blank_PDB_chainid_flag 
_struct_asym.pdbx_modified 
_struct_asym.entity_id 
_struct_asym.details 
A N N 1 ? 
B N N 2 ? 
C N N 3 ? 
# 
_struct_ref.id                         1 
_struct_ref.db_name                    UNP 
_struct_ref.db_code                    FKB1A_HUMAN 
_struct_ref.entity_id                  1 
_struct_ref.pdbx_seq_one_letter_code   
;GVQVETISPGDGRTFPKRGQTCVVHYTGMLEDGKKFDSSRDRNKPFKFMLGKQEVIRGWEEGVAQMSVGQRAKLTISPDY
AYGATGHPGIIPPHATLVFDVELLKLE
;
_struct_ref.pdbx_align_begin           1 
_struct_ref.pdbx_db_accession          P62942 
_struct_ref.pdbx_db_isoform            ? 
# 
_struct_ref_seq.align_id                      1 
_struct_ref_seq.ref_id                        1 
_struct_ref_seq.pdbx_PDB_id_code              1J4I 
_struct_ref_seq.pdbx_strand_id                A 
_struct_ref_seq.seq_align_beg                 1 
_struct_ref_seq.pdbx_seq_align_beg_ins_code   ? 
_struct_ref_seq.seq_align_end                 107 
_struct_ref_seq.pdbx_seq_align_end_ins_code   ? 
_struct_ref_seq.pdbx_db_accession             P62942 
_struct_ref_seq.db_align_beg                  1 
_struct_ref_seq.pdbx_db_align_beg_ins_code    ? 
_struct_ref_seq.db_align_end                  107 
_struct_ref_seq.pdbx_db_align_end_ins_code    ? 
_struct_ref_seq.pdbx_auth_seq_align_beg       1 
_struct_ref_seq.pdbx_auth_seq_align_end       107 
# 
_pdbx_struct_assembly.id                   1 
_pdbx_struct_assembly.details              author_defined_assembly 
_pdbx_struct_assembly.method_details       ? 
_pdbx_struct_assembly.oligomeric_details   monomeric 
_pdbx_struct_assembly.oligomeric_count     1 
# 
_pdbx_struct_assembly_gen.assembly_id       1 
_pdbx_struct_assembly_gen.oper_expression   1 
_pdbx_struct_assembly_gen.asym_id_list      A,B,C 
# 
_pdbx_struct_oper_list.id                   1 
_pdbx_struct_oper_list.type                 'identity operation' 
_pdbx_struct_oper_list.name                 1_555 
_pdbx_struct_oper_list.symmetry_operation   x,y,z 
_pdbx_struct_oper_list.matrix[1][1]         1.0000000000 
_pdbx_struct_oper_list.matrix[1][2]         0.0000000000 
_pdbx_struct_oper_list.matrix[1][3]         0.0000000000 
_pdbx_struct_oper_list.vector[1]            0.0000000000 
_pdbx_struct_oper_list.matrix[2][1]         0.0000000000 
_pdbx_struct_oper_list.matrix[2][2]         1.0000000000 
_pdbx_struct_oper_list.matrix[2][3]         0.0000000000 
_pdbx_struct_oper_list.vector[2]            0.0000000000 
_pdbx_struct_oper_list.matrix[3][1]         0.0000000000 
_pdbx_struct_oper_list.matrix[3][2]         0.0000000000 
_pdbx_struct_oper_list.matrix[3][3]         1.0000000000 
_pdbx_struct_oper_list.vector[3]            0.0000000000 
# 
_struct_biol.id                    1 
_struct_biol.pdbx_parent_biol_id   ? 
_struct_biol.details               ? 
# 
loop_
_struct_conf.conf_type_id 
_struct_conf.id 
_struct_conf.pdbx_PDB_helix_id 
_struct_conf.beg_label_comp_id 
_struct_conf.beg_label_asym_id 
_struct_conf.beg_label_seq_id 
_struct_conf.pdbx_beg_PDB_ins_code 
_struct_conf.end_label_comp_id 
_struct_conf.end_label_asym_id 
_struct_conf.end_label_seq_id 
_struct_conf.pdbx_end_PDB_ins_code 
_struct_conf.beg_auth_comp_id 
_struct_conf.beg_auth_asym_id 
_struct_conf.beg_auth_seq_id 
_struct_conf.end_auth_comp_id 
_struct_conf.end_auth_asym_id 
_struct_conf.end_auth_seq_id 
_struct_conf.pdbx_PDB_helix_class 
_struct_conf.details 
_struct_conf.pdbx_PDB_helix_length 
HELX_P HELX_P1 1 ARG A 40 ? ASN A 43 ? ARG A 40 ASN A 43 5 ? 4 
HELX_P HELX_P2 2 ILE A 56 ? VAL A 63 ? ILE A 56 VAL A 63 1 ? 8 
HELX_P HELX_P3 3 ALA A 64 ? MET A 66 ? ALA A 64 MET A 66 5 ? 3 
HELX_P HELX_P4 4 PRO A 78 ? ALA A 81 ? PRO A 78 ALA A 81 5 ? 4 
# 
_struct_conf_type.id          HELX_P 
_struct_conf_type.criteria    ? 
_struct_conf_type.reference   ? 
# 
loop_
_struct_sheet.id 
_struct_sheet.type 
_struct_sheet.number_strands 
_struct_sheet.details 
A ? 5 ? 
B ? 5 ? 
# 
loop_
_struct_sheet_order.sheet_id 
_struct_sheet_order.range_id_1 
_struct_sheet_order.range_id_2 
_struct_sheet_order.offset 
_struct_sheet_order.sense 
A 1 2 ? anti-parallel 
A 2 3 ? anti-parallel 
A 3 4 ? anti-parallel 
A 4 5 ? anti-parallel 
B 1 2 ? anti-parallel 
B 2 3 ? anti-parallel 
B 3 4 ? anti-parallel 
B 4 5 ? anti-parallel 
# 
loop_
_struct_sheet_range.sheet_id 
_struct_sheet_range.id 
_struct_sheet_range.beg_label_comp_id 
_struct_sheet_range.beg_label_asym_id 
_struct_sheet_range.beg_label_seq_id 
_struct_sheet_range.pdbx_beg_PDB_ins_code 
_struct_sheet_range.end_label_comp_id 
_struct_sheet_range.end_label_asym_id 
_struct_sheet_range.end_label_seq_id 
_struct_sheet_range.pdbx_end_PDB_ins_code 
_struct_sheet_range.beg_auth_comp_id 
_struct_sheet_range.beg_auth_asym_id 
_struct_sheet_range.beg_auth_seq_id 
_struct_sheet_range.end_auth_comp_id 
_struct_sheet_range.end_auth_asym_id 
_struct_sheet_range.end_auth_seq_id 
A 1 VAL A 2  ? SER A 8   ? VAL A 2  SER A 8   
A 2 ARG A 71 ? ILE A 76  ? ARG A 71 ILE A 76  
A 3 LEU A 97 ? GLU A 107 ? LEU A 97 GLU A 107 
A 4 THR A 21 ? MET A 29  ? THR A 21 MET A 29  
A 5 LYS A 35 ? SER A 38  ? LYS A 35 SER A 38  
B 1 VAL A 2  ? SER A 8   ? VAL A 2  SER A 8   
B 2 ARG A 71 ? ILE A 76  ? ARG A 71 ILE A 76  
B 3 LEU A 97 ? GLU A 107 ? LEU A 97 GLU A 107 
B 4 THR A 21 ? MET A 29  ? THR A 21 MET A 29  
B 5 PHE A 46 ? MET A 49  ? PHE A 46 MET A 49  
# 
loop_
_pdbx_struct_sheet_hbond.sheet_id 
_pdbx_struct_sheet_hbond.range_id_1 
_pdbx_struct_sheet_hbond.range_id_2 
_pdbx_struct_sheet_hbond.range_1_label_atom_id 
_pdbx_struct_sheet_hbond.range_1_label_comp_id 
_pdbx_struct_sheet_hbond.range_1_label_asym_id 
_pdbx_struct_sheet_hbond.range_1_label_seq_id 
_pdbx_struct_sheet_hbond.range_1_PDB_ins_code 
_pdbx_struct_sheet_hbond.range_1_auth_atom_id 
_pdbx_struct_sheet_hbond.range_1_auth_comp_id 
_pdbx_struct_sheet_hbond.range_1_auth_asym_id 
_pdbx_struct_sheet_hbond.range_1_auth_seq_id 
_pdbx_struct_sheet_hbond.range_2_label_atom_id 
_pdbx_struct_sheet_hbond.range_2_label_comp_id 
_pdbx_struct_sheet_hbond.range_2_label_asym_id 
_pdbx_struct_sheet_hbond.range_2_label_seq_id 
_pdbx_struct_sheet_hbond.range_2_PDB_ins_code 
_pdbx_struct_sheet_hbond.range_2_auth_atom_id 
_pdbx_struct_sheet_hbond.range_2_auth_comp_id 
_pdbx_struct_sheet_hbond.range_2_auth_asym_id 
_pdbx_struct_sheet_hbond.range_2_auth_seq_id 
A 1 2 N GLU A 5  ? N GLU A 5  O LYS A 73 ? O LYS A 73 
A 2 3 N ILE A 76 ? N ILE A 76 O LEU A 97 ? O LEU A 97 
A 3 4 O VAL A 98 ? O VAL A 98 N MET A 29 ? N MET A 29 
A 4 5 N GLY A 28 ? N GLY A 28 O PHE A 36 ? O PHE A 36 
B 1 2 N GLU A 5  ? N GLU A 5  O LYS A 73 ? O LYS A 73 
B 2 3 N ILE A 76 ? N ILE A 76 O LEU A 97 ? O LEU A 97 
B 3 4 O VAL A 98 ? O VAL A 98 N MET A 29 ? N MET A 29 
B 4 5 N CYS A 22 ? N CYS A 22 O PHE A 48 ? O PHE A 48 
# 
_struct_site.id                   AC1 
_struct_site.pdbx_evidence_code   Software 
_struct_site.pdbx_auth_asym_id    A 
_struct_site.pdbx_auth_comp_id    TST 
_struct_site.pdbx_auth_seq_id     201 
_struct_site.pdbx_auth_ins_code   ? 
_struct_site.pdbx_num_residues    11 
_struct_site.details              'BINDING SITE FOR RESIDUE TST A 201' 
# 
loop_
_struct_site_gen.id 
_struct_site_gen.site_id 
_struct_site_gen.pdbx_num_res 
_struct_site_gen.label_comp_id 
_struct_site_gen.label_asym_id 
_struct_site_gen.label_seq_id 
_struct_site_gen.pdbx_auth_ins_code 
_struct_site_gen.auth_comp_id 
_struct_site_gen.auth_asym_id 
_struct_site_gen.auth_seq_id 
_struct_site_gen.label_atom_id 
_struct_site_gen.label_alt_id 
_struct_site_gen.symmetry 
_struct_site_gen.details 
1  AC1 11 TYR A 26 ? TYR A 26  . ? 1_555 ? 
2  AC1 11 PHE A 36 ? PHE A 36  . ? 1_555 ? 
3  AC1 11 PHE A 46 ? PHE A 46  . ? 1_555 ? 
4  AC1 11 GLU A 54 ? GLU A 54  . ? 1_555 ? 
5  AC1 11 VAL A 55 ? VAL A 55  . ? 1_555 ? 
6  AC1 11 ILE A 56 ? ILE A 56  . ? 1_555 ? 
7  AC1 11 TRP A 59 ? TRP A 59  . ? 1_555 ? 
8  AC1 11 TYR A 82 ? TYR A 82  . ? 1_555 ? 
9  AC1 11 HIS A 87 ? HIS A 87  . ? 1_555 ? 
10 AC1 11 PHE A 99 ? PHE A 99  . ? 1_555 ? 
11 AC1 11 HOH C .  ? HOH A 292 . ? 1_555 ? 
# 
_pdbx_validate_rmsd_angle.id                         1 
_pdbx_validate_rmsd_angle.PDB_model_num              1 
_pdbx_validate_rmsd_angle.auth_atom_id_1             CB 
_pdbx_validate_rmsd_angle.auth_asym_id_1             A 
_pdbx_validate_rmsd_angle.auth_comp_id_1             ILE 
_pdbx_validate_rmsd_angle.auth_seq_id_1              90 
_pdbx_validate_rmsd_angle.PDB_ins_code_1             ? 
_pdbx_validate_rmsd_angle.label_alt_id_1             ? 
_pdbx_validate_rmsd_angle.auth_atom_id_2             CA 
_pdbx_validate_rmsd_angle.auth_asym_id_2             A 
_pdbx_validate_rmsd_angle.auth_comp_id_2             ILE 
_pdbx_validate_rmsd_angle.auth_seq_id_2              90 
_pdbx_validate_rmsd_angle.PDB_ins_code_2             ? 
_pdbx_validate_rmsd_angle.label_alt_id_2             ? 
_pdbx_validate_rmsd_angle.auth_atom_id_3             C 
_pdbx_validate_rmsd_angle.auth_asym_id_3             A 
_pdbx_validate_rmsd_angle.auth_comp_id_3             ILE 
_pdbx_validate_rmsd_angle.auth_seq_id_3              90 
_pdbx_validate_rmsd_angle.PDB_ins_code_3             ? 
_pdbx_validate_rmsd_angle.label_alt_id_3             ? 
_pdbx_validate_rmsd_angle.angle_value                98.90 
_pdbx_validate_rmsd_angle.angle_target_value         111.60 
_pdbx_validate_rmsd_angle.angle_deviation            -12.70 
_pdbx_validate_rmsd_angle.angle_standard_deviation   2.00 
_pdbx_validate_rmsd_angle.linker_flag                N 
# 
loop_
_pdbx_validate_torsion.id 
_pdbx_validate_torsion.PDB_model_num 
_pdbx_validate_torsion.auth_comp_id 
_pdbx_validate_torsion.auth_asym_id 
_pdbx_validate_torsion.auth_seq_id 
_pdbx_validate_torsion.PDB_ins_code 
_pdbx_validate_torsion.label_alt_id 
_pdbx_validate_torsion.phi 
_pdbx_validate_torsion.psi 
1 1 ARG A 13 ? ? -140.60 -27.40  
2 1 ALA A 81 ? ? -137.63 -113.03 
3 1 ILE A 90 ? ? -149.55 -38.75  
# 
loop_
_chem_comp_atom.comp_id 
_chem_comp_atom.atom_id 
_chem_comp_atom.type_symbol 
_chem_comp_atom.pdbx_aromatic_flag 
_chem_comp_atom.pdbx_stereo_config 
_chem_comp_atom.pdbx_ordinal 
ALA N    N N N 1   
ALA CA   C N S 2   
ALA C    C N N 3   
ALA O    O N N 4   
ALA CB   C N N 5   
ALA OXT  O N N 6   
ALA H    H N N 7   
ALA H2   H N N 8   
ALA HA   H N N 9   
ALA HB1  H N N 10  
ALA HB2  H N N 11  
ALA HB3  H N N 12  
ALA HXT  H N N 13  
ARG N    N N N 14  
ARG CA   C N S 15  
ARG C    C N N 16  
ARG O    O N N 17  
ARG CB   C N N 18  
ARG CG   C N N 19  
ARG CD   C N N 20  
ARG NE   N N N 21  
ARG CZ   C N N 22  
ARG NH1  N N N 23  
ARG NH2  N N N 24  
ARG OXT  O N N 25  
ARG H    H N N 26  
ARG H2   H N N 27  
ARG HA   H N N 28  
ARG HB2  H N N 29  
ARG HB3  H N N 30  
ARG HG2  H N N 31  
ARG HG3  H N N 32  
ARG HD2  H N N 33  
ARG HD3  H N N 34  
ARG HE   H N N 35  
ARG HH11 H N N 36  
ARG HH12 H N N 37  
ARG HH21 H N N 38  
ARG HH22 H N N 39  
ARG HXT  H N N 40  
ASN N    N N N 41  
ASN CA   C N S 42  
ASN C    C N N 43  
ASN O    O N N 44  
ASN CB   C N N 45  
ASN CG   C N N 46  
ASN OD1  O N N 47  
ASN ND2  N N N 48  
ASN OXT  O N N 49  
ASN H    H N N 50  
ASN H2   H N N 51  
ASN HA   H N N 52  
ASN HB2  H N N 53  
ASN HB3  H N N 54  
ASN HD21 H N N 55  
ASN HD22 H N N 56  
ASN HXT  H N N 57  
ASP N    N N N 58  
ASP CA   C N S 59  
ASP C    C N N 60  
ASP O    O N N 61  
ASP CB   C N N 62  
ASP CG   C N N 63  
ASP OD1  O N N 64  
ASP OD2  O N N 65  
ASP OXT  O N N 66  
ASP H    H N N 67  
ASP H2   H N N 68  
ASP HA   H N N 69  
ASP HB2  H N N 70  
ASP HB3  H N N 71  
ASP HD2  H N N 72  
ASP HXT  H N N 73  
CYS N    N N N 74  
CYS CA   C N R 75  
CYS C    C N N 76  
CYS O    O N N 77  
CYS CB   C N N 78  
CYS SG   S N N 79  
CYS OXT  O N N 80  
CYS H    H N N 81  
CYS H2   H N N 82  
CYS HA   H N N 83  
CYS HB2  H N N 84  
CYS HB3  H N N 85  
CYS HG   H N N 86  
CYS HXT  H N N 87  
GLN N    N N N 88  
GLN CA   C N S 89  
GLN C    C N N 90  
GLN O    O N N 91  
GLN CB   C N N 92  
GLN CG   C N N 93  
GLN CD   C N N 94  
GLN OE1  O N N 95  
GLN NE2  N N N 96  
GLN OXT  O N N 97  
GLN H    H N N 98  
GLN H2   H N N 99  
GLN HA   H N N 100 
GLN HB2  H N N 101 
GLN HB3  H N N 102 
GLN HG2  H N N 103 
GLN HG3  H N N 104 
GLN HE21 H N N 105 
GLN HE22 H N N 106 
GLN HXT  H N N 107 
GLU N    N N N 108 
GLU CA   C N S 109 
GLU C    C N N 110 
GLU O    O N N 111 
GLU CB   C N N 112 
GLU CG   C N N 113 
GLU CD   C N N 114 
GLU OE1  O N N 115 
GLU OE2  O N N 116 
GLU OXT  O N N 117 
GLU H    H N N 118 
GLU H2   H N N 119 
GLU HA   H N N 120 
GLU HB2  H N N 121 
GLU HB3  H N N 122 
GLU HG2  H N N 123 
GLU HG3  H N N 124 
GLU HE2  H N N 125 
GLU HXT  H N N 126 
GLY N    N N N 127 
GLY CA   C N N 128 
GLY C    C N N 129 
GLY O    O N N 130 
GLY OXT  O N N 131 
GLY H    H N N 132 
GLY H2   H N N 133 
GLY HA2  H N N 134 
GLY HA3  H N N 135 
GLY HXT  H N N 136 
HIS N    N N N 137 
HIS CA   C N S 138 
HIS C    C N N 139 
HIS O    O N N 140 
HIS CB   C N N 141 
HIS CG   C Y N 142 
HIS ND1  N Y N 143 
HIS CD2  C Y N 144 
HIS CE1  C Y N 145 
HIS NE2  N Y N 146 
HIS OXT  O N N 147 
HIS H    H N N 148 
HIS H2   H N N 149 
HIS HA   H N N 150 
HIS HB2  H N N 151 
HIS HB3  H N N 152 
HIS HD1  H N N 153 
HIS HD2  H N N 154 
HIS HE1  H N N 155 
HIS HE2  H N N 156 
HIS HXT  H N N 157 
HOH O    O N N 158 
HOH H1   H N N 159 
HOH H2   H N N 160 
ILE N    N N N 161 
ILE CA   C N S 162 
ILE C    C N N 163 
ILE O    O N N 164 
ILE CB   C N S 165 
ILE CG1  C N N 166 
ILE CG2  C N N 167 
ILE CD1  C N N 168 
ILE OXT  O N N 169 
ILE H    H N N 170 
ILE H2   H N N 171 
ILE HA   H N N 172 
ILE HB   H N N 173 
ILE HG12 H N N 174 
ILE HG13 H N N 175 
ILE HG21 H N N 176 
ILE HG22 H N N 177 
ILE HG23 H N N 178 
ILE HD11 H N N 179 
ILE HD12 H N N 180 
ILE HD13 H N N 181 
ILE HXT  H N N 182 
LEU N    N N N 183 
LEU CA   C N S 184 
LEU C    C N N 185 
LEU O    O N N 186 
LEU CB   C N N 187 
LEU CG   C N N 188 
LEU CD1  C N N 189 
LEU CD2  C N N 190 
LEU OXT  O N N 191 
LEU H    H N N 192 
LEU H2   H N N 193 
LEU HA   H N N 194 
LEU HB2  H N N 195 
LEU HB3  H N N 196 
LEU HG   H N N 197 
LEU HD11 H N N 198 
LEU HD12 H N N 199 
LEU HD13 H N N 200 
LEU HD21 H N N 201 
LEU HD22 H N N 202 
LEU HD23 H N N 203 
LEU HXT  H N N 204 
LYS N    N N N 205 
LYS CA   C N S 206 
LYS C    C N N 207 
LYS O    O N N 208 
LYS CB   C N N 209 
LYS CG   C N N 210 
LYS CD   C N N 211 
LYS CE   C N N 212 
LYS NZ   N N N 213 
LYS OXT  O N N 214 
LYS H    H N N 215 
LYS H2   H N N 216 
LYS HA   H N N 217 
LYS HB2  H N N 218 
LYS HB3  H N N 219 
LYS HG2  H N N 220 
LYS HG3  H N N 221 
LYS HD2  H N N 222 
LYS HD3  H N N 223 
LYS HE2  H N N 224 
LYS HE3  H N N 225 
LYS HZ1  H N N 226 
LYS HZ2  H N N 227 
LYS HZ3  H N N 228 
LYS HXT  H N N 229 
MET N    N N N 230 
MET CA   C N S 231 
MET C    C N N 232 
MET O    O N N 233 
MET CB   C N N 234 
MET CG   C N N 235 
MET SD   S N N 236 
MET CE   C N N 237 
MET OXT  O N N 238 
MET H    H N N 239 
MET H2   H N N 240 
MET HA   H N N 241 
MET HB2  H N N 242 
MET HB3  H N N 243 
MET HG2  H N N 244 
MET HG3  H N N 245 
MET HE1  H N N 246 
MET HE2  H N N 247 
MET HE3  H N N 248 
MET HXT  H N N 249 
PHE N    N N N 250 
PHE CA   C N S 251 
PHE C    C N N 252 
PHE O    O N N 253 
PHE CB   C N N 254 
PHE CG   C Y N 255 
PHE CD1  C Y N 256 
PHE CD2  C Y N 257 
PHE CE1  C Y N 258 
PHE CE2  C Y N 259 
PHE CZ   C Y N 260 
PHE OXT  O N N 261 
PHE H    H N N 262 
PHE H2   H N N 263 
PHE HA   H N N 264 
PHE HB2  H N N 265 
PHE HB3  H N N 266 
PHE HD1  H N N 267 
PHE HD2  H N N 268 
PHE HE1  H N N 269 
PHE HE2  H N N 270 
PHE HZ   H N N 271 
PHE HXT  H N N 272 
PRO N    N N N 273 
PRO CA   C N S 274 
PRO C    C N N 275 
PRO O    O N N 276 
PRO CB   C N N 277 
PRO CG   C N N 278 
PRO CD   C N N 279 
PRO OXT  O N N 280 
PRO H    H N N 281 
PRO HA   H N N 282 
PRO HB2  H N N 283 
PRO HB3  H N N 284 
PRO HG2  H N N 285 
PRO HG3  H N N 286 
PRO HD2  H N N 287 
PRO HD3  H N N 288 
PRO HXT  H N N 289 
SER N    N N N 290 
SER CA   C N S 291 
SER C    C N N 292 
SER O    O N N 293 
SER CB   C N N 294 
SER OG   O N N 295 
SER OXT  O N N 296 
SER H    H N N 297 
SER H2   H N N 298 
SER HA   H N N 299 
SER HB2  H N N 300 
SER HB3  H N N 301 
SER HG   H N N 302 
SER HXT  H N N 303 
THR N    N N N 304 
THR CA   C N S 305 
THR C    C N N 306 
THR O    O N N 307 
THR CB   C N R 308 
THR OG1  O N N 309 
THR CG2  C N N 310 
THR OXT  O N N 311 
THR H    H N N 312 
THR H2   H N N 313 
THR HA   H N N 314 
THR HB   H N N 315 
THR HG1  H N N 316 
THR HG21 H N N 317 
THR HG22 H N N 318 
THR HG23 H N N 319 
THR HXT  H N N 320 
TRP N    N N N 321 
TRP CA   C N S 322 
TRP C    C N N 323 
TRP O    O N N 324 
TRP CB   C N N 325 
TRP CG   C Y N 326 
TRP CD1  C Y N 327 
TRP CD2  C Y N 328 
TRP NE1  N Y N 329 
TRP CE2  C Y N 330 
TRP CE3  C Y N 331 
TRP CZ2  C Y N 332 
TRP CZ3  C Y N 333 
TRP CH2  C Y N 334 
TRP OXT  O N N 335 
TRP H    H N N 336 
TRP H2   H N N 337 
TRP HA   H N N 338 
TRP HB2  H N N 339 
TRP HB3  H N N 340 
TRP HD1  H N N 341 
TRP HE1  H N N 342 
TRP HE3  H N N 343 
TRP HZ2  H N N 344 
TRP HZ3  H N N 345 
TRP HH2  H N N 346 
TRP HXT  H N N 347 
TST S1   S N N 348 
TST C1   C N N 349 
TST C2   C N N 350 
TST N1   N N N 351 
TST C3   C N R 352 
TST C4   C N N 353 
TST C5   C N N 354 
TST N2   N N N 355 
TST O1   O N N 356 
TST C6   C N S 357 
TST C7   C N N 358 
TST C8   C N N 359 
TST O2   O N N 360 
TST O3   O N N 361 
TST C9   C N N 362 
TST C10  C N N 363 
TST S2   S N N 364 
TST C11  C Y N 365 
TST C12  C Y N 366 
TST C13  C Y N 367 
TST C14  C Y N 368 
TST C15  C Y N 369 
TST C16  C Y N 370 
TST C17  C N N 371 
TST O4   O N N 372 
TST O5   O N N 373 
TST C18  C N N 374 
TST H11  H N N 375 
TST H12A H N N 376 
TST H21  H N N 377 
TST H22  H N N 378 
TST H3   H N N 379 
TST H41  H N N 380 
TST H42  H N N 381 
TST HN2  H N N 382 
TST H6   H N N 383 
TST H71  H N N 384 
TST H72  H N N 385 
TST HO2  H N N 386 
TST H9   H N N 387 
TST H101 H N N 388 
TST H102 H N N 389 
TST H103 H N N 390 
TST H12  H N N 391 
TST H13  H N N 392 
TST H15  H N N 393 
TST H16  H N N 394 
TST H171 H N N 395 
TST H172 H N N 396 
TST H173 H N N 397 
TST H181 H N N 398 
TST H182 H N N 399 
TST H183 H N N 400 
TYR N    N N N 401 
TYR CA   C N S 402 
TYR C    C N N 403 
TYR O    O N N 404 
TYR CB   C N N 405 
TYR CG   C Y N 406 
TYR CD1  C Y N 407 
TYR CD2  C Y N 408 
TYR CE1  C Y N 409 
TYR CE2  C Y N 410 
TYR CZ   C Y N 411 
TYR OH   O N N 412 
TYR OXT  O N N 413 
TYR H    H N N 414 
TYR H2   H N N 415 
TYR HA   H N N 416 
TYR HB2  H N N 417 
TYR HB3  H N N 418 
TYR HD1  H N N 419 
TYR HD2  H N N 420 
TYR HE1  H N N 421 
TYR HE2  H N N 422 
TYR HH   H N N 423 
TYR HXT  H N N 424 
VAL N    N N N 425 
VAL CA   C N S 426 
VAL C    C N N 427 
VAL O    O N N 428 
VAL CB   C N N 429 
VAL CG1  C N N 430 
VAL CG2  C N N 431 
VAL OXT  O N N 432 
VAL H    H N N 433 
VAL H2   H N N 434 
VAL HA   H N N 435 
VAL HB   H N N 436 
VAL HG11 H N N 437 
VAL HG12 H N N 438 
VAL HG13 H N N 439 
VAL HG21 H N N 440 
VAL HG22 H N N 441 
VAL HG23 H N N 442 
VAL HXT  H N N 443 
# 
loop_
_chem_comp_bond.comp_id 
_chem_comp_bond.atom_id_1 
_chem_comp_bond.atom_id_2 
_chem_comp_bond.value_order 
_chem_comp_bond.pdbx_aromatic_flag 
_chem_comp_bond.pdbx_stereo_config 
_chem_comp_bond.pdbx_ordinal 
ALA N   CA   sing N N 1   
ALA N   H    sing N N 2   
ALA N   H2   sing N N 3   
ALA CA  C    sing N N 4   
ALA CA  CB   sing N N 5   
ALA CA  HA   sing N N 6   
ALA C   O    doub N N 7   
ALA C   OXT  sing N N 8   
ALA CB  HB1  sing N N 9   
ALA CB  HB2  sing N N 10  
ALA CB  HB3  sing N N 11  
ALA OXT HXT  sing N N 12  
ARG N   CA   sing N N 13  
ARG N   H    sing N N 14  
ARG N   H2   sing N N 15  
ARG CA  C    sing N N 16  
ARG CA  CB   sing N N 17  
ARG CA  HA   sing N N 18  
ARG C   O    doub N N 19  
ARG C   OXT  sing N N 20  
ARG CB  CG   sing N N 21  
ARG CB  HB2  sing N N 22  
ARG CB  HB3  sing N N 23  
ARG CG  CD   sing N N 24  
ARG CG  HG2  sing N N 25  
ARG CG  HG3  sing N N 26  
ARG CD  NE   sing N N 27  
ARG CD  HD2  sing N N 28  
ARG CD  HD3  sing N N 29  
ARG NE  CZ   sing N N 30  
ARG NE  HE   sing N N 31  
ARG CZ  NH1  sing N N 32  
ARG CZ  NH2  doub N N 33  
ARG NH1 HH11 sing N N 34  
ARG NH1 HH12 sing N N 35  
ARG NH2 HH21 sing N N 36  
ARG NH2 HH22 sing N N 37  
ARG OXT HXT  sing N N 38  
ASN N   CA   sing N N 39  
ASN N   H    sing N N 40  
ASN N   H2   sing N N 41  
ASN CA  C    sing N N 42  
ASN CA  CB   sing N N 43  
ASN CA  HA   sing N N 44  
ASN C   O    doub N N 45  
ASN C   OXT  sing N N 46  
ASN CB  CG   sing N N 47  
ASN CB  HB2  sing N N 48  
ASN CB  HB3  sing N N 49  
ASN CG  OD1  doub N N 50  
ASN CG  ND2  sing N N 51  
ASN ND2 HD21 sing N N 52  
ASN ND2 HD22 sing N N 53  
ASN OXT HXT  sing N N 54  
ASP N   CA   sing N N 55  
ASP N   H    sing N N 56  
ASP N   H2   sing N N 57  
ASP CA  C    sing N N 58  
ASP CA  CB   sing N N 59  
ASP CA  HA   sing N N 60  
ASP C   O    doub N N 61  
ASP C   OXT  sing N N 62  
ASP CB  CG   sing N N 63  
ASP CB  HB2  sing N N 64  
ASP CB  HB3  sing N N 65  
ASP CG  OD1  doub N N 66  
ASP CG  OD2  sing N N 67  
ASP OD2 HD2  sing N N 68  
ASP OXT HXT  sing N N 69  
CYS N   CA   sing N N 70  
CYS N   H    sing N N 71  
CYS N   H2   sing N N 72  
CYS CA  C    sing N N 73  
CYS CA  CB   sing N N 74  
CYS CA  HA   sing N N 75  
CYS C   O    doub N N 76  
CYS C   OXT  sing N N 77  
CYS CB  SG   sing N N 78  
CYS CB  HB2  sing N N 79  
CYS CB  HB3  sing N N 80  
CYS SG  HG   sing N N 81  
CYS OXT HXT  sing N N 82  
GLN N   CA   sing N N 83  
GLN N   H    sing N N 84  
GLN N   H2   sing N N 85  
GLN CA  C    sing N N 86  
GLN CA  CB   sing N N 87  
GLN CA  HA   sing N N 88  
GLN C   O    doub N N 89  
GLN C   OXT  sing N N 90  
GLN CB  CG   sing N N 91  
GLN CB  HB2  sing N N 92  
GLN CB  HB3  sing N N 93  
GLN CG  CD   sing N N 94  
GLN CG  HG2  sing N N 95  
GLN CG  HG3  sing N N 96  
GLN CD  OE1  doub N N 97  
GLN CD  NE2  sing N N 98  
GLN NE2 HE21 sing N N 99  
GLN NE2 HE22 sing N N 100 
GLN OXT HXT  sing N N 101 
GLU N   CA   sing N N 102 
GLU N   H    sing N N 103 
GLU N   H2   sing N N 104 
GLU CA  C    sing N N 105 
GLU CA  CB   sing N N 106 
GLU CA  HA   sing N N 107 
GLU C   O    doub N N 108 
GLU C   OXT  sing N N 109 
GLU CB  CG   sing N N 110 
GLU CB  HB2  sing N N 111 
GLU CB  HB3  sing N N 112 
GLU CG  CD   sing N N 113 
GLU CG  HG2  sing N N 114 
GLU CG  HG3  sing N N 115 
GLU CD  OE1  doub N N 116 
GLU CD  OE2  sing N N 117 
GLU OE2 HE2  sing N N 118 
GLU OXT HXT  sing N N 119 
GLY N   CA   sing N N 120 
GLY N   H    sing N N 121 
GLY N   H2   sing N N 122 
GLY CA  C    sing N N 123 
GLY CA  HA2  sing N N 124 
GLY CA  HA3  sing N N 125 
GLY C   O    doub N N 126 
GLY C   OXT  sing N N 127 
GLY OXT HXT  sing N N 128 
HIS N   CA   sing N N 129 
HIS N   H    sing N N 130 
HIS N   H2   sing N N 131 
HIS CA  C    sing N N 132 
HIS CA  CB   sing N N 133 
HIS CA  HA   sing N N 134 
HIS C   O    doub N N 135 
HIS C   OXT  sing N N 136 
HIS CB  CG   sing N N 137 
HIS CB  HB2  sing N N 138 
HIS CB  HB3  sing N N 139 
HIS CG  ND1  sing Y N 140 
HIS CG  CD2  doub Y N 141 
HIS ND1 CE1  doub Y N 142 
HIS ND1 HD1  sing N N 143 
HIS CD2 NE2  sing Y N 144 
HIS CD2 HD2  sing N N 145 
HIS CE1 NE2  sing Y N 146 
HIS CE1 HE1  sing N N 147 
HIS NE2 HE2  sing N N 148 
HIS OXT HXT  sing N N 149 
HOH O   H1   sing N N 150 
HOH O   H2   sing N N 151 
ILE N   CA   sing N N 152 
ILE N   H    sing N N 153 
ILE N   H2   sing N N 154 
ILE CA  C    sing N N 155 
ILE CA  CB   sing N N 156 
ILE CA  HA   sing N N 157 
ILE C   O    doub N N 158 
ILE C   OXT  sing N N 159 
ILE CB  CG1  sing N N 160 
ILE CB  CG2  sing N N 161 
ILE CB  HB   sing N N 162 
ILE CG1 CD1  sing N N 163 
ILE CG1 HG12 sing N N 164 
ILE CG1 HG13 sing N N 165 
ILE CG2 HG21 sing N N 166 
ILE CG2 HG22 sing N N 167 
ILE CG2 HG23 sing N N 168 
ILE CD1 HD11 sing N N 169 
ILE CD1 HD12 sing N N 170 
ILE CD1 HD13 sing N N 171 
ILE OXT HXT  sing N N 172 
LEU N   CA   sing N N 173 
LEU N   H    sing N N 174 
LEU N   H2   sing N N 175 
LEU CA  C    sing N N 176 
LEU CA  CB   sing N N 177 
LEU CA  HA   sing N N 178 
LEU C   O    doub N N 179 
LEU C   OXT  sing N N 180 
LEU CB  CG   sing N N 181 
LEU CB  HB2  sing N N 182 
LEU CB  HB3  sing N N 183 
LEU CG  CD1  sing N N 184 
LEU CG  CD2  sing N N 185 
LEU CG  HG   sing N N 186 
LEU CD1 HD11 sing N N 187 
LEU CD1 HD12 sing N N 188 
LEU CD1 HD13 sing N N 189 
LEU CD2 HD21 sing N N 190 
LEU CD2 HD22 sing N N 191 
LEU CD2 HD23 sing N N 192 
LEU OXT HXT  sing N N 193 
LYS N   CA   sing N N 194 
LYS N   H    sing N N 195 
LYS N   H2   sing N N 196 
LYS CA  C    sing N N 197 
LYS CA  CB   sing N N 198 
LYS CA  HA   sing N N 199 
LYS C   O    doub N N 200 
LYS C   OXT  sing N N 201 
LYS CB  CG   sing N N 202 
LYS CB  HB2  sing N N 203 
LYS CB  HB3  sing N N 204 
LYS CG  CD   sing N N 205 
LYS CG  HG2  sing N N 206 
LYS CG  HG3  sing N N 207 
LYS CD  CE   sing N N 208 
LYS CD  HD2  sing N N 209 
LYS CD  HD3  sing N N 210 
LYS CE  NZ   sing N N 211 
LYS CE  HE2  sing N N 212 
LYS CE  HE3  sing N N 213 
LYS NZ  HZ1  sing N N 214 
LYS NZ  HZ2  sing N N 215 
LYS NZ  HZ3  sing N N 216 
LYS OXT HXT  sing N N 217 
MET N   CA   sing N N 218 
MET N   H    sing N N 219 
MET N   H2   sing N N 220 
MET CA  C    sing N N 221 
MET CA  CB   sing N N 222 
MET CA  HA   sing N N 223 
MET C   O    doub N N 224 
MET C   OXT  sing N N 225 
MET CB  CG   sing N N 226 
MET CB  HB2  sing N N 227 
MET CB  HB3  sing N N 228 
MET CG  SD   sing N N 229 
MET CG  HG2  sing N N 230 
MET CG  HG3  sing N N 231 
MET SD  CE   sing N N 232 
MET CE  HE1  sing N N 233 
MET CE  HE2  sing N N 234 
MET CE  HE3  sing N N 235 
MET OXT HXT  sing N N 236 
PHE N   CA   sing N N 237 
PHE N   H    sing N N 238 
PHE N   H2   sing N N 239 
PHE CA  C    sing N N 240 
PHE CA  CB   sing N N 241 
PHE CA  HA   sing N N 242 
PHE C   O    doub N N 243 
PHE C   OXT  sing N N 244 
PHE CB  CG   sing N N 245 
PHE CB  HB2  sing N N 246 
PHE CB  HB3  sing N N 247 
PHE CG  CD1  doub Y N 248 
PHE CG  CD2  sing Y N 249 
PHE CD1 CE1  sing Y N 250 
PHE CD1 HD1  sing N N 251 
PHE CD2 CE2  doub Y N 252 
PHE CD2 HD2  sing N N 253 
PHE CE1 CZ   doub Y N 254 
PHE CE1 HE1  sing N N 255 
PHE CE2 CZ   sing Y N 256 
PHE CE2 HE2  sing N N 257 
PHE CZ  HZ   sing N N 258 
PHE OXT HXT  sing N N 259 
PRO N   CA   sing N N 260 
PRO N   CD   sing N N 261 
PRO N   H    sing N N 262 
PRO CA  C    sing N N 263 
PRO CA  CB   sing N N 264 
PRO CA  HA   sing N N 265 
PRO C   O    doub N N 266 
PRO C   OXT  sing N N 267 
PRO CB  CG   sing N N 268 
PRO CB  HB2  sing N N 269 
PRO CB  HB3  sing N N 270 
PRO CG  CD   sing N N 271 
PRO CG  HG2  sing N N 272 
PRO CG  HG3  sing N N 273 
PRO CD  HD2  sing N N 274 
PRO CD  HD3  sing N N 275 
PRO OXT HXT  sing N N 276 
SER N   CA   sing N N 277 
SER N   H    sing N N 278 
SER N   H2   sing N N 279 
SER CA  C    sing N N 280 
SER CA  CB   sing N N 281 
SER CA  HA   sing N N 282 
SER C   O    doub N N 283 
SER C   OXT  sing N N 284 
SER CB  OG   sing N N 285 
SER CB  HB2  sing N N 286 
SER CB  HB3  sing N N 287 
SER OG  HG   sing N N 288 
SER OXT HXT  sing N N 289 
THR N   CA   sing N N 290 
THR N   H    sing N N 291 
THR N   H2   sing N N 292 
THR CA  C    sing N N 293 
THR CA  CB   sing N N 294 
THR CA  HA   sing N N 295 
THR C   O    doub N N 296 
THR C   OXT  sing N N 297 
THR CB  OG1  sing N N 298 
THR CB  CG2  sing N N 299 
THR CB  HB   sing N N 300 
THR OG1 HG1  sing N N 301 
THR CG2 HG21 sing N N 302 
THR CG2 HG22 sing N N 303 
THR CG2 HG23 sing N N 304 
THR OXT HXT  sing N N 305 
TRP N   CA   sing N N 306 
TRP N   H    sing N N 307 
TRP N   H2   sing N N 308 
TRP CA  C    sing N N 309 
TRP CA  CB   sing N N 310 
TRP CA  HA   sing N N 311 
TRP C   O    doub N N 312 
TRP C   OXT  sing N N 313 
TRP CB  CG   sing N N 314 
TRP CB  HB2  sing N N 315 
TRP CB  HB3  sing N N 316 
TRP CG  CD1  doub Y N 317 
TRP CG  CD2  sing Y N 318 
TRP CD1 NE1  sing Y N 319 
TRP CD1 HD1  sing N N 320 
TRP CD2 CE2  doub Y N 321 
TRP CD2 CE3  sing Y N 322 
TRP NE1 CE2  sing Y N 323 
TRP NE1 HE1  sing N N 324 
TRP CE2 CZ2  sing Y N 325 
TRP CE3 CZ3  doub Y N 326 
TRP CE3 HE3  sing N N 327 
TRP CZ2 CH2  doub Y N 328 
TRP CZ2 HZ2  sing N N 329 
TRP CZ3 CH2  sing Y N 330 
TRP CZ3 HZ3  sing N N 331 
TRP CH2 HH2  sing N N 332 
TRP OXT HXT  sing N N 333 
TST S1  C1   sing N N 334 
TST S1  C4   sing N N 335 
TST C1  C2   sing N N 336 
TST C1  H11  sing N N 337 
TST C1  H12A sing N N 338 
TST C2  N1   sing N N 339 
TST C2  H21  sing N N 340 
TST C2  H22  sing N N 341 
TST N1  C3   sing N N 342 
TST N1  S2   sing N N 343 
TST C3  C4   sing N N 344 
TST C3  C5   sing N N 345 
TST C3  H3   sing N N 346 
TST C4  H41  sing N N 347 
TST C4  H42  sing N N 348 
TST C5  N2   sing N N 349 
TST C5  O1   doub N N 350 
TST N2  C6   sing N N 351 
TST N2  HN2  sing N N 352 
TST C6  C7   sing N N 353 
TST C6  C8   sing N N 354 
TST C6  H6   sing N N 355 
TST C7  C9   sing N N 356 
TST C7  H71  sing N N 357 
TST C7  H72  sing N N 358 
TST C8  O2   sing N N 359 
TST C8  O3   doub N N 360 
TST O2  HO2  sing N N 361 
TST C9  C10  sing N N 362 
TST C9  C18  sing N N 363 
TST C9  H9   sing N N 364 
TST C10 H101 sing N N 365 
TST C10 H102 sing N N 366 
TST C10 H103 sing N N 367 
TST S2  C11  sing N N 368 
TST S2  O4   doub N N 369 
TST S2  O5   doub N N 370 
TST C11 C12  doub Y N 371 
TST C11 C16  sing Y N 372 
TST C12 C13  sing Y N 373 
TST C12 H12  sing N N 374 
TST C13 C14  doub Y N 375 
TST C13 H13  sing N N 376 
TST C14 C15  sing Y N 377 
TST C14 C17  sing N N 378 
TST C15 C16  doub Y N 379 
TST C15 H15  sing N N 380 
TST C16 H16  sing N N 381 
TST C17 H171 sing N N 382 
TST C17 H172 sing N N 383 
TST C17 H173 sing N N 384 
TST C18 H181 sing N N 385 
TST C18 H182 sing N N 386 
TST C18 H183 sing N N 387 
TYR N   CA   sing N N 388 
TYR N   H    sing N N 389 
TYR N   H2   sing N N 390 
TYR CA  C    sing N N 391 
TYR CA  CB   sing N N 392 
TYR CA  HA   sing N N 393 
TYR C   O    doub N N 394 
TYR C   OXT  sing N N 395 
TYR CB  CG   sing N N 396 
TYR CB  HB2  sing N N 397 
TYR CB  HB3  sing N N 398 
TYR CG  CD1  doub Y N 399 
TYR CG  CD2  sing Y N 400 
TYR CD1 CE1  sing Y N 401 
TYR CD1 HD1  sing N N 402 
TYR CD2 CE2  doub Y N 403 
TYR CD2 HD2  sing N N 404 
TYR CE1 CZ   doub Y N 405 
TYR CE1 HE1  sing N N 406 
TYR CE2 CZ   sing Y N 407 
TYR CE2 HE2  sing N N 408 
TYR CZ  OH   sing N N 409 
TYR OH  HH   sing N N 410 
TYR OXT HXT  sing N N 411 
VAL N   CA   sing N N 412 
VAL N   H    sing N N 413 
VAL N   H2   sing N N 414 
VAL CA  C    sing N N 415 
VAL CA  CB   sing N N 416 
VAL CA  HA   sing N N 417 
VAL C   O    doub N N 418 
VAL C   OXT  sing N N 419 
VAL CB  CG1  sing N N 420 
VAL CB  CG2  sing N N 421 
VAL CB  HB   sing N N 422 
VAL CG1 HG11 sing N N 423 
VAL CG1 HG12 sing N N 424 
VAL CG1 HG13 sing N N 425 
VAL CG2 HG21 sing N N 426 
VAL CG2 HG22 sing N N 427 
VAL CG2 HG23 sing N N 428 
VAL OXT HXT  sing N N 429 
# 
_atom_sites.entry_id                    1J4I 
_atom_sites.fract_transf_matrix[1][1]   0.00757535 
_atom_sites.fract_transf_matrix[1][2]   -0.01757582 
_atom_sites.fract_transf_matrix[1][3]   -0.01843774 
_atom_sites.fract_transf_matrix[2][1]   -0.02461126 
_atom_sites.fract_transf_matrix[2][2]   0.01089234 
_atom_sites.fract_transf_matrix[2][3]   -0.02049497 
_atom_sites.fract_transf_matrix[3][1]   0.01811332 
_atom_sites.fract_transf_matrix[3][2]   0.00922514 
_atom_sites.fract_transf_matrix[3][3]   -0.01684844 
_atom_sites.fract_transf_vector[1]      0.255252 
_atom_sites.fract_transf_vector[2]      -1.248831 
_atom_sites.fract_transf_vector[3]      -1.260183 
# 
loop_
_atom_type.symbol 
C 
N 
O 
S 
# 
loop_
_atom_site.group_PDB 
_atom_site.id 
_atom_site.type_symbol 
_atom_site.label_atom_id 
_atom_site.label_alt_id 
_atom_site.label_comp_id 
_atom_site.label_asym_id 
_atom_site.label_entity_id 
_atom_site.label_seq_id 
_atom_site.pdbx_PDB_ins_code 
_atom_site.Cartn_x 
_atom_site.Cartn_y 
_atom_site.Cartn_z 
_atom_site.occupancy 
_atom_site.B_iso_or_equiv 
_atom_site.pdbx_formal_charge 
_atom_site.auth_seq_id 
_atom_site.auth_comp_id 
_atom_site.auth_asym_id 
_atom_site.auth_atom_id 
_atom_site.pdbx_PDB_model_num 
ATOM   1   N N   . GLY A 1 1   ? 7.630   6.005   9.746   1.00 15.38 ? 1   GLY A N   1 
ATOM   2   C CA  . GLY A 1 1   ? 7.507   4.571   9.312   1.00 14.32 ? 1   GLY A CA  1 
ATOM   3   C C   . GLY A 1 1   ? 6.137   4.282   8.716   1.00 13.93 ? 1   GLY A C   1 
ATOM   4   O O   . GLY A 1 1   ? 5.542   5.149   8.064   1.00 15.52 ? 1   GLY A O   1 
ATOM   5   N N   . VAL A 1 2   ? 5.658   3.069   8.917   1.00 14.13 ? 2   VAL A N   1 
ATOM   6   C CA  . VAL A 1 2   ? 4.340   2.659   8.431   1.00 14.40 ? 2   VAL A CA  1 
ATOM   7   C C   . VAL A 1 2   ? 3.650   1.895   9.514   1.00 16.51 ? 2   VAL A C   1 
ATOM   8   O O   . VAL A 1 2   ? 4.271   1.038   10.172  1.00 17.15 ? 2   VAL A O   1 
ATOM   9   C CB  . VAL A 1 2   ? 4.348   1.739   7.163   1.00 14.20 ? 2   VAL A CB  1 
ATOM   10  C CG1 . VAL A 1 2   ? 5.321   0.508   7.305   1.00 14.01 ? 2   VAL A CG1 1 
ATOM   11  C CG2 . VAL A 1 2   ? 2.907   1.242   6.916   1.00 11.90 ? 2   VAL A CG2 1 
ATOM   12  N N   . GLN A 1 3   ? 2.399   2.296   9.742   1.00 15.23 ? 3   GLN A N   1 
ATOM   13  C CA  . GLN A 1 3   ? 1.506   1.646   10.715  1.00 17.00 ? 3   GLN A CA  1 
ATOM   14  C C   . GLN A 1 3   ? 0.397   0.958   9.958   1.00 14.34 ? 3   GLN A C   1 
ATOM   15  O O   . GLN A 1 3   ? -0.158  1.513   8.999   1.00 15.47 ? 3   GLN A O   1 
ATOM   16  C CB  . GLN A 1 3   ? 0.858   2.658   11.663  1.00 17.38 ? 3   GLN A CB  1 
ATOM   17  C CG  . GLN A 1 3   ? 1.851   3.556   12.349  1.00 20.37 ? 3   GLN A CG  1 
ATOM   18  C CD  . GLN A 1 3   ? 2.925   2.751   13.071  1.00 21.96 ? 3   GLN A CD  1 
ATOM   19  O OE1 . GLN A 1 3   ? 2.605   1.866   13.888  1.00 24.36 ? 3   GLN A OE1 1 
ATOM   20  N NE2 . GLN A 1 3   ? 4.204   3.054   12.790  1.00 22.88 ? 3   GLN A NE2 1 
ATOM   21  N N   . VAL A 1 4   ? 0.051   -0.232  10.431  1.00 14.75 ? 4   VAL A N   1 
ATOM   22  C CA  . VAL A 1 4   ? -0.989  -1.016  9.806   1.00 13.96 ? 4   VAL A CA  1 
ATOM   23  C C   . VAL A 1 4   ? -2.185  -1.249  10.741  1.00 14.68 ? 4   VAL A C   1 
ATOM   24  O O   . VAL A 1 4   ? -2.010  -1.616  11.901  1.00 13.62 ? 4   VAL A O   1 
ATOM   25  C CB  . VAL A 1 4   ? -0.408  -2.409  9.397   1.00 15.51 ? 4   VAL A CB  1 
ATOM   26  C CG1 . VAL A 1 4   ? -1.440  -3.273  8.720   1.00 15.88 ? 4   VAL A CG1 1 
ATOM   27  C CG2 . VAL A 1 4   ? 0.777   -2.240  8.433   1.00 18.64 ? 4   VAL A CG2 1 
ATOM   28  N N   . GLU A 1 5   ? -3.403  -1.067  10.249  1.00 14.68 ? 5   GLU A N   1 
ATOM   29  C CA  . GLU A 1 5   ? -4.571  -1.380  11.073  1.00 15.09 ? 5   GLU A CA  1 
ATOM   30  C C   . GLU A 1 5   ? -5.519  -2.131  10.171  1.00 16.01 ? 5   GLU A C   1 
ATOM   31  O O   . GLU A 1 5   ? -5.882  -1.611  9.111   1.00 16.49 ? 5   GLU A O   1 
ATOM   32  C CB  . GLU A 1 5   ? -5.251  -0.106  11.613  1.00 15.75 ? 5   GLU A CB  1 
ATOM   33  C CG  . GLU A 1 5   ? -6.402  -0.488  12.587  1.00 18.29 ? 5   GLU A CG  1 
ATOM   34  C CD  . GLU A 1 5   ? -7.211  0.700   13.085  1.00 20.40 ? 5   GLU A CD  1 
ATOM   35  O OE1 . GLU A 1 5   ? -6.644  1.592   13.786  1.00 19.23 ? 5   GLU A OE1 1 
ATOM   36  O OE2 . GLU A 1 5   ? -8.436  0.723   12.779  1.00 20.71 ? 5   GLU A OE2 1 
ATOM   37  N N   . THR A 1 6   ? -5.973  -3.311  10.606  1.00 14.77 ? 6   THR A N   1 
ATOM   38  C CA  . THR A 1 6   ? -6.832  -4.142  9.772   1.00 13.87 ? 6   THR A CA  1 
ATOM   39  C C   . THR A 1 6   ? -8.254  -3.640  9.653   1.00 14.80 ? 6   THR A C   1 
ATOM   40  O O   . THR A 1 6   ? -8.887  -3.249  10.637  1.00 13.79 ? 6   THR A O   1 
ATOM   41  C CB  . THR A 1 6   ? -6.869  -5.592  10.308  1.00 14.04 ? 6   THR A CB  1 
ATOM   42  O OG1 . THR A 1 6   ? -5.533  -6.080  10.357  1.00 15.33 ? 6   THR A OG1 1 
ATOM   43  C CG2 . THR A 1 6   ? -7.685  -6.498  9.385   1.00 13.96 ? 6   THR A CG2 1 
ATOM   44  N N   . ILE A 1 7   ? -8.744  -3.651  8.433   1.00 13.76 ? 7   ILE A N   1 
ATOM   45  C CA  . ILE A 1 7   ? -10.124 -3.246  8.164   1.00 14.49 ? 7   ILE A CA  1 
ATOM   46  C C   . ILE A 1 7   ? -10.933 -4.560  8.134   1.00 16.32 ? 7   ILE A C   1 
ATOM   47  O O   . ILE A 1 7   ? -11.973 -4.670  8.811   1.00 16.25 ? 7   ILE A O   1 
ATOM   48  C CB  . ILE A 1 7   ? -10.229 -2.502  6.800   1.00 16.52 ? 7   ILE A CB  1 
ATOM   49  C CG1 . ILE A 1 7   ? -9.520  -1.155  6.867   1.00 16.87 ? 7   ILE A CG1 1 
ATOM   50  C CG2 . ILE A 1 7   ? -11.682 -2.305  6.414   1.00 18.00 ? 7   ILE A CG2 1 
ATOM   51  C CD1 . ILE A 1 7   ? -9.398  -0.503  5.512   1.00 17.61 ? 7   ILE A CD1 1 
ATOM   52  N N   . SER A 1 8   ? -10.483 -5.547  7.345   1.00 15.79 ? 8   SER A N   1 
ATOM   53  C CA  . SER A 1 8   ? -11.139 -6.876  7.241   1.00 17.37 ? 8   SER A CA  1 
ATOM   54  C C   . SER A 1 8   ? -10.025 -7.895  7.378   1.00 17.10 ? 8   SER A C   1 
ATOM   55  O O   . SER A 1 8   ? -9.052  -7.834  6.598   1.00 16.06 ? 8   SER A O   1 
ATOM   56  C CB  . SER A 1 8   ? -11.772 -7.018  5.861   1.00 19.57 ? 8   SER A CB  1 
ATOM   57  O OG  . SER A 1 8   ? -12.647 -5.942  5.612   1.00 23.33 ? 8   SER A OG  1 
ATOM   58  N N   . PRO A 1 9   ? -10.127 -8.874  8.321   1.00 16.77 ? 9   PRO A N   1 
ATOM   59  C CA  . PRO A 1 9   ? -9.010  -9.832  8.435   1.00 16.40 ? 9   PRO A CA  1 
ATOM   60  C C   . PRO A 1 9   ? -8.769  -10.747 7.240   1.00 14.37 ? 9   PRO A C   1 
ATOM   61  O O   . PRO A 1 9   ? -9.694  -11.055 6.489   1.00 13.27 ? 9   PRO A O   1 
ATOM   62  C CB  . PRO A 1 9   ? -9.322  -10.618 9.745   1.00 15.91 ? 9   PRO A CB  1 
ATOM   63  C CG  . PRO A 1 9   ? -10.767 -10.482 9.889   1.00 18.39 ? 9   PRO A CG  1 
ATOM   64  C CD  . PRO A 1 9   ? -11.100 -9.067  9.408   1.00 16.78 ? 9   PRO A CD  1 
ATOM   65  N N   . GLY A 1 10  ? -7.517  -11.161 7.079   1.00 14.13 ? 10  GLY A N   1 
ATOM   66  C CA  . GLY A 1 10  ? -7.166  -12.043 5.968   1.00 14.37 ? 10  GLY A CA  1 
ATOM   67  C C   . GLY A 1 10  ? -7.158  -13.454 6.520   1.00 14.57 ? 10  GLY A C   1 
ATOM   68  O O   . GLY A 1 10  ? -7.665  -13.689 7.622   1.00 14.66 ? 10  GLY A O   1 
ATOM   69  N N   . ASP A 1 11  ? -6.582  -14.389 5.787   1.00 15.62 ? 11  ASP A N   1 
ATOM   70  C CA  . ASP A 1 11  ? -6.591  -15.743 6.323   1.00 16.29 ? 11  ASP A CA  1 
ATOM   71  C C   . ASP A 1 11  ? -5.648  -15.987 7.531   1.00 16.96 ? 11  ASP A C   1 
ATOM   72  O O   . ASP A 1 11  ? -5.764  -17.032 8.202   1.00 16.63 ? 11  ASP A O   1 
ATOM   73  C CB  . ASP A 1 11  ? -6.408  -16.779 5.201   1.00 15.00 ? 11  ASP A CB  1 
ATOM   74  C CG  . ASP A 1 11  ? -5.010  -16.819 4.634   1.00 19.09 ? 11  ASP A CG  1 
ATOM   75  O OD1 . ASP A 1 11  ? -4.834  -17.570 3.643   1.00 17.12 ? 11  ASP A OD1 1 
ATOM   76  O OD2 . ASP A 1 11  ? -4.090  -16.138 5.162   1.00 15.34 ? 11  ASP A OD2 1 
ATOM   77  N N   . GLY A 1 12  ? -4.783  -15.010 7.815   1.00 15.74 ? 12  GLY A N   1 
ATOM   78  C CA  . GLY A 1 12  ? -3.868  -15.069 8.935   1.00 14.98 ? 12  GLY A CA  1 
ATOM   79  C C   . GLY A 1 12  ? -2.771  -16.117 8.819   1.00 15.52 ? 12  GLY A C   1 
ATOM   80  O O   . GLY A 1 12  ? -2.063  -16.431 9.791   1.00 14.56 ? 12  GLY A O   1 
ATOM   81  N N   . ARG A 1 13  ? -2.578  -16.634 7.605   1.00 15.76 ? 13  ARG A N   1 
ATOM   82  C CA  . ARG A 1 13  ? -1.553  -17.664 7.431   1.00 15.57 ? 13  ARG A CA  1 
ATOM   83  C C   . ARG A 1 13  ? -0.761  -17.524 6.132   1.00 16.44 ? 13  ARG A C   1 
ATOM   84  O O   . ARG A 1 13  ? 0.384   -17.977 6.062   1.00 15.43 ? 13  ARG A O   1 
ATOM   85  C CB  . ARG A 1 13  ? -2.208  -19.072 7.479   1.00 16.61 ? 13  ARG A CB  1 
ATOM   86  C CG  . ARG A 1 13  ? -3.459  -19.204 6.609   1.00 14.30 ? 13  ARG A CG  1 
ATOM   87  C CD  . ARG A 1 13  ? -4.094  -20.581 6.598   1.00 17.18 ? 13  ARG A CD  1 
ATOM   88  N NE  . ARG A 1 13  ? -5.333  -20.618 5.793   1.00 18.69 ? 13  ARG A NE  1 
ATOM   89  C CZ  . ARG A 1 13  ? -5.384  -20.983 4.527   1.00 19.77 ? 13  ARG A CZ  1 
ATOM   90  N NH1 . ARG A 1 13  ? -6.545  -20.998 3.869   1.00 19.57 ? 13  ARG A NH1 1 
ATOM   91  N NH2 . ARG A 1 13  ? -4.271  -21.366 3.925   1.00 21.47 ? 13  ARG A NH2 1 
ATOM   92  N N   . THR A 1 14  ? -1.359  -16.937 5.090   1.00 15.46 ? 14  THR A N   1 
ATOM   93  C CA  . THR A 1 14  ? -0.617  -16.852 3.812   1.00 16.19 ? 14  THR A CA  1 
ATOM   94  C C   . THR A 1 14  ? 0.003   -15.453 3.676   1.00 14.93 ? 14  THR A C   1 
ATOM   95  O O   . THR A 1 14  ? -0.649  -14.522 3.257   1.00 14.37 ? 14  THR A O   1 
ATOM   96  C CB  . THR A 1 14  ? -1.519  -17.159 2.549   1.00 16.42 ? 14  THR A CB  1 
ATOM   97  O OG1 . THR A 1 14  ? -2.268  -18.376 2.753   1.00 16.00 ? 14  THR A OG1 1 
ATOM   98  C CG2 . THR A 1 14  ? -0.658  -17.327 1.311   1.00 17.20 ? 14  THR A CG2 1 
ATOM   99  N N   . PHE A 1 15  ? 1.277   -15.367 4.005   1.00 14.34 ? 15  PHE A N   1 
ATOM   100 C CA  . PHE A 1 15  ? 2.028   -14.105 3.970   1.00 15.32 ? 15  PHE A CA  1 
ATOM   101 C C   . PHE A 1 15  ? 2.975   -14.120 2.789   1.00 14.81 ? 15  PHE A C   1 
ATOM   102 O O   . PHE A 1 15  ? 3.461   -15.157 2.411   1.00 14.06 ? 15  PHE A O   1 
ATOM   103 C CB  . PHE A 1 15  ? 2.802   -13.954 5.265   1.00 13.87 ? 15  PHE A CB  1 
ATOM   104 C CG  . PHE A 1 15  ? 1.905   -13.848 6.469   1.00 15.94 ? 15  PHE A CG  1 
ATOM   105 C CD1 . PHE A 1 15  ? 1.321   -12.608 6.804   1.00 15.94 ? 15  PHE A CD1 1 
ATOM   106 C CD2 . PHE A 1 15  ? 1.613   -14.980 7.253   1.00 16.12 ? 15  PHE A CD2 1 
ATOM   107 C CE1 . PHE A 1 15  ? 0.476   -12.478 7.880   1.00 15.04 ? 15  PHE A CE1 1 
ATOM   108 C CE2 . PHE A 1 15  ? 0.739   -14.860 8.372   1.00 15.13 ? 15  PHE A CE2 1 
ATOM   109 C CZ  . PHE A 1 15  ? 0.175   -13.591 8.670   1.00 17.70 ? 15  PHE A CZ  1 
ATOM   110 N N   . PRO A 1 16  ? 3.245   -12.959 2.215   1.00 14.68 ? 16  PRO A N   1 
ATOM   111 C CA  . PRO A 1 16  ? 4.134   -12.941 1.053   1.00 14.63 ? 16  PRO A CA  1 
ATOM   112 C C   . PRO A 1 16  ? 5.568   -13.351 1.352   1.00 14.47 ? 16  PRO A C   1 
ATOM   113 O O   . PRO A 1 16  ? 6.063   -13.022 2.404   1.00 16.82 ? 16  PRO A O   1 
ATOM   114 C CB  . PRO A 1 16  ? 4.028   -11.490 0.545   1.00 14.58 ? 16  PRO A CB  1 
ATOM   115 C CG  . PRO A 1 16  ? 3.453   -10.692 1.757   1.00 17.26 ? 16  PRO A CG  1 
ATOM   116 C CD  . PRO A 1 16  ? 2.580   -11.662 2.458   1.00 16.02 ? 16  PRO A CD  1 
ATOM   117 N N   . LYS A 1 17  ? 6.184   -14.123 0.453   1.00 13.55 ? 17  LYS A N   1 
ATOM   118 C CA  . LYS A 1 17  ? 7.606   -14.466 0.581   1.00 14.78 ? 17  LYS A CA  1 
ATOM   119 C C   . LYS A 1 17  ? 8.394   -13.326 -0.115  1.00 13.87 ? 17  LYS A C   1 
ATOM   120 O O   . LYS A 1 17  ? 7.841   -12.594 -0.966  1.00 14.61 ? 17  LYS A O   1 
ATOM   121 C CB  . LYS A 1 17  ? 7.901   -15.807 -0.118  1.00 17.06 ? 17  LYS A CB  1 
ATOM   122 C CG  . LYS A 1 17  ? 7.172   -17.056 0.504   1.00 16.94 ? 17  LYS A CG  1 
ATOM   123 C CD  . LYS A 1 17  ? 7.583   -18.318 -0.302  1.00 20.65 ? 17  LYS A CD  1 
ATOM   124 C CE  . LYS A 1 17  ? 7.116   -19.663 0.335   1.00 22.78 ? 17  LYS A CE  1 
ATOM   125 N NZ  . LYS A 1 17  ? 7.813   -20.862 -0.340  1.00 23.95 ? 17  LYS A NZ  1 
ATOM   126 N N   . ARG A 1 18  ? 9.650   -13.102 0.266   1.00 13.12 ? 18  ARG A N   1 
ATOM   127 C CA  . ARG A 1 18  ? 10.401  -12.067 -0.422  1.00 15.09 ? 18  ARG A CA  1 
ATOM   128 C C   . ARG A 1 18  ? 10.431  -12.309 -1.943  1.00 15.06 ? 18  ARG A C   1 
ATOM   129 O O   . ARG A 1 18  ? 10.661  -13.436 -2.399  1.00 15.57 ? 18  ARG A O   1 
ATOM   130 C CB  . ARG A 1 18  ? 11.795  -12.012 0.173   1.00 14.12 ? 18  ARG A CB  1 
ATOM   131 C CG  . ARG A 1 18  ? 12.703  -11.011 -0.464  1.00 13.47 ? 18  ARG A CG  1 
ATOM   132 C CD  . ARG A 1 18  ? 13.827  -10.698 0.520   1.00 13.21 ? 18  ARG A CD  1 
ATOM   133 N NE  . ARG A 1 18  ? 14.815  -9.780  -0.052  1.00 11.95 ? 18  ARG A NE  1 
ATOM   134 C CZ  . ARG A 1 18  ? 14.791  -8.464  0.012   1.00 13.37 ? 18  ARG A CZ  1 
ATOM   135 N NH1 . ARG A 1 18  ? 13.788  -7.834  0.632   1.00 14.45 ? 18  ARG A NH1 1 
ATOM   136 N NH2 . ARG A 1 18  ? 15.810  -7.758  -0.463  1.00 12.80 ? 18  ARG A NH2 1 
ATOM   137 N N   . GLY A 1 19  ? 10.180  -11.262 -2.739  1.00 15.29 ? 19  GLY A N   1 
ATOM   138 C CA  . GLY A 1 19  ? 10.157  -11.411 -4.187  1.00 13.65 ? 19  GLY A CA  1 
ATOM   139 C C   . GLY A 1 19  ? 8.847   -11.939 -4.763  1.00 14.20 ? 19  GLY A C   1 
ATOM   140 O O   . GLY A 1 19  ? 8.623   -11.885 -5.966  1.00 16.06 ? 19  GLY A O   1 
ATOM   141 N N   . GLN A 1 20  ? 7.945   -12.407 -3.921  1.00 14.60 ? 20  GLN A N   1 
ATOM   142 C CA  . GLN A 1 20  ? 6.669   -12.916 -4.428  1.00 15.26 ? 20  GLN A CA  1 
ATOM   143 C C   . GLN A 1 20  ? 5.762   -11.812 -4.958  1.00 15.28 ? 20  GLN A C   1 
ATOM   144 O O   . GLN A 1 20  ? 5.739   -10.699 -4.422  1.00 13.91 ? 20  GLN A O   1 
ATOM   145 C CB  . GLN A 1 20  ? 5.966   -13.688 -3.326  1.00 15.42 ? 20  GLN A CB  1 
ATOM   146 C CG  . GLN A 1 20  ? 4.709   -14.337 -3.824  1.00 14.50 ? 20  GLN A CG  1 
ATOM   147 C CD  . GLN A 1 20  ? 4.295   -15.449 -2.862  1.00 16.69 ? 20  GLN A CD  1 
ATOM   148 O OE1 . GLN A 1 20  ? 4.539   -15.373 -1.645  1.00 14.33 ? 20  GLN A OE1 1 
ATOM   149 N NE2 . GLN A 1 20  ? 3.680   -16.481 -3.404  1.00 15.50 ? 20  GLN A NE2 1 
ATOM   150 N N   . THR A 1 21  ? 4.998   -12.115 -6.009  1.00 14.27 ? 21  THR A N   1 
ATOM   151 C CA  . THR A 1 21  ? 4.108   -11.105 -6.577  1.00 13.33 ? 21  THR A CA  1 
ATOM   152 C C   . THR A 1 21  ? 2.832   -10.992 -5.747  1.00 13.05 ? 21  THR A C   1 
ATOM   153 O O   . THR A 1 21  ? 2.161   -12.016 -5.472  1.00 12.08 ? 21  THR A O   1 
ATOM   154 C CB  . THR A 1 21  ? 3.735   -11.444 -8.057  1.00 14.30 ? 21  THR A CB  1 
ATOM   155 O OG1 . THR A 1 21  ? 4.904   -11.273 -8.851  1.00 12.85 ? 21  THR A OG1 1 
ATOM   156 C CG2 . THR A 1 21  ? 2.641   -10.474 -8.609  1.00 13.68 ? 21  THR A CG2 1 
ATOM   157 N N   . CYS A 1 22  ? 2.583   -9.757  -5.300  1.00 11.01 ? 22  CYS A N   1 
ATOM   158 C CA  . CYS A 1 22  ? 1.409   -9.386  -4.504  1.00 12.16 ? 22  CYS A CA  1 
ATOM   159 C C   . CYS A 1 22  ? 0.439   -8.694  -5.446  1.00 11.65 ? 22  CYS A C   1 
ATOM   160 O O   . CYS A 1 22  ? 0.793   -7.728  -6.116  1.00 13.03 ? 22  CYS A O   1 
ATOM   161 C CB  . CYS A 1 22  ? 1.768   -8.387  -3.415  1.00 10.62 ? 22  CYS A CB  1 
ATOM   162 S SG  . CYS A 1 22  ? 2.988   -9.075  -2.176  1.00 13.75 ? 22  CYS A SG  1 
ATOM   163 N N   . VAL A 1 23  ? -0.795  -9.169  -5.455  1.00 12.96 ? 23  VAL A N   1 
ATOM   164 C CA  . VAL A 1 23  ? -1.829  -8.598  -6.282  1.00 11.43 ? 23  VAL A CA  1 
ATOM   165 C C   . VAL A 1 23  ? -2.732  -7.883  -5.285  1.00 11.66 ? 23  VAL A C   1 
ATOM   166 O O   . VAL A 1 23  ? -3.292  -8.516  -4.369  1.00 11.88 ? 23  VAL A O   1 
ATOM   167 C CB  . VAL A 1 23  ? -2.649  -9.684  -6.910  1.00 11.58 ? 23  VAL A CB  1 
ATOM   168 C CG1 . VAL A 1 23  ? -3.703  -9.046  -7.850  1.00 12.16 ? 23  VAL A CG1 1 
ATOM   169 C CG2 . VAL A 1 23  ? -1.721  -10.634 -7.593  1.00 13.03 ? 23  VAL A CG2 1 
ATOM   170 N N   . VAL A 1 24  ? -2.924  -6.605  -5.515  1.00 11.73 ? 24  VAL A N   1 
ATOM   171 C CA  . VAL A 1 24  ? -3.722  -5.795  -4.589  1.00 12.07 ? 24  VAL A CA  1 
ATOM   172 C C   . VAL A 1 24  ? -4.674  -4.802  -5.254  1.00 11.11 ? 24  VAL A C   1 
ATOM   173 O O   . VAL A 1 24  ? -4.544  -4.498  -6.434  1.00 14.30 ? 24  VAL A O   1 
ATOM   174 C CB  . VAL A 1 24  ? -2.804  -4.892  -3.688  1.00 11.15 ? 24  VAL A CB  1 
ATOM   175 C CG1 . VAL A 1 24  ? -1.690  -5.702  -3.051  1.00 13.66 ? 24  VAL A CG1 1 
ATOM   176 C CG2 . VAL A 1 24  ? -2.201  -3.735  -4.543  1.00 11.41 ? 24  VAL A CG2 1 
ATOM   177 N N   . HIS A 1 25  ? -5.660  -4.350  -4.473  1.00 11.74 ? 25  HIS A N   1 
ATOM   178 C CA  . HIS A 1 25  ? -6.531  -3.225  -4.873  1.00 12.90 ? 25  HIS A CA  1 
ATOM   179 C C   . HIS A 1 25  ? -6.252  -2.214  -3.783  1.00 12.75 ? 25  HIS A C   1 
ATOM   180 O O   . HIS A 1 25  ? -6.168  -2.550  -2.580  1.00 13.82 ? 25  HIS A O   1 
ATOM   181 C CB  . HIS A 1 25  ? -8.013  -3.591  -4.914  1.00 13.52 ? 25  HIS A CB  1 
ATOM   182 C CG  . HIS A 1 25  ? -8.525  -3.797  -6.314  1.00 16.14 ? 25  HIS A CG  1 
ATOM   183 N ND1 . HIS A 1 25  ? -8.280  -2.895  -7.335  1.00 16.23 ? 25  HIS A ND1 1 
ATOM   184 C CD2 . HIS A 1 25  ? -9.331  -4.753  -6.840  1.00 16.45 ? 25  HIS A CD2 1 
ATOM   185 C CE1 . HIS A 1 25  ? -8.930  -3.282  -8.423  1.00 15.21 ? 25  HIS A CE1 1 
ATOM   186 N NE2 . HIS A 1 25  ? -9.577  -4.407  -8.152  1.00 15.55 ? 25  HIS A NE2 1 
ATOM   187 N N   . TYR A 1 26  ? -6.072  -0.957  -4.159  1.00 12.61 ? 26  TYR A N   1 
ATOM   188 C CA  . TYR A 1 26  ? -5.723  0.021   -3.141  1.00 12.44 ? 26  TYR A CA  1 
ATOM   189 C C   . TYR A 1 26  ? -6.361  1.329   -3.497  1.00 11.79 ? 26  TYR A C   1 
ATOM   190 O O   . TYR A 1 26  ? -6.754  1.531   -4.645  1.00 11.16 ? 26  TYR A O   1 
ATOM   191 C CB  . TYR A 1 26  ? -4.190  0.224   -3.145  1.00 11.70 ? 26  TYR A CB  1 
ATOM   192 C CG  . TYR A 1 26  ? -3.669  0.934   -4.397  1.00 12.64 ? 26  TYR A CG  1 
ATOM   193 C CD1 . TYR A 1 26  ? -3.705  2.322   -4.484  1.00 11.10 ? 26  TYR A CD1 1 
ATOM   194 C CD2 . TYR A 1 26  ? -3.169  0.207   -5.513  1.00 13.75 ? 26  TYR A CD2 1 
ATOM   195 C CE1 . TYR A 1 26  ? -3.263  3.010   -5.665  1.00 13.80 ? 26  TYR A CE1 1 
ATOM   196 C CE2 . TYR A 1 26  ? -2.711  0.869   -6.693  1.00 14.12 ? 26  TYR A CE2 1 
ATOM   197 C CZ  . TYR A 1 26  ? -2.766  2.275   -6.749  1.00 13.74 ? 26  TYR A CZ  1 
ATOM   198 O OH  . TYR A 1 26  ? -2.288  2.962   -7.832  1.00 12.32 ? 26  TYR A OH  1 
ATOM   199 N N   . THR A 1 27  ? -6.505  2.178   -2.481  1.00 12.52 ? 27  THR A N   1 
ATOM   200 C CA  . THR A 1 27  ? -6.921  3.557   -2.684  1.00 13.28 ? 27  THR A CA  1 
ATOM   201 C C   . THR A 1 27  ? -5.935  4.367   -1.817  1.00 12.81 ? 27  THR A C   1 
ATOM   202 O O   . THR A 1 27  ? -5.811  4.074   -0.639  1.00 12.44 ? 27  THR A O   1 
ATOM   203 C CB  . THR A 1 27  ? -8.366  3.827   -2.249  1.00 13.31 ? 27  THR A CB  1 
ATOM   204 O OG1 . THR A 1 27  ? -9.239  3.039   -3.082  1.00 14.05 ? 27  THR A OG1 1 
ATOM   205 C CG2 . THR A 1 27  ? -8.715  5.314   -2.429  1.00 13.33 ? 27  THR A CG2 1 
ATOM   206 N N   . GLY A 1 28  ? -5.210  5.325   -2.417  1.00 12.35 ? 28  GLY A N   1 
ATOM   207 C CA  . GLY A 1 28  ? -4.282  6.160   -1.626  1.00 12.43 ? 28  GLY A CA  1 
ATOM   208 C C   . GLY A 1 28  ? -4.919  7.522   -1.368  1.00 12.95 ? 28  GLY A C   1 
ATOM   209 O O   . GLY A 1 28  ? -5.536  8.109   -2.287  1.00 14.64 ? 28  GLY A O   1 
ATOM   210 N N   . MET A 1 29  ? -4.844  8.012   -0.137  1.00 12.99 ? 29  MET A N   1 
ATOM   211 C CA  . MET A 1 29  ? -5.437  9.315   0.203   1.00 13.44 ? 29  MET A CA  1 
ATOM   212 C C   . MET A 1 29  ? -4.379  10.184  0.847   1.00 13.76 ? 29  MET A C   1 
ATOM   213 O O   . MET A 1 29  ? -3.415  9.677   1.418   1.00 14.39 ? 29  MET A O   1 
ATOM   214 C CB  . MET A 1 29  ? -6.597  9.126   1.206   1.00 15.20 ? 29  MET A CB  1 
ATOM   215 C CG  . MET A 1 29  ? -7.835  8.412   0.625   1.00 14.55 ? 29  MET A CG  1 
ATOM   216 S SD  . MET A 1 29  ? -8.751  7.510   1.943   1.00 17.55 ? 29  MET A SD  1 
ATOM   217 C CE  . MET A 1 29  ? -7.957  5.798   1.872   1.00 13.67 ? 29  MET A CE  1 
ATOM   218 N N   . LEU A 1 30  ? -4.542  11.502  0.743   1.00 15.13 ? 30  LEU A N   1 
ATOM   219 C CA  . LEU A 1 30  ? -3.635  12.410  1.420   1.00 16.59 ? 30  LEU A CA  1 
ATOM   220 C C   . LEU A 1 30  ? -4.153  12.501  2.883   1.00 18.17 ? 30  LEU A C   1 
ATOM   221 O O   . LEU A 1 30  ? -5.162  11.907  3.233   1.00 17.16 ? 30  LEU A O   1 
ATOM   222 C CB  . LEU A 1 30  ? -3.621  13.778  0.724   1.00 18.37 ? 30  LEU A CB  1 
ATOM   223 C CG  . LEU A 1 30  ? -3.121  13.683  -0.739  1.00 18.52 ? 30  LEU A CG  1 
ATOM   224 C CD1 . LEU A 1 30  ? -3.163  15.087  -1.395  1.00 20.18 ? 30  LEU A CD1 1 
ATOM   225 C CD2 . LEU A 1 30  ? -1.700  13.170  -0.739  1.00 18.57 ? 30  LEU A CD2 1 
ATOM   226 N N   . GLU A 1 31  ? -3.472  13.239  3.748   1.00 19.37 ? 31  GLU A N   1 
ATOM   227 C CA  . GLU A 1 31  ? -3.926  13.286  5.122   1.00 21.45 ? 31  GLU A CA  1 
ATOM   228 C C   . GLU A 1 31  ? -5.338  13.878  5.335   1.00 20.91 ? 31  GLU A C   1 
ATOM   229 O O   . GLU A 1 31  ? -5.958  13.578  6.349   1.00 23.40 ? 31  GLU A O   1 
ATOM   230 C CB  . GLU A 1 31  ? -2.876  13.991  5.983   1.00 22.95 ? 31  GLU A CB  1 
ATOM   231 C CG  . GLU A 1 31  ? -2.549  13.191  7.257   1.00 25.53 ? 31  GLU A CG  1 
ATOM   232 C CD  . GLU A 1 31  ? -1.439  13.841  8.109   1.00 26.48 ? 31  GLU A CD  1 
ATOM   233 O OE1 . GLU A 1 31  ? -1.248  13.397  9.261   1.00 26.01 ? 31  GLU A OE1 1 
ATOM   234 O OE2 . GLU A 1 31  ? -0.783  14.783  7.620   1.00 23.54 ? 31  GLU A OE2 1 
ATOM   235 N N   . ASP A 1 32  ? -5.862  14.664  4.391   1.00 20.14 ? 32  ASP A N   1 
ATOM   236 C CA  . ASP A 1 32  ? -7.217  15.230  4.520   1.00 20.25 ? 32  ASP A CA  1 
ATOM   237 C C   . ASP A 1 32  ? -8.283  14.151  4.178   1.00 19.65 ? 32  ASP A C   1 
ATOM   238 O O   . ASP A 1 32  ? -9.484  14.426  4.213   1.00 18.86 ? 32  ASP A O   1 
ATOM   239 C CB  . ASP A 1 32  ? -7.385  16.461  3.618   1.00 19.86 ? 32  ASP A CB  1 
ATOM   240 C CG  . ASP A 1 32  ? -7.190  16.136  2.125   1.00 22.14 ? 32  ASP A CG  1 
ATOM   241 O OD1 . ASP A 1 32  ? -7.251  17.087  1.317   1.00 22.59 ? 32  ASP A OD1 1 
ATOM   242 O OD2 . ASP A 1 32  ? -6.972  14.938  1.775   1.00 19.86 ? 32  ASP A OD2 1 
ATOM   243 N N   . GLY A 1 33  ? -7.812  12.953  3.819   1.00 18.30 ? 33  GLY A N   1 
ATOM   244 C CA  . GLY A 1 33  ? -8.659  11.800  3.504   1.00 17.78 ? 33  GLY A CA  1 
ATOM   245 C C   . GLY A 1 33  ? -9.158  11.726  2.072   1.00 16.82 ? 33  GLY A C   1 
ATOM   246 O O   . GLY A 1 33  ? -9.918  10.810  1.699   1.00 17.42 ? 33  GLY A O   1 
ATOM   247 N N   . LYS A 1 34  ? -8.733  12.680  1.253   1.00 17.67 ? 34  LYS A N   1 
ATOM   248 C CA  . LYS A 1 34  ? -9.159  12.712  -0.143  1.00 17.88 ? 34  LYS A CA  1 
ATOM   249 C C   . LYS A 1 34  ? -8.291  11.803  -1.028  1.00 17.71 ? 34  LYS A C   1 
ATOM   250 O O   . LYS A 1 34  ? -7.082  11.930  -1.011  1.00 17.34 ? 34  LYS A O   1 
ATOM   251 C CB  . LYS A 1 34  ? -9.065  14.119  -0.705  1.00 19.88 ? 34  LYS A CB  1 
ATOM   252 C CG  . LYS A 1 34  ? -9.883  14.301  -1.976  1.00 20.61 ? 34  LYS A CG  1 
ATOM   253 C CD  . LYS A 1 34  ? -9.943  15.793  -2.352  1.00 22.43 ? 34  LYS A CD  1 
ATOM   254 C CE  . LYS A 1 34  ? -10.273 16.021  -3.826  1.00 20.27 ? 34  LYS A CE  1 
ATOM   255 N NZ  . LYS A 1 34  ? -11.648 15.555  -4.104  1.00 24.05 ? 34  LYS A NZ  1 
ATOM   256 N N   . LYS A 1 35  ? -8.935  10.895  -1.764  1.00 16.76 ? 35  LYS A N   1 
ATOM   257 C CA  . LYS A 1 35  ? -8.252  9.982   -2.662  1.00 16.58 ? 35  LYS A CA  1 
ATOM   258 C C   . LYS A 1 35  ? -7.402  10.729  -3.708  1.00 15.97 ? 35  LYS A C   1 
ATOM   259 O O   . LYS A 1 35  ? -7.869  11.735  -4.294  1.00 14.70 ? 35  LYS A O   1 
ATOM   260 C CB  . LYS A 1 35  ? -9.302  9.163   -3.407  1.00 17.55 ? 35  LYS A CB  1 
ATOM   261 C CG  . LYS A 1 35  ? -8.832  8.521   -4.682  1.00 19.09 ? 35  LYS A CG  1 
ATOM   262 C CD  . LYS A 1 35  ? -9.934  7.585   -5.230  1.00 17.09 ? 35  LYS A CD  1 
ATOM   263 C CE  . LYS A 1 35  ? -11.160 8.336   -5.730  1.00 18.13 ? 35  LYS A CE  1 
ATOM   264 N NZ  . LYS A 1 35  ? -12.056 7.371   -6.413  1.00 15.01 ? 35  LYS A NZ  1 
ATOM   265 N N   . PHE A 1 36  ? -6.177  10.254  -3.948  1.00 14.11 ? 36  PHE A N   1 
ATOM   266 C CA  . PHE A 1 36  ? -5.359  10.862  -5.014  1.00 13.75 ? 36  PHE A CA  1 
ATOM   267 C C   . PHE A 1 36  ? -5.203  9.826   -6.173  1.00 13.70 ? 36  PHE A C   1 
ATOM   268 O O   . PHE A 1 36  ? -4.934  10.219  -7.285  1.00 13.45 ? 36  PHE A O   1 
ATOM   269 C CB  . PHE A 1 36  ? -3.973  11.366  -4.535  1.00 14.79 ? 36  PHE A CB  1 
ATOM   270 C CG  . PHE A 1 36  ? -3.109  10.323  -3.918  1.00 12.48 ? 36  PHE A CG  1 
ATOM   271 C CD1 . PHE A 1 36  ? -3.005  10.219  -2.536  1.00 13.70 ? 36  PHE A CD1 1 
ATOM   272 C CD2 . PHE A 1 36  ? -2.430  9.415   -4.731  1.00 13.87 ? 36  PHE A CD2 1 
ATOM   273 C CE1 . PHE A 1 36  ? -2.244  9.202   -1.935  1.00 13.24 ? 36  PHE A CE1 1 
ATOM   274 C CE2 . PHE A 1 36  ? -1.660  8.382   -4.172  1.00 13.11 ? 36  PHE A CE2 1 
ATOM   275 C CZ  . PHE A 1 36  ? -1.570  8.267   -2.744  1.00 12.72 ? 36  PHE A CZ  1 
ATOM   276 N N   . ASP A 1 37  ? -5.378  8.523   -5.903  1.00 13.43 ? 37  ASP A N   1 
ATOM   277 C CA  . ASP A 1 37  ? -5.300  7.455   -6.949  1.00 12.45 ? 37  ASP A CA  1 
ATOM   278 C C   . ASP A 1 37  ? -5.896  6.149   -6.395  1.00 14.27 ? 37  ASP A C   1 
ATOM   279 O O   . ASP A 1 37  ? -5.789  5.873   -5.198  1.00 14.55 ? 37  ASP A O   1 
ATOM   280 C CB  . ASP A 1 37  ? -3.842  7.147   -7.376  1.00 13.70 ? 37  ASP A CB  1 
ATOM   281 C CG  . ASP A 1 37  ? -3.754  6.284   -8.680  1.00 15.43 ? 37  ASP A CG  1 
ATOM   282 O OD1 . ASP A 1 37  ? -4.162  6.792   -9.752  1.00 16.43 ? 37  ASP A OD1 1 
ATOM   283 O OD2 . ASP A 1 37  ? -3.291  5.103   -8.648  1.00 13.43 ? 37  ASP A OD2 1 
ATOM   284 N N   . SER A 1 38  ? -6.506  5.336   -7.247  1.00 12.79 ? 38  SER A N   1 
ATOM   285 C CA  . SER A 1 38  ? -7.035  4.073   -6.775  1.00 12.07 ? 38  SER A CA  1 
ATOM   286 C C   . SER A 1 38  ? -7.087  3.064   -7.894  1.00 12.69 ? 38  SER A C   1 
ATOM   287 O O   . SER A 1 38  ? -7.605  3.349   -8.982  1.00 12.23 ? 38  SER A O   1 
ATOM   288 C CB  . SER A 1 38  ? -8.433  4.254   -6.183  1.00 11.01 ? 38  SER A CB  1 
ATOM   289 O OG  . SER A 1 38  ? -9.026  2.990   -5.896  1.00 11.51 ? 38  SER A OG  1 
ATOM   290 N N   . SER A 1 39  ? -6.591  1.856   -7.636  1.00 12.84 ? 39  SER A N   1 
ATOM   291 C CA  . SER A 1 39  ? -6.667  0.844   -8.678  1.00 13.30 ? 39  SER A CA  1 
ATOM   292 C C   . SER A 1 39  ? -8.139  0.458   -8.863  1.00 12.80 ? 39  SER A C   1 
ATOM   293 O O   . SER A 1 39  ? -8.524  0.015   -9.933  1.00 11.53 ? 39  SER A O   1 
ATOM   294 C CB  . SER A 1 39  ? -5.893  -0.417  -8.323  1.00 12.50 ? 39  SER A CB  1 
ATOM   295 O OG  . SER A 1 39  ? -6.276  -0.926  -7.056  1.00 12.24 ? 39  SER A OG  1 
ATOM   296 N N   . ARG A 1 40  ? -8.967  0.626   -7.842  1.00 12.92 ? 40  ARG A N   1 
ATOM   297 C CA  . ARG A 1 40  ? -10.370 0.240   -8.011  1.00 13.12 ? 40  ARG A CA  1 
ATOM   298 C C   . ARG A 1 40  ? -11.094 1.086   -9.060  1.00 13.79 ? 40  ARG A C   1 
ATOM   299 O O   . ARG A 1 40  ? -12.064 0.634   -9.662  1.00 14.77 ? 40  ARG A O   1 
ATOM   300 C CB  . ARG A 1 40  ? -11.083 0.343   -6.698  1.00 14.77 ? 40  ARG A CB  1 
ATOM   301 C CG  . ARG A 1 40  ? -10.530 -0.599  -5.660  1.00 14.30 ? 40  ARG A CG  1 
ATOM   302 C CD  . ARG A 1 40  ? -11.419 -0.467  -4.406  1.00 15.42 ? 40  ARG A CD  1 
ATOM   303 N NE  . ARG A 1 40  ? -10.860 -1.240  -3.300  1.00 14.86 ? 40  ARG A NE  1 
ATOM   304 C CZ  . ARG A 1 40  ? -11.007 -2.555  -3.168  1.00 17.07 ? 40  ARG A CZ  1 
ATOM   305 N NH1 . ARG A 1 40  ? -11.712 -3.263  -4.052  1.00 17.10 ? 40  ARG A NH1 1 
ATOM   306 N NH2 . ARG A 1 40  ? -10.388 -3.179  -2.184  1.00 15.20 ? 40  ARG A NH2 1 
ATOM   307 N N   . ASP A 1 41  ? -10.611 2.295   -9.292  1.00 13.69 ? 41  ASP A N   1 
ATOM   308 C CA  . ASP A 1 41  ? -11.200 3.184   -10.297 1.00 13.80 ? 41  ASP A CA  1 
ATOM   309 C C   . ASP A 1 41  ? -10.952 2.744   -11.735 1.00 14.79 ? 41  ASP A C   1 
ATOM   310 O O   . ASP A 1 41  ? -11.542 3.307   -12.672 1.00 14.62 ? 41  ASP A O   1 
ATOM   311 C CB  . ASP A 1 41  ? -10.641 4.586   -10.155 1.00 15.32 ? 41  ASP A CB  1 
ATOM   312 C CG  . ASP A 1 41  ? -11.204 5.320   -8.945  1.00 15.90 ? 41  ASP A CG  1 
ATOM   313 O OD1 . ASP A 1 41  ? -10.501 6.172   -8.372  1.00 14.90 ? 41  ASP A OD1 1 
ATOM   314 O OD2 . ASP A 1 41  ? -12.363 5.044   -8.567  1.00 15.58 ? 41  ASP A OD2 1 
ATOM   315 N N   . ARG A 1 42  ? -10.020 1.814   -11.896 1.00 14.18 ? 42  ARG A N   1 
ATOM   316 C CA  . ARG A 1 42  ? -9.659  1.231   -13.199 1.00 15.04 ? 42  ARG A CA  1 
ATOM   317 C C   . ARG A 1 42  ? -10.175 -0.210  -13.349 1.00 14.42 ? 42  ARG A C   1 
ATOM   318 O O   . ARG A 1 42  ? -10.007 -0.870  -14.409 1.00 13.86 ? 42  ARG A O   1 
ATOM   319 C CB  . ARG A 1 42  ? -8.132  1.252   -13.360 1.00 13.89 ? 42  ARG A CB  1 
ATOM   320 C CG  . ARG A 1 42  ? -7.587  2.646   -13.239 1.00 15.52 ? 42  ARG A CG  1 
ATOM   321 C CD  . ARG A 1 42  ? -6.088  2.747   -13.391 1.00 14.99 ? 42  ARG A CD  1 
ATOM   322 N NE  . ARG A 1 42  ? -5.308  2.280   -12.247 1.00 14.91 ? 42  ARG A NE  1 
ATOM   323 C CZ  . ARG A 1 42  ? -4.938  3.054   -11.219 1.00 14.47 ? 42  ARG A CZ  1 
ATOM   324 N NH1 . ARG A 1 42  ? -5.312  4.329   -11.148 1.00 15.38 ? 42  ARG A NH1 1 
ATOM   325 N NH2 . ARG A 1 42  ? -4.098  2.571   -10.316 1.00 14.58 ? 42  ARG A NH2 1 
ATOM   326 N N   . ASN A 1 43  ? -10.793 -0.711  -12.285 1.00 12.36 ? 43  ASN A N   1 
ATOM   327 C CA  . ASN A 1 43  ? -11.278 -2.092  -12.268 1.00 14.91 ? 43  ASN A CA  1 
ATOM   328 C C   . ASN A 1 43  ? -10.211 -3.121  -12.611 1.00 15.10 ? 43  ASN A C   1 
ATOM   329 O O   . ASN A 1 43  ? -10.502 -4.120  -13.232 1.00 17.05 ? 43  ASN A O   1 
ATOM   330 C CB  . ASN A 1 43  ? -12.503 -2.265  -13.191 1.00 13.47 ? 43  ASN A CB  1 
ATOM   331 C CG  . ASN A 1 43  ? -13.700 -1.533  -12.666 1.00 14.70 ? 43  ASN A CG  1 
ATOM   332 O OD1 . ASN A 1 43  ? -13.594 -0.872  -11.643 1.00 17.91 ? 43  ASN A OD1 1 
ATOM   333 N ND2 . ASN A 1 43  ? -14.834 -1.619  -13.360 1.00 13.14 ? 43  ASN A ND2 1 
ATOM   334 N N   . LYS A 1 44  ? -8.960  -2.845  -12.230 1.00 15.65 ? 44  LYS A N   1 
ATOM   335 C CA  . LYS A 1 44  ? -7.851  -3.771  -12.479 1.00 15.80 ? 44  LYS A CA  1 
ATOM   336 C C   . LYS A 1 44  ? -6.902  -3.651  -11.302 1.00 16.44 ? 44  LYS A C   1 
ATOM   337 O O   . LYS A 1 44  ? -6.472  -2.538  -10.942 1.00 15.74 ? 44  LYS A O   1 
ATOM   338 C CB  . LYS A 1 44  ? -7.097  -3.405  -13.756 1.00 16.28 ? 44  LYS A CB  1 
ATOM   339 C CG  . LYS A 1 44  ? -6.050  -4.452  -14.194 1.00 20.61 ? 44  LYS A CG  1 
ATOM   340 C CD  . LYS A 1 44  ? -5.918  -4.432  -15.726 1.00 24.34 ? 44  LYS A CD  1 
ATOM   341 C CE  . LYS A 1 44  ? -4.667  -5.166  -16.274 1.00 25.31 ? 44  LYS A CE  1 
ATOM   342 N NZ  . LYS A 1 44  ? -3.386  -4.432  -15.909 1.00 27.45 ? 44  LYS A NZ  1 
ATOM   343 N N   . PRO A 1 45  ? -6.558  -4.794  -10.680 1.00 17.05 ? 45  PRO A N   1 
ATOM   344 C CA  . PRO A 1 45  ? -5.647  -4.725  -9.543  1.00 15.37 ? 45  PRO A CA  1 
ATOM   345 C C   . PRO A 1 45  ? -4.252  -4.376  -10.007 1.00 16.21 ? 45  PRO A C   1 
ATOM   346 O O   . PRO A 1 45  ? -3.911  -4.497  -11.201 1.00 16.32 ? 45  PRO A O   1 
ATOM   347 C CB  . PRO A 1 45  ? -5.698  -6.136  -8.939  1.00 16.88 ? 45  PRO A CB  1 
ATOM   348 C CG  . PRO A 1 45  ? -6.840  -6.809  -9.600  1.00 19.39 ? 45  PRO A CG  1 
ATOM   349 C CD  . PRO A 1 45  ? -6.918  -6.185  -10.974 1.00 17.95 ? 45  PRO A CD  1 
ATOM   350 N N   . PHE A 1 46  ? -3.449  -3.956  -9.043  1.00 13.70 ? 46  PHE A N   1 
ATOM   351 C CA  . PHE A 1 46  ? -2.068  -3.583  -9.222  1.00 13.62 ? 46  PHE A CA  1 
ATOM   352 C C   . PHE A 1 46  ? -1.177  -4.706  -8.641  1.00 13.93 ? 46  PHE A C   1 
ATOM   353 O O   . PHE A 1 46  ? -1.499  -5.338  -7.610  1.00 14.93 ? 46  PHE A O   1 
ATOM   354 C CB  . PHE A 1 46  ? -1.801  -2.226  -8.524  1.00 14.09 ? 46  PHE A CB  1 
ATOM   355 C CG  . PHE A 1 46  ? -0.336  -1.866  -8.440  1.00 12.32 ? 46  PHE A CG  1 
ATOM   356 C CD1 . PHE A 1 46  ? 0.398   -2.121  -7.259  1.00 13.21 ? 46  PHE A CD1 1 
ATOM   357 C CD2 . PHE A 1 46  ? 0.272   -1.138  -9.470  1.00 13.15 ? 46  PHE A CD2 1 
ATOM   358 C CE1 . PHE A 1 46  ? 1.747   -1.627  -7.086  1.00 12.02 ? 46  PHE A CE1 1 
ATOM   359 C CE2 . PHE A 1 46  ? 1.618   -0.637  -9.311  1.00 13.18 ? 46  PHE A CE2 1 
ATOM   360 C CZ  . PHE A 1 46  ? 2.328   -0.880  -8.136  1.00 12.49 ? 46  PHE A CZ  1 
ATOM   361 N N   . LYS A 1 47  ? -0.094  -5.001  -9.351  1.00 12.54 ? 47  LYS A N   1 
ATOM   362 C CA  . LYS A 1 47  ? 0.824   -6.051  -8.922  1.00 13.17 ? 47  LYS A CA  1 
ATOM   363 C C   . LYS A 1 47  ? 2.267   -5.591  -8.709  1.00 12.90 ? 47  LYS A C   1 
ATOM   364 O O   . LYS A 1 47  ? 2.778   -4.784  -9.480  1.00 12.48 ? 47  LYS A O   1 
ATOM   365 C CB  . LYS A 1 47  ? 0.855   -7.177  -9.948  1.00 14.36 ? 47  LYS A CB  1 
ATOM   366 C CG  . LYS A 1 47  ? -0.543  -7.691  -10.417 1.00 15.51 ? 47  LYS A CG  1 
ATOM   367 C CD  . LYS A 1 47  ? -0.348  -8.898  -11.339 1.00 17.84 ? 47  LYS A CD  1 
ATOM   368 C CE  . LYS A 1 47  ? -1.673  -9.540  -11.712 1.00 19.69 ? 47  LYS A CE  1 
ATOM   369 N NZ  . LYS A 1 47  ? -1.540  -10.811 -12.492 1.00 20.07 ? 47  LYS A NZ  1 
ATOM   370 N N   . PHE A 1 48  ? 2.934   -6.144  -7.688  1.00 12.68 ? 48  PHE A N   1 
ATOM   371 C CA  . PHE A 1 48  ? 4.351   -5.825  -7.411  1.00 12.53 ? 48  PHE A CA  1 
ATOM   372 C C   . PHE A 1 48  ? 5.054   -6.983  -6.712  1.00 13.22 ? 48  PHE A C   1 
ATOM   373 O O   . PHE A 1 48  ? 4.424   -7.826  -6.068  1.00 12.88 ? 48  PHE A O   1 
ATOM   374 C CB  . PHE A 1 48  ? 4.466   -4.521  -6.574  1.00 11.95 ? 48  PHE A CB  1 
ATOM   375 C CG  . PHE A 1 48  ? 4.072   -4.682  -5.156  1.00 13.44 ? 48  PHE A CG  1 
ATOM   376 C CD1 . PHE A 1 48  ? 5.044   -4.795  -4.150  1.00 13.10 ? 48  PHE A CD1 1 
ATOM   377 C CD2 . PHE A 1 48  ? 2.717   -4.654  -4.800  1.00 13.32 ? 48  PHE A CD2 1 
ATOM   378 C CE1 . PHE A 1 48  ? 4.657   -4.866  -2.781  1.00 14.77 ? 48  PHE A CE1 1 
ATOM   379 C CE2 . PHE A 1 48  ? 2.328   -4.718  -3.459  1.00 12.94 ? 48  PHE A CE2 1 
ATOM   380 C CZ  . PHE A 1 48  ? 3.294   -4.821  -2.444  1.00 13.89 ? 48  PHE A CZ  1 
ATOM   381 N N   . MET A 1 49  ? 6.373   -7.061  -6.882  1.00 14.35 ? 49  MET A N   1 
ATOM   382 C CA  . MET A 1 49  ? 7.202   -8.121  -6.287  1.00 13.79 ? 49  MET A CA  1 
ATOM   383 C C   . MET A 1 49  ? 7.763   -7.576  -4.994  1.00 13.09 ? 49  MET A C   1 
ATOM   384 O O   . MET A 1 49  ? 8.486   -6.584  -4.999  1.00 14.02 ? 49  MET A O   1 
ATOM   385 C CB  . MET A 1 49  ? 8.341   -8.499  -7.268  1.00 15.06 ? 49  MET A CB  1 
ATOM   386 C CG  . MET A 1 49  ? 7.750   -8.871  -8.676  1.00 16.44 ? 49  MET A CG  1 
ATOM   387 S SD  . MET A 1 49  ? 9.076   -9.664  -9.627  1.00 16.78 ? 49  MET A SD  1 
ATOM   388 C CE  . MET A 1 49  ? 8.108   -10.370 -11.004 1.00 19.68 ? 49  MET A CE  1 
ATOM   389 N N   . LEU A 1 50  ? 7.383   -8.216  -3.882  1.00 14.11 ? 50  LEU A N   1 
ATOM   390 C CA  . LEU A 1 50  ? 7.783   -7.761  -2.564  1.00 14.12 ? 50  LEU A CA  1 
ATOM   391 C C   . LEU A 1 50  ? 9.304   -7.609  -2.448  1.00 13.89 ? 50  LEU A C   1 
ATOM   392 O O   . LEU A 1 50  ? 10.057  -8.565  -2.740  1.00 14.88 ? 50  LEU A O   1 
ATOM   393 C CB  . LEU A 1 50  ? 7.255   -8.748  -1.504  1.00 13.45 ? 50  LEU A CB  1 
ATOM   394 C CG  . LEU A 1 50  ? 7.459   -8.209  -0.072  1.00 13.99 ? 50  LEU A CG  1 
ATOM   395 C CD1 . LEU A 1 50  ? 6.440   -7.063  0.237   1.00 16.85 ? 50  LEU A CD1 1 
ATOM   396 C CD2 . LEU A 1 50  ? 7.264   -9.304  0.959   1.00 14.53 ? 50  LEU A CD2 1 
ATOM   397 N N   . GLY A 1 51  ? 9.774   -6.424  -2.068  1.00 12.28 ? 51  GLY A N   1 
ATOM   398 C CA  . GLY A 1 51  ? 11.210  -6.211  -1.891  1.00 12.82 ? 51  GLY A CA  1 
ATOM   399 C C   . GLY A 1 51  ? 12.010  -5.802  -3.126  1.00 13.60 ? 51  GLY A C   1 
ATOM   400 O O   . GLY A 1 51  ? 13.213  -5.499  -3.018  1.00 12.83 ? 51  GLY A O   1 
ATOM   401 N N   . LYS A 1 52  ? 11.354  -5.767  -4.290  1.00 12.45 ? 52  LYS A N   1 
ATOM   402 C CA  . LYS A 1 52  ? 12.018  -5.347  -5.526  1.00 13.29 ? 52  LYS A CA  1 
ATOM   403 C C   . LYS A 1 52  ? 11.990  -3.815  -5.670  1.00 14.03 ? 52  LYS A C   1 
ATOM   404 O O   . LYS A 1 52  ? 12.386  -3.257  -6.683  1.00 16.02 ? 52  LYS A O   1 
ATOM   405 C CB  . LYS A 1 52  ? 11.368  -6.014  -6.738  1.00 13.81 ? 52  LYS A CB  1 
ATOM   406 C CG  . LYS A 1 52  ? 12.364  -6.132  -7.884  1.00 13.79 ? 52  LYS A CG  1 
ATOM   407 C CD  . LYS A 1 52  ? 11.808  -6.843  -9.103  1.00 14.28 ? 52  LYS A CD  1 
ATOM   408 C CE  . LYS A 1 52  ? 10.684  -6.134  -9.782  1.00 11.09 ? 52  LYS A CE  1 
ATOM   409 N NZ  . LYS A 1 52  ? 10.325  -6.891  -11.031 1.00 11.72 ? 52  LYS A NZ  1 
ATOM   410 N N   . GLN A 1 53  ? 11.499  -3.114  -4.650  1.00 13.48 ? 53  GLN A N   1 
ATOM   411 C CA  . GLN A 1 53  ? 11.474  -1.652  -4.688  1.00 14.93 ? 53  GLN A CA  1 
ATOM   412 C C   . GLN A 1 53  ? 10.661  -0.975  -5.802  1.00 15.27 ? 53  GLN A C   1 
ATOM   413 O O   . GLN A 1 53  ? 10.972  0.143   -6.247  1.00 17.42 ? 53  GLN A O   1 
ATOM   414 C CB  . GLN A 1 53  ? 12.935  -1.172  -4.684  1.00 17.01 ? 53  GLN A CB  1 
ATOM   415 C CG  . GLN A 1 53  ? 13.553  -1.461  -3.315  1.00 13.98 ? 53  GLN A CG  1 
ATOM   416 C CD  . GLN A 1 53  ? 15.081  -1.398  -3.259  1.00 17.74 ? 53  GLN A CD  1 
ATOM   417 O OE1 . GLN A 1 53  ? 15.744  -2.248  -2.578  1.00 22.29 ? 53  GLN A OE1 1 
ATOM   418 N NE2 . GLN A 1 53  ? 15.663  -0.410  -3.948  1.00 13.55 ? 53  GLN A NE2 1 
ATOM   419 N N   . GLU A 1 54  ? 9.611   -1.648  -6.231  1.00 14.88 ? 54  GLU A N   1 
ATOM   420 C CA  . GLU A 1 54  ? 8.695   -1.164  -7.227  1.00 14.51 ? 54  GLU A CA  1 
ATOM   421 C C   . GLU A 1 54  ? 7.727   -0.244  -6.533  1.00 15.49 ? 54  GLU A C   1 
ATOM   422 O O   . GLU A 1 54  ? 7.080   0.575   -7.180  1.00 15.05 ? 54  GLU A O   1 
ATOM   423 C CB  . GLU A 1 54  ? 7.908   -2.325  -7.834  1.00 16.85 ? 54  GLU A CB  1 
ATOM   424 C CG  . GLU A 1 54  ? 8.736   -3.163  -8.688  1.00 16.96 ? 54  GLU A CG  1 
ATOM   425 C CD  . GLU A 1 54  ? 7.943   -4.245  -9.412  1.00 20.86 ? 54  GLU A CD  1 
ATOM   426 O OE1 . GLU A 1 54  ? 7.828   -4.131  -10.645 1.00 23.16 ? 54  GLU A OE1 1 
ATOM   427 O OE2 . GLU A 1 54  ? 7.452   -5.184  -8.765  1.00 17.96 ? 54  GLU A OE2 1 
ATOM   428 N N   . VAL A 1 55  ? 7.613   -0.394  -5.208  1.00 14.45 ? 55  VAL A N   1 
ATOM   429 C CA  . VAL A 1 55  ? 6.711   0.465   -4.460  1.00 13.93 ? 55  VAL A CA  1 
ATOM   430 C C   . VAL A 1 55  ? 7.443   1.139   -3.329  1.00 13.58 ? 55  VAL A C   1 
ATOM   431 O O   . VAL A 1 55  ? 8.562   0.709   -2.930  1.00 12.91 ? 55  VAL A O   1 
ATOM   432 C CB  . VAL A 1 55  ? 5.541   -0.327  -3.901  1.00 13.72 ? 55  VAL A CB  1 
ATOM   433 C CG1 . VAL A 1 55  ? 4.805   -1.014  -5.081  1.00 13.04 ? 55  VAL A CG1 1 
ATOM   434 C CG2 . VAL A 1 55  ? 6.044   -1.346  -2.859  1.00 12.02 ? 55  VAL A CG2 1 
ATOM   435 N N   . ILE A 1 56  ? 6.825   2.184   -2.794  1.00 12.76 ? 56  ILE A N   1 
ATOM   436 C CA  . ILE A 1 56  ? 7.425   2.929   -1.683  1.00 13.32 ? 56  ILE A CA  1 
ATOM   437 C C   . ILE A 1 56  ? 7.750   2.070   -0.452  1.00 12.46 ? 56  ILE A C   1 
ATOM   438 O O   . ILE A 1 56  ? 7.183   1.029   -0.296  1.00 11.80 ? 56  ILE A O   1 
ATOM   439 C CB  . ILE A 1 56  ? 6.544   4.111   -1.244  1.00 12.12 ? 56  ILE A CB  1 
ATOM   440 C CG1 . ILE A 1 56  ? 5.151   3.618   -0.877  1.00 11.94 ? 56  ILE A CG1 1 
ATOM   441 C CG2 . ILE A 1 56  ? 6.660   5.231   -2.300  1.00 13.84 ? 56  ILE A CG2 1 
ATOM   442 C CD1 . ILE A 1 56  ? 4.203   4.720   -0.314  1.00 13.13 ? 56  ILE A CD1 1 
ATOM   443 N N   . ARG A 1 57  ? 8.679   2.519   0.411   1.00 11.85 ? 57  ARG A N   1 
ATOM   444 C CA  . ARG A 1 57  ? 9.094   1.713   1.573   1.00 13.02 ? 57  ARG A CA  1 
ATOM   445 C C   . ARG A 1 57  ? 7.913   1.353   2.459   1.00 13.43 ? 57  ARG A C   1 
ATOM   446 O O   . ARG A 1 57  ? 7.876   0.255   3.039   1.00 13.82 ? 57  ARG A O   1 
ATOM   447 C CB  . ARG A 1 57  ? 10.146  2.445   2.405   1.00 13.78 ? 57  ARG A CB  1 
ATOM   448 C CG  . ARG A 1 57  ? 10.755  1.622   3.513   1.00 14.12 ? 57  ARG A CG  1 
ATOM   449 C CD  . ARG A 1 57  ? 11.938  2.312   4.295   1.00 17.36 ? 57  ARG A CD  1 
ATOM   450 N NE  . ARG A 1 57  ? 12.414  1.324   5.280   1.00 18.99 ? 57  ARG A NE  1 
ATOM   451 C CZ  . ARG A 1 57  ? 13.566  1.381   5.931   1.00 21.73 ? 57  ARG A CZ  1 
ATOM   452 N NH1 . ARG A 1 57  ? 14.393  2.393   5.720   1.00 20.93 ? 57  ARG A NH1 1 
ATOM   453 N NH2 . ARG A 1 57  ? 13.909  0.386   6.757   1.00 22.48 ? 57  ARG A NH2 1 
ATOM   454 N N   . GLY A 1 58  ? 6.974   2.292   2.600   1.00 12.33 ? 58  GLY A N   1 
ATOM   455 C CA  . GLY A 1 58  ? 5.804   2.049   3.411   1.00 14.25 ? 58  GLY A CA  1 
ATOM   456 C C   . GLY A 1 58  ? 5.057   0.818   2.927   1.00 12.35 ? 58  GLY A C   1 
ATOM   457 O O   . GLY A 1 58  ? 4.529   0.060   3.734   1.00 14.39 ? 58  GLY A O   1 
ATOM   458 N N   . TRP A 1 59  ? 4.967   0.633   1.614   1.00 12.30 ? 59  TRP A N   1 
ATOM   459 C CA  . TRP A 1 59  ? 4.307   -0.578  1.096   1.00 13.39 ? 59  TRP A CA  1 
ATOM   460 C C   . TRP A 1 59  ? 5.149   -1.838  1.260   1.00 14.38 ? 59  TRP A C   1 
ATOM   461 O O   . TRP A 1 59  ? 4.625   -2.926  1.614   1.00 14.12 ? 59  TRP A O   1 
ATOM   462 C CB  . TRP A 1 59  ? 3.986   -0.399  -0.384  1.00 12.83 ? 59  TRP A CB  1 
ATOM   463 C CG  . TRP A 1 59  ? 2.648   0.244   -0.591  1.00 12.28 ? 59  TRP A CG  1 
ATOM   464 C CD1 . TRP A 1 59  ? 2.168   1.410   -0.017  1.00 12.46 ? 59  TRP A CD1 1 
ATOM   465 C CD2 . TRP A 1 59  ? 1.617   -0.233  -1.458  1.00 11.34 ? 59  TRP A CD2 1 
ATOM   466 N NE1 . TRP A 1 59  ? 0.887   1.673   -0.508  1.00 9.99  ? 59  TRP A NE1 1 
ATOM   467 C CE2 . TRP A 1 59  ? 0.543   0.682   -1.387  1.00 10.86 ? 59  TRP A CE2 1 
ATOM   468 C CE3 . TRP A 1 59  ? 1.500   -1.358  -2.295  1.00 10.81 ? 59  TRP A CE3 1 
ATOM   469 C CZ2 . TRP A 1 59  ? -0.635  0.511   -2.123  1.00 10.91 ? 59  TRP A CZ2 1 
ATOM   470 C CZ3 . TRP A 1 59  ? 0.319   -1.524  -3.034  1.00 14.34 ? 59  TRP A CZ3 1 
ATOM   471 C CH2 . TRP A 1 59  ? -0.716  -0.601  -2.945  1.00 12.45 ? 59  TRP A CH2 1 
ATOM   472 N N   . GLU A 1 60  ? 6.454   -1.697  0.983   1.00 13.88 ? 60  GLU A N   1 
ATOM   473 C CA  . GLU A 1 60  ? 7.382   -2.819  1.108   1.00 13.38 ? 60  GLU A CA  1 
ATOM   474 C C   . GLU A 1 60  ? 7.301   -3.443  2.506   1.00 14.04 ? 60  GLU A C   1 
ATOM   475 O O   . GLU A 1 60  ? 7.361   -4.664  2.664   1.00 15.57 ? 60  GLU A O   1 
ATOM   476 C CB  . GLU A 1 60  ? 8.808   -2.363  0.816   1.00 13.66 ? 60  GLU A CB  1 
ATOM   477 C CG  . GLU A 1 60  ? 9.039   -1.963  -0.675  1.00 15.16 ? 60  GLU A CG  1 
ATOM   478 C CD  . GLU A 1 60  ? 9.275   -3.163  -1.615  1.00 16.65 ? 60  GLU A CD  1 
ATOM   479 O OE1 . GLU A 1 60  ? 8.338   -3.939  -1.891  1.00 16.20 ? 60  GLU A OE1 1 
ATOM   480 O OE2 . GLU A 1 60  ? 10.425  -3.331  -2.086  1.00 16.10 ? 60  GLU A OE2 1 
ATOM   481 N N   . GLU A 1 61  ? 7.210   -2.601  3.515   1.00 14.16 ? 61  GLU A N   1 
ATOM   482 C CA  . GLU A 1 61  ? 7.063   -3.115  4.881   1.00 14.73 ? 61  GLU A CA  1 
ATOM   483 C C   . GLU A 1 61  ? 5.650   -3.385  5.321   1.00 13.24 ? 61  GLU A C   1 
ATOM   484 O O   . GLU A 1 61  ? 5.409   -4.376  6.039   1.00 14.08 ? 61  GLU A O   1 
ATOM   485 C CB  . GLU A 1 61  ? 7.749   -2.190  5.878   1.00 14.61 ? 61  GLU A CB  1 
ATOM   486 C CG  . GLU A 1 61  ? 9.227   -2.256  5.700   1.00 19.03 ? 61  GLU A CG  1 
ATOM   487 C CD  . GLU A 1 61  ? 10.029  -1.327  6.615   1.00 18.83 ? 61  GLU A CD  1 
ATOM   488 O OE1 . GLU A 1 61  ? 9.479   -0.853  7.703   1.00 17.34 ? 61  GLU A OE1 1 
ATOM   489 O OE2 . GLU A 1 61  ? 11.231  -1.132  6.213   1.00 19.19 ? 61  GLU A OE2 1 
ATOM   490 N N   . GLY A 1 62  ? 4.709   -2.530  4.903   1.00 13.46 ? 62  GLY A N   1 
ATOM   491 C CA  . GLY A 1 62  ? 3.322   -2.703  5.310   1.00 12.64 ? 62  GLY A CA  1 
ATOM   492 C C   . GLY A 1 62  ? 2.674   -3.970  4.760   1.00 13.52 ? 62  GLY A C   1 
ATOM   493 O O   . GLY A 1 62  ? 2.063   -4.753  5.508   1.00 13.66 ? 62  GLY A O   1 
ATOM   494 N N   . VAL A 1 63  ? 2.823   -4.196  3.458   1.00 14.25 ? 63  VAL A N   1 
ATOM   495 C CA  . VAL A 1 63  ? 2.217   -5.381  2.812   1.00 14.60 ? 63  VAL A CA  1 
ATOM   496 C C   . VAL A 1 63  ? 2.904   -6.658  3.236   1.00 14.25 ? 63  VAL A C   1 
ATOM   497 O O   . VAL A 1 63  ? 2.273   -7.729  3.244   1.00 13.52 ? 63  VAL A O   1 
ATOM   498 C CB  . VAL A 1 63  ? 2.202   -5.210  1.264   1.00 15.35 ? 63  VAL A CB  1 
ATOM   499 C CG1 . VAL A 1 63  ? 1.656   -6.461  0.577   1.00 16.55 ? 63  VAL A CG1 1 
ATOM   500 C CG2 . VAL A 1 63  ? 1.338   -3.995  0.924   1.00 14.72 ? 63  VAL A CG2 1 
ATOM   501 N N   . ALA A 1 64  ? 4.175   -6.556  3.641   1.00 14.38 ? 64  ALA A N   1 
ATOM   502 C CA  . ALA A 1 64  ? 4.925   -7.743  4.113   1.00 14.35 ? 64  ALA A CA  1 
ATOM   503 C C   . ALA A 1 64  ? 4.241   -8.412  5.314   1.00 15.46 ? 64  ALA A C   1 
ATOM   504 O O   . ALA A 1 64  ? 4.317   -9.646  5.536   1.00 16.44 ? 64  ALA A O   1 
ATOM   505 C CB  . ALA A 1 64  ? 6.337   -7.322  4.511   1.00 13.26 ? 64  ALA A CB  1 
ATOM   506 N N   . GLN A 1 65  ? 3.537   -7.594  6.062   1.00 15.08 ? 65  GLN A N   1 
ATOM   507 C CA  . GLN A 1 65  ? 2.845   -8.029  7.271   1.00 15.67 ? 65  GLN A CA  1 
ATOM   508 C C   . GLN A 1 65  ? 1.430   -8.596  7.031   1.00 14.13 ? 65  GLN A C   1 
ATOM   509 O O   . GLN A 1 65  ? 0.795   -9.060  7.967   1.00 14.72 ? 65  GLN A O   1 
ATOM   510 C CB  . GLN A 1 65  ? 2.624   -6.823  8.173   1.00 16.42 ? 65  GLN A CB  1 
ATOM   511 C CG  . GLN A 1 65  ? 3.777   -6.238  8.845   1.00 21.40 ? 65  GLN A CG  1 
ATOM   512 C CD  . GLN A 1 65  ? 3.422   -4.877  9.424   1.00 21.44 ? 65  GLN A CD  1 
ATOM   513 O OE1 . GLN A 1 65  ? 2.426   -4.723  10.171  1.00 19.06 ? 65  GLN A OE1 1 
ATOM   514 N NE2 . GLN A 1 65  ? 4.232   -3.879  9.090   1.00 22.00 ? 65  GLN A NE2 1 
ATOM   515 N N   . MET A 1 66  ? 0.915   -8.450  5.823   1.00 13.64 ? 66  MET A N   1 
ATOM   516 C CA  . MET A 1 66  ? -0.460  -8.846  5.520   1.00 12.15 ? 66  MET A CA  1 
ATOM   517 C C   . MET A 1 66  ? -0.682  -10.265 4.998   1.00 12.96 ? 66  MET A C   1 
ATOM   518 O O   . MET A 1 66  ? 0.211   -10.881 4.424   1.00 12.42 ? 66  MET A O   1 
ATOM   519 C CB  . MET A 1 66  ? -1.083  -7.879  4.515   1.00 12.99 ? 66  MET A CB  1 
ATOM   520 C CG  . MET A 1 66  ? -1.125  -6.409  5.004   1.00 13.84 ? 66  MET A CG  1 
ATOM   521 S SD  . MET A 1 66  ? -1.692  -5.281  3.725   1.00 13.33 ? 66  MET A SD  1 
ATOM   522 C CE  . MET A 1 66  ? -3.373  -5.831  3.545   1.00 13.97 ? 66  MET A CE  1 
ATOM   523 N N   . SER A 1 67  ? -1.899  -10.764 5.150   1.00 11.72 ? 67  SER A N   1 
ATOM   524 C CA  . SER A 1 67  ? -2.112  -12.115 4.650   1.00 12.34 ? 67  SER A CA  1 
ATOM   525 C C   . SER A 1 67  ? -3.165  -12.078 3.579   1.00 13.10 ? 67  SER A C   1 
ATOM   526 O O   . SER A 1 67  ? -3.934  -11.150 3.505   1.00 12.33 ? 67  SER A O   1 
ATOM   527 C CB  . SER A 1 67  ? -2.522  -13.084 5.788   1.00 12.14 ? 67  SER A CB  1 
ATOM   528 O OG  . SER A 1 67  ? -3.727  -12.616 6.416   1.00 13.81 ? 67  SER A OG  1 
ATOM   529 N N   . VAL A 1 68  ? -3.222  -13.110 2.747   1.00 12.24 ? 68  VAL A N   1 
ATOM   530 C CA  . VAL A 1 68  ? -4.185  -13.101 1.673   1.00 14.21 ? 68  VAL A CA  1 
ATOM   531 C C   . VAL A 1 68  ? -5.611  -12.909 2.199   1.00 16.27 ? 68  VAL A C   1 
ATOM   532 O O   . VAL A 1 68  ? -5.995  -13.557 3.183   1.00 15.44 ? 68  VAL A O   1 
ATOM   533 C CB  . VAL A 1 68  ? -4.089  -14.396 0.896   1.00 14.16 ? 68  VAL A CB  1 
ATOM   534 C CG1 . VAL A 1 68  ? -5.192  -14.486 -0.178  1.00 13.24 ? 68  VAL A CG1 1 
ATOM   535 C CG2 . VAL A 1 68  ? -2.755  -14.419 0.244   1.00 14.75 ? 68  VAL A CG2 1 
ATOM   536 N N   . GLY A 1 69  ? -6.353  -12.014 1.540   1.00 14.86 ? 69  GLY A N   1 
ATOM   537 C CA  . GLY A 1 69  ? -7.703  -11.678 1.938   1.00 14.18 ? 69  GLY A CA  1 
ATOM   538 C C   . GLY A 1 69  ? -7.779  -10.524 2.936   1.00 13.79 ? 69  GLY A C   1 
ATOM   539 O O   . GLY A 1 69  ? -8.862  -10.040 3.246   1.00 16.11 ? 69  GLY A O   1 
ATOM   540 N N   . GLN A 1 70  ? -6.645  -10.031 3.414   1.00 12.99 ? 70  GLN A N   1 
ATOM   541 C CA  . GLN A 1 70  ? -6.695  -8.956  4.400   1.00 14.11 ? 70  GLN A CA  1 
ATOM   542 C C   . GLN A 1 70  ? -6.804  -7.628  3.682   1.00 14.61 ? 70  GLN A C   1 
ATOM   543 O O   . GLN A 1 70  ? -6.241  -7.451  2.602   1.00 14.20 ? 70  GLN A O   1 
ATOM   544 C CB  . GLN A 1 70  ? -5.452  -8.999  5.268   1.00 13.66 ? 70  GLN A CB  1 
ATOM   545 C CG  . GLN A 1 70  ? -5.309  -7.832  6.287   1.00 15.43 ? 70  GLN A CG  1 
ATOM   546 C CD  . GLN A 1 70  ? -4.065  -8.003  7.155   1.00 14.26 ? 70  GLN A CD  1 
ATOM   547 O OE1 . GLN A 1 70  ? -3.237  -8.909  6.932   1.00 13.27 ? 70  GLN A OE1 1 
ATOM   548 N NE2 . GLN A 1 70  ? -3.902  -7.123  8.131   1.00 13.84 ? 70  GLN A NE2 1 
ATOM   549 N N   . ARG A 1 71  ? -7.534  -6.702  4.310   1.00 14.23 ? 71  ARG A N   1 
ATOM   550 C CA  . ARG A 1 71  ? -7.730  -5.349  3.816   1.00 14.79 ? 71  ARG A CA  1 
ATOM   551 C C   . ARG A 1 71  ? -7.347  -4.550  5.066   1.00 16.04 ? 71  ARG A C   1 
ATOM   552 O O   . ARG A 1 71  ? -7.826  -4.804  6.165   1.00 17.12 ? 71  ARG A O   1 
ATOM   553 C CB  . ARG A 1 71  ? -9.194  -5.122  3.459   1.00 15.60 ? 71  ARG A CB  1 
ATOM   554 C CG  . ARG A 1 71  ? -9.422  -3.885  2.653   1.00 17.10 ? 71  ARG A CG  1 
ATOM   555 C CD  . ARG A 1 71  ? -10.853 -3.824  2.107   1.00 19.62 ? 71  ARG A CD  1 
ATOM   556 N NE  . ARG A 1 71  ? -10.966 -2.560  1.414   1.00 22.39 ? 71  ARG A NE  1 
ATOM   557 C CZ  . ARG A 1 71  ? -11.939 -2.239  0.582   1.00 23.38 ? 71  ARG A CZ  1 
ATOM   558 N NH1 . ARG A 1 71  ? -12.901 -3.111  0.335   1.00 23.10 ? 71  ARG A NH1 1 
ATOM   559 N NH2 . ARG A 1 71  ? -11.951 -1.032  0.010   1.00 23.66 ? 71  ARG A NH2 1 
ATOM   560 N N   . ALA A 1 72  ? -6.451  -3.608  4.873   1.00 15.49 ? 72  ALA A N   1 
ATOM   561 C CA  . ALA A 1 72  ? -5.909  -2.859  5.966   1.00 14.57 ? 72  ALA A CA  1 
ATOM   562 C C   . ALA A 1 72  ? -5.616  -1.444  5.555   1.00 13.61 ? 72  ALA A C   1 
ATOM   563 O O   . ALA A 1 72  ? -5.468  -1.136  4.361   1.00 14.39 ? 72  ALA A O   1 
ATOM   564 C CB  . ALA A 1 72  ? -4.596  -3.521  6.427   1.00 14.24 ? 72  ALA A CB  1 
ATOM   565 N N   . LYS A 1 73  ? -5.517  -0.610  6.585   1.00 12.72 ? 73  LYS A N   1 
ATOM   566 C CA  . LYS A 1 73  ? -5.174  0.796   6.433   1.00 14.34 ? 73  LYS A CA  1 
ATOM   567 C C   . LYS A 1 73  ? -3.673  0.882   6.712   1.00 14.39 ? 73  LYS A C   1 
ATOM   568 O O   . LYS A 1 73  ? -3.186  0.404   7.744   1.00 14.36 ? 73  LYS A O   1 
ATOM   569 C CB  . LYS A 1 73  ? -5.908  1.669   7.481   1.00 15.05 ? 73  LYS A CB  1 
ATOM   570 C CG  . LYS A 1 73  ? -5.523  3.131   7.352   1.00 16.20 ? 73  LYS A CG  1 
ATOM   571 C CD  . LYS A 1 73  ? -6.243  4.075   8.289   1.00 18.66 ? 73  LYS A CD  1 
ATOM   572 C CE  . LYS A 1 73  ? -5.814  3.910   9.710   1.00 20.31 ? 73  LYS A CE  1 
ATOM   573 N NZ  . LYS A 1 73  ? -6.380  5.004   10.568  1.00 20.31 ? 73  LYS A NZ  1 
ATOM   574 N N   . LEU A 1 74  ? -2.928  1.485   5.794   1.00 14.61 ? 74  LEU A N   1 
ATOM   575 C CA  . LEU A 1 74  ? -1.478  1.709   5.987   1.00 14.25 ? 74  LEU A CA  1 
ATOM   576 C C   . LEU A 1 74  ? -1.252  3.237   6.106   1.00 13.50 ? 74  LEU A C   1 
ATOM   577 O O   . LEU A 1 74  ? -1.577  3.973   5.191   1.00 11.70 ? 74  LEU A O   1 
ATOM   578 C CB  . LEU A 1 74  ? -0.705  1.236   4.773   1.00 15.32 ? 74  LEU A CB  1 
ATOM   579 C CG  . LEU A 1 74  ? -0.242  -0.221  4.717   1.00 13.98 ? 74  LEU A CG  1 
ATOM   580 C CD1 . LEU A 1 74  ? -1.348  -1.163  4.653   1.00 16.05 ? 74  LEU A CD1 1 
ATOM   581 C CD2 . LEU A 1 74  ? 0.623   -0.345  3.487   1.00 14.03 ? 74  LEU A CD2 1 
ATOM   582 N N   . THR A 1 75  ? -0.695  3.715   7.208   1.00 13.57 ? 75  THR A N   1 
ATOM   583 C CA  . THR A 1 75  ? -0.472  5.165   7.383   1.00 13.32 ? 75  THR A CA  1 
ATOM   584 C C   . THR A 1 75  ? 1.036   5.251   7.284   1.00 14.63 ? 75  THR A C   1 
ATOM   585 O O   . THR A 1 75  ? 1.726   4.614   8.035   1.00 14.55 ? 75  THR A O   1 
ATOM   586 C CB  . THR A 1 75  ? -0.990  5.590   8.726   1.00 13.80 ? 75  THR A CB  1 
ATOM   587 O OG1 . THR A 1 75  ? -2.388  5.313   8.760   1.00 13.92 ? 75  THR A OG1 1 
ATOM   588 C CG2 . THR A 1 75  ? -0.723  7.060   8.971   1.00 12.27 ? 75  THR A CG2 1 
ATOM   589 N N   . ILE A 1 76  ? 1.515   6.060   6.341   1.00 14.01 ? 76  ILE A N   1 
ATOM   590 C CA  . ILE A 1 76  ? 2.944   6.104   5.969   1.00 12.81 ? 76  ILE A CA  1 
ATOM   591 C C   . ILE A 1 76  ? 3.507   7.503   6.082   1.00 14.39 ? 76  ILE A C   1 
ATOM   592 O O   . ILE A 1 76  ? 2.938   8.424   5.511   1.00 14.09 ? 76  ILE A O   1 
ATOM   593 C CB  . ILE A 1 76  ? 3.051   5.614   4.478   1.00 12.74 ? 76  ILE A CB  1 
ATOM   594 C CG1 . ILE A 1 76  ? 2.318   4.245   4.359   1.00 11.64 ? 76  ILE A CG1 1 
ATOM   595 C CG2 . ILE A 1 76  ? 4.538   5.665   3.995   1.00 11.72 ? 76  ILE A CG2 1 
ATOM   596 C CD1 . ILE A 1 76  ? 2.325   3.539   2.948   1.00 10.90 ? 76  ILE A CD1 1 
ATOM   597 N N   . SER A 1 77  ? 4.601   7.659   6.831   1.00 14.39 ? 77  SER A N   1 
ATOM   598 C CA  . SER A 1 77  ? 5.245   8.966   7.035   1.00 14.68 ? 77  SER A CA  1 
ATOM   599 C C   . SER A 1 77  ? 5.856   9.349   5.711   1.00 14.56 ? 77  SER A C   1 
ATOM   600 O O   . SER A 1 77  ? 6.153   8.504   4.869   1.00 14.64 ? 77  SER A O   1 
ATOM   601 C CB  . SER A 1 77  ? 6.305   8.849   8.152   1.00 17.25 ? 77  SER A CB  1 
ATOM   602 O OG  . SER A 1 77  ? 7.294   7.899   7.802   1.00 17.38 ? 77  SER A OG  1 
ATOM   603 N N   . PRO A 1 78  ? 6.085   10.638  5.491   1.00 15.41 ? 78  PRO A N   1 
ATOM   604 C CA  . PRO A 1 78  ? 6.656   11.042  4.219   1.00 14.81 ? 78  PRO A CA  1 
ATOM   605 C C   . PRO A 1 78  ? 7.958   10.377  3.822   1.00 14.81 ? 78  PRO A C   1 
ATOM   606 O O   . PRO A 1 78  ? 8.163   10.114  2.636   1.00 14.60 ? 78  PRO A O   1 
ATOM   607 C CB  . PRO A 1 78  ? 6.824   12.565  4.365   1.00 14.36 ? 78  PRO A CB  1 
ATOM   608 C CG  . PRO A 1 78  ? 5.783   12.946  5.353   1.00 15.88 ? 78  PRO A CG  1 
ATOM   609 C CD  . PRO A 1 78  ? 5.787   11.798  6.356   1.00 14.70 ? 78  PRO A CD  1 
ATOM   610 N N   . ASP A 1 79  ? 8.835   10.122  4.793   1.00 14.58 ? 79  ASP A N   1 
ATOM   611 C CA  . ASP A 1 79  ? 10.146  9.564   4.475   1.00 15.72 ? 79  ASP A CA  1 
ATOM   612 C C   . ASP A 1 79  ? 10.032  8.129   4.047   1.00 14.19 ? 79  ASP A C   1 
ATOM   613 O O   . ASP A 1 79  ? 11.017  7.559   3.567   1.00 15.61 ? 79  ASP A O   1 
ATOM   614 C CB  . ASP A 1 79  ? 11.122  9.707   5.668   1.00 15.29 ? 79  ASP A CB  1 
ATOM   615 C CG  . ASP A 1 79  ? 10.580  9.086   6.998   1.00 16.19 ? 79  ASP A CG  1 
ATOM   616 O OD1 . ASP A 1 79  ? 9.467   9.459   7.463   1.00 17.11 ? 79  ASP A OD1 1 
ATOM   617 O OD2 . ASP A 1 79  ? 11.286  8.243   7.595   1.00 16.80 ? 79  ASP A OD2 1 
ATOM   618 N N   . TYR A 1 80  ? 8.866   7.538   4.295   1.00 14.18 ? 80  TYR A N   1 
ATOM   619 C CA  . TYR A 1 80  ? 8.576   6.164   3.873   1.00 14.17 ? 80  TYR A CA  1 
ATOM   620 C C   . TYR A 1 80  ? 7.710   6.171   2.612   1.00 15.27 ? 80  TYR A C   1 
ATOM   621 O O   . TYR A 1 80  ? 7.190   5.118   2.167   1.00 15.35 ? 80  TYR A O   1 
ATOM   622 C CB  . TYR A 1 80  ? 7.877   5.396   5.000   1.00 15.86 ? 80  TYR A CB  1 
ATOM   623 C CG  . TYR A 1 80  ? 8.846   4.696   5.908   1.00 16.12 ? 80  TYR A CG  1 
ATOM   624 C CD1 . TYR A 1 80  ? 9.874   5.396   6.508   1.00 16.98 ? 80  TYR A CD1 1 
ATOM   625 C CD2 . TYR A 1 80  ? 8.749   3.337   6.147   1.00 16.61 ? 80  TYR A CD2 1 
ATOM   626 C CE1 . TYR A 1 80  ? 10.790  4.772   7.322   1.00 16.72 ? 80  TYR A CE1 1 
ATOM   627 C CE2 . TYR A 1 80  ? 9.663   2.693   6.969   1.00 18.19 ? 80  TYR A CE2 1 
ATOM   628 C CZ  . TYR A 1 80  ? 10.683  3.427   7.550   1.00 18.24 ? 80  TYR A CZ  1 
ATOM   629 O OH  . TYR A 1 80  ? 11.600  2.802   8.360   1.00 18.93 ? 80  TYR A OH  1 
ATOM   630 N N   . ALA A 1 81  ? 7.573   7.359   2.030   1.00 14.33 ? 81  ALA A N   1 
ATOM   631 C CA  . ALA A 1 81  ? 6.795   7.567   0.823   1.00 15.63 ? 81  ALA A CA  1 
ATOM   632 C C   . ALA A 1 81  ? 7.581   8.513   -0.108  1.00 16.44 ? 81  ALA A C   1 
ATOM   633 O O   . ALA A 1 81  ? 8.648   8.145   -0.543  1.00 16.87 ? 81  ALA A O   1 
ATOM   634 C CB  . ALA A 1 81  ? 5.440   8.150   1.173   1.00 15.08 ? 81  ALA A CB  1 
ATOM   635 N N   . TYR A 1 82  ? 7.100   9.737   -0.357  1.00 15.17 ? 82  TYR A N   1 
ATOM   636 C CA  . TYR A 1 82  ? 7.775   10.603  -1.281  1.00 16.44 ? 82  TYR A CA  1 
ATOM   637 C C   . TYR A 1 82  ? 8.571   11.775  -0.738  1.00 17.66 ? 82  TYR A C   1 
ATOM   638 O O   . TYR A 1 82  ? 9.000   12.636  -1.499  1.00 18.11 ? 82  TYR A O   1 
ATOM   639 C CB  . TYR A 1 82  ? 6.783   11.060  -2.365  1.00 15.06 ? 82  TYR A CB  1 
ATOM   640 C CG  . TYR A 1 82  ? 6.214   9.842   -3.074  1.00 13.62 ? 82  TYR A CG  1 
ATOM   641 C CD1 . TYR A 1 82  ? 5.037   9.260   -2.642  1.00 13.18 ? 82  TYR A CD1 1 
ATOM   642 C CD2 . TYR A 1 82  ? 6.894   9.241   -4.135  1.00 14.97 ? 82  TYR A CD2 1 
ATOM   643 C CE1 . TYR A 1 82  ? 4.523   8.128   -3.231  1.00 12.92 ? 82  TYR A CE1 1 
ATOM   644 C CE2 . TYR A 1 82  ? 6.412   8.066   -4.753  1.00 14.45 ? 82  TYR A CE2 1 
ATOM   645 C CZ  . TYR A 1 82  ? 5.200   7.521   -4.284  1.00 14.67 ? 82  TYR A CZ  1 
ATOM   646 O OH  . TYR A 1 82  ? 4.650   6.398   -4.864  1.00 13.83 ? 82  TYR A OH  1 
ATOM   647 N N   . GLY A 1 83  ? 8.726   11.800  0.577   1.00 18.09 ? 83  GLY A N   1 
ATOM   648 C CA  . GLY A 1 83  ? 9.544   12.805  1.249   1.00 18.53 ? 83  GLY A CA  1 
ATOM   649 C C   . GLY A 1 83  ? 9.327   14.245  0.887   1.00 18.33 ? 83  GLY A C   1 
ATOM   650 O O   . GLY A 1 83  ? 8.208   14.681  0.594   1.00 18.10 ? 83  GLY A O   1 
ATOM   651 N N   . ALA A 1 84  ? 10.420  15.008  0.914   1.00 19.64 ? 84  ALA A N   1 
ATOM   652 C CA  . ALA A 1 84  ? 10.321  16.427  0.625   1.00 18.93 ? 84  ALA A CA  1 
ATOM   653 C C   . ALA A 1 84  ? 9.930   16.722  -0.798  1.00 18.62 ? 84  ALA A C   1 
ATOM   654 O O   . ALA A 1 84  ? 9.393   17.773  -1.077  1.00 18.61 ? 84  ALA A O   1 
ATOM   655 C CB  . ALA A 1 84  ? 11.672  17.138  0.960   1.00 19.21 ? 84  ALA A CB  1 
ATOM   656 N N   . THR A 1 85  ? 10.213  15.813  -1.714  1.00 18.58 ? 85  THR A N   1 
ATOM   657 C CA  . THR A 1 85  ? 9.895   16.092  -3.119  1.00 19.64 ? 85  THR A CA  1 
ATOM   658 C C   . THR A 1 85  ? 8.448   15.842  -3.524  1.00 18.30 ? 85  THR A C   1 
ATOM   659 O O   . THR A 1 85  ? 7.923   16.557  -4.375  1.00 16.58 ? 85  THR A O   1 
ATOM   660 C CB  . THR A 1 85  ? 10.802  15.272  -4.077  1.00 21.23 ? 85  THR A CB  1 
ATOM   661 O OG1 . THR A 1 85  ? 12.156  15.682  -3.889  1.00 21.72 ? 85  THR A OG1 1 
ATOM   662 C CG2 . THR A 1 85  ? 10.419  15.484  -5.553  1.00 21.17 ? 85  THR A CG2 1 
ATOM   663 N N   . GLY A 1 86  ? 7.827   14.836  -2.905  1.00 15.48 ? 86  GLY A N   1 
ATOM   664 C CA  . GLY A 1 86  ? 6.463   14.470  -3.253  1.00 15.98 ? 86  GLY A CA  1 
ATOM   665 C C   . GLY A 1 86  ? 6.531   13.880  -4.642  1.00 15.96 ? 86  GLY A C   1 
ATOM   666 O O   . GLY A 1 86  ? 7.614   13.495  -5.071  1.00 16.97 ? 86  GLY A O   1 
ATOM   667 N N   . HIS A 1 87  ? 5.398   13.752  -5.322  1.00 14.86 ? 87  HIS A N   1 
ATOM   668 C CA  . HIS A 1 87  ? 5.411   13.287  -6.712  1.00 15.68 ? 87  HIS A CA  1 
ATOM   669 C C   . HIS A 1 87  ? 4.620   14.353  -7.478  1.00 16.46 ? 87  HIS A C   1 
ATOM   670 O O   . HIS A 1 87  ? 3.399   14.480  -7.309  1.00 15.74 ? 87  HIS A O   1 
ATOM   671 C CB  . HIS A 1 87  ? 4.719   11.951  -6.855  1.00 14.71 ? 87  HIS A CB  1 
ATOM   672 C CG  . HIS A 1 87  ? 4.916   11.371  -8.204  1.00 16.17 ? 87  HIS A CG  1 
ATOM   673 N ND1 . HIS A 1 87  ? 5.820   10.358  -8.460  1.00 18.03 ? 87  HIS A ND1 1 
ATOM   674 C CD2 . HIS A 1 87  ? 4.439   11.763  -9.401  1.00 15.91 ? 87  HIS A CD2 1 
ATOM   675 C CE1 . HIS A 1 87  ? 5.890   10.158  -9.763  1.00 16.13 ? 87  HIS A CE1 1 
ATOM   676 N NE2 . HIS A 1 87  ? 5.060   10.999  -10.359 1.00 18.04 ? 87  HIS A NE2 1 
ATOM   677 N N   . PRO A 1 88  ? 5.295   15.142  -8.323  1.00 17.90 ? 88  PRO A N   1 
ATOM   678 C CA  . PRO A 1 88  ? 4.620   16.198  -9.074  1.00 17.37 ? 88  PRO A CA  1 
ATOM   679 C C   . PRO A 1 88  ? 3.268   15.882  -9.664  1.00 17.70 ? 88  PRO A C   1 
ATOM   680 O O   . PRO A 1 88  ? 3.104   14.881  -10.368 1.00 17.86 ? 88  PRO A O   1 
ATOM   681 C CB  . PRO A 1 88  ? 5.635   16.544  -10.146 1.00 19.70 ? 88  PRO A CB  1 
ATOM   682 C CG  . PRO A 1 88  ? 6.901   16.490  -9.312  1.00 22.11 ? 88  PRO A CG  1 
ATOM   683 C CD  . PRO A 1 88  ? 6.747   15.158  -8.598  1.00 19.90 ? 88  PRO A CD  1 
ATOM   684 N N   . GLY A 1 89  ? 2.299   16.758  -9.394  1.00 16.23 ? 89  GLY A N   1 
ATOM   685 C CA  . GLY A 1 89  ? 0.989   16.527  -9.944  1.00 16.74 ? 89  GLY A CA  1 
ATOM   686 C C   . GLY A 1 89  ? 0.006   15.615  -9.237  1.00 16.33 ? 89  GLY A C   1 
ATOM   687 O O   . GLY A 1 89  ? -1.127  15.467  -9.719  1.00 15.63 ? 89  GLY A O   1 
ATOM   688 N N   . ILE A 1 90  ? 0.388   14.995  -8.125  1.00 16.06 ? 90  ILE A N   1 
ATOM   689 C CA  . ILE A 1 90  ? -0.559  14.137  -7.388  1.00 17.28 ? 90  ILE A CA  1 
ATOM   690 C C   . ILE A 1 90  ? -0.279  14.123  -5.899  1.00 16.30 ? 90  ILE A C   1 
ATOM   691 O O   . ILE A 1 90  ? -1.202  14.036  -5.111  1.00 16.91 ? 90  ILE A O   1 
ATOM   692 C CB  . ILE A 1 90  ? -0.541  12.597  -7.651  1.00 17.41 ? 90  ILE A CB  1 
ATOM   693 C CG1 . ILE A 1 90  ? 0.622   12.232  -8.490  1.00 19.76 ? 90  ILE A CG1 1 
ATOM   694 C CG2 . ILE A 1 90  ? -1.925  12.049  -7.904  1.00 19.56 ? 90  ILE A CG2 1 
ATOM   695 C CD1 . ILE A 1 90  ? 1.554   11.606  -7.628  1.00 19.56 ? 90  ILE A CD1 1 
ATOM   696 N N   . ILE A 1 91  ? 0.998   14.115  -5.512  1.00 15.97 ? 91  ILE A N   1 
ATOM   697 C CA  . ILE A 1 91  ? 1.328   14.078  -4.107  1.00 14.34 ? 91  ILE A CA  1 
ATOM   698 C C   . ILE A 1 91  ? 2.229   15.248  -3.752  1.00 15.41 ? 91  ILE A C   1 
ATOM   699 O O   . ILE A 1 91  ? 3.346   15.392  -4.238  1.00 14.60 ? 91  ILE A O   1 
ATOM   700 C CB  . ILE A 1 91  ? 2.005   12.727  -3.742  1.00 14.86 ? 91  ILE A CB  1 
ATOM   701 C CG1 . ILE A 1 91  ? 1.045   11.557  -4.080  1.00 14.51 ? 91  ILE A CG1 1 
ATOM   702 C CG2 . ILE A 1 91  ? 2.448   12.769  -2.292  1.00 14.95 ? 91  ILE A CG2 1 
ATOM   703 C CD1 . ILE A 1 91  ? 1.673   10.175  -3.958  1.00 16.92 ? 91  ILE A CD1 1 
ATOM   704 N N   . PRO A 1 92  ? 1.747   16.112  -2.873  1.00 14.37 ? 92  PRO A N   1 
ATOM   705 C CA  . PRO A 1 92  ? 2.534   17.281  -2.478  1.00 15.60 ? 92  PRO A CA  1 
ATOM   706 C C   . PRO A 1 92  ? 3.747   16.929  -1.643  1.00 15.80 ? 92  PRO A C   1 
ATOM   707 O O   . PRO A 1 92  ? 3.840   15.827  -1.114  1.00 15.80 ? 92  PRO A O   1 
ATOM   708 C CB  . PRO A 1 92  ? 1.554   18.107  -1.623  1.00 14.89 ? 92  PRO A CB  1 
ATOM   709 C CG  . PRO A 1 92  ? 0.186   17.686  -2.119  1.00 16.47 ? 92  PRO A CG  1 
ATOM   710 C CD  . PRO A 1 92  ? 0.363   16.168  -2.386  1.00 16.12 ? 92  PRO A CD  1 
ATOM   711 N N   . PRO A 1 93  ? 4.691   17.873  -1.511  1.00 16.51 ? 93  PRO A N   1 
ATOM   712 C CA  . PRO A 1 93  ? 5.888   17.646  -0.698  1.00 15.85 ? 93  PRO A CA  1 
ATOM   713 C C   . PRO A 1 93  ? 5.426   17.350  0.749   1.00 16.53 ? 93  PRO A C   1 
ATOM   714 O O   . PRO A 1 93  ? 4.362   17.810  1.132   1.00 16.82 ? 93  PRO A O   1 
ATOM   715 C CB  . PRO A 1 93  ? 6.592   19.007  -0.727  1.00 17.21 ? 93  PRO A CB  1 
ATOM   716 C CG  . PRO A 1 93  ? 6.233   19.566  -2.119  1.00 15.84 ? 93  PRO A CG  1 
ATOM   717 C CD  . PRO A 1 93  ? 4.757   19.161  -2.250  1.00 15.50 ? 93  PRO A CD  1 
ATOM   718 N N   . HIS A 1 94  ? 6.241   16.627  1.523   1.00 16.79 ? 94  HIS A N   1 
ATOM   719 C CA  . HIS A 1 94  ? 6.006   16.308  2.943   1.00 15.41 ? 94  HIS A CA  1 
ATOM   720 C C   . HIS A 1 94  ? 4.652   15.661  3.267   1.00 15.46 ? 94  HIS A C   1 
ATOM   721 O O   . HIS A 1 94  ? 4.098   15.874  4.343   1.00 15.27 ? 94  HIS A O   1 
ATOM   722 C CB  . HIS A 1 94  ? 6.202   17.617  3.744   1.00 16.63 ? 94  HIS A CB  1 
ATOM   723 C CG  . HIS A 1 94  ? 7.507   18.299  3.449   1.00 18.79 ? 94  HIS A CG  1 
ATOM   724 N ND1 . HIS A 1 94  ? 8.732   17.747  3.779   1.00 19.94 ? 94  HIS A ND1 1 
ATOM   725 C CD2 . HIS A 1 94  ? 7.781   19.487  2.860   1.00 22.60 ? 94  HIS A CD2 1 
ATOM   726 C CE1 . HIS A 1 94  ? 9.698   18.572  3.414   1.00 20.56 ? 94  HIS A CE1 1 
ATOM   727 N NE2 . HIS A 1 94  ? 9.147   19.636  2.858   1.00 21.88 ? 94  HIS A NE2 1 
ATOM   728 N N   . ALA A 1 95  ? 4.135   14.843  2.363   1.00 15.45 ? 95  ALA A N   1 
ATOM   729 C CA  . ALA A 1 95  ? 2.821   14.228  2.576   1.00 15.53 ? 95  ALA A CA  1 
ATOM   730 C C   . ALA A 1 95  ? 2.810   12.885  3.295   1.00 15.35 ? 95  ALA A C   1 
ATOM   731 O O   . ALA A 1 95  ? 3.577   11.983  2.956   1.00 13.95 ? 95  ALA A O   1 
ATOM   732 C CB  . ALA A 1 95  ? 2.092   14.097  1.223   1.00 16.93 ? 95  ALA A CB  1 
ATOM   733 N N   . THR A 1 96  ? 1.988   12.795  4.341   1.00 14.25 ? 96  THR A N   1 
ATOM   734 C CA  . THR A 1 96  ? 1.797   11.534  5.061   1.00 14.29 ? 96  THR A CA  1 
ATOM   735 C C   . THR A 1 96  ? 0.691   10.922  4.236   1.00 15.46 ? 96  THR A C   1 
ATOM   736 O O   . THR A 1 96  ? -0.306  11.614  3.935   1.00 15.53 ? 96  THR A O   1 
ATOM   737 C CB  . THR A 1 96  ? 1.319   11.809  6.493   1.00 14.06 ? 96  THR A CB  1 
ATOM   738 O OG1 . THR A 1 96  ? 2.428   12.293  7.238   1.00 15.26 ? 96  THR A OG1 1 
ATOM   739 C CG2 . THR A 1 96  ? 0.797   10.579  7.175   1.00 13.01 ? 96  THR A CG2 1 
ATOM   740 N N   . LEU A 1 97  ? 0.811   9.643   3.897   1.00 15.10 ? 97  LEU A N   1 
ATOM   741 C CA  . LEU A 1 97  ? -0.194  9.006   3.045   1.00 12.52 ? 97  LEU A CA  1 
ATOM   742 C C   . LEU A 1 97  ? -0.924  7.929   3.789   1.00 12.23 ? 97  LEU A C   1 
ATOM   743 O O   . LEU A 1 97  ? -0.339  7.313   4.715   1.00 11.79 ? 97  LEU A O   1 
ATOM   744 C CB  . LEU A 1 97  ? 0.474   8.402   1.803   1.00 13.56 ? 97  LEU A CB  1 
ATOM   745 C CG  . LEU A 1 97  ? 1.384   9.308   0.992   1.00 12.61 ? 97  LEU A CG  1 
ATOM   746 C CD1 . LEU A 1 97  ? 1.813   8.557   -0.268  1.00 14.27 ? 97  LEU A CD1 1 
ATOM   747 C CD2 . LEU A 1 97  ? 0.623   10.570  0.540   1.00 14.89 ? 97  LEU A CD2 1 
ATOM   748 N N   . VAL A 1 98  ? -2.207  7.749   3.451   1.00 11.69 ? 98  VAL A N   1 
ATOM   749 C CA  . VAL A 1 98  ? -3.050  6.711   4.069   1.00 13.11 ? 98  VAL A CA  1 
ATOM   750 C C   . VAL A 1 98  ? -3.610  5.924   2.908   1.00 12.69 ? 98  VAL A C   1 
ATOM   751 O O   . VAL A 1 98  ? -4.233  6.490   1.994   1.00 14.41 ? 98  VAL A O   1 
ATOM   752 C CB  . VAL A 1 98  ? -4.191  7.297   4.815   1.00 13.32 ? 98  VAL A CB  1 
ATOM   753 C CG1 . VAL A 1 98  ? -5.084  6.215   5.359   1.00 15.72 ? 98  VAL A CG1 1 
ATOM   754 C CG2 . VAL A 1 98  ? -3.636  8.152   5.948   1.00 15.86 ? 98  VAL A CG2 1 
ATOM   755 N N   . PHE A 1 99  ? -3.339  4.627   2.929   1.00 13.15 ? 99  PHE A N   1 
ATOM   756 C CA  . PHE A 1 99  ? -3.821  3.714   1.908   1.00 14.07 ? 99  PHE A CA  1 
ATOM   757 C C   . PHE A 1 99  ? -4.753  2.668   2.514   1.00 14.06 ? 99  PHE A C   1 
ATOM   758 O O   . PHE A 1 99  ? -4.485  2.155   3.601   1.00 13.66 ? 99  PHE A O   1 
ATOM   759 C CB  . PHE A 1 99  ? -2.675  2.888   1.295   1.00 13.49 ? 99  PHE A CB  1 
ATOM   760 C CG  . PHE A 1 99  ? -1.760  3.671   0.402   1.00 11.17 ? 99  PHE A CG  1 
ATOM   761 C CD1 . PHE A 1 99  ? -0.685  4.368   0.939   1.00 11.32 ? 99  PHE A CD1 1 
ATOM   762 C CD2 . PHE A 1 99  ? -1.993  3.714   -0.984  1.00 12.05 ? 99  PHE A CD2 1 
ATOM   763 C CE1 . PHE A 1 99  ? 0.188   5.101   0.120   1.00 13.12 ? 99  PHE A CE1 1 
ATOM   764 C CE2 . PHE A 1 99  ? -1.142  4.440   -1.820  1.00 12.87 ? 99  PHE A CE2 1 
ATOM   765 C CZ  . PHE A 1 99  ? -0.035  5.137   -1.272  1.00 11.82 ? 99  PHE A CZ  1 
ATOM   766 N N   . ASP A 1 100 ? -5.773  2.305   1.742   1.00 12.75 ? 100 ASP A N   1 
ATOM   767 C CA  . ASP A 1 100 ? -6.684  1.225   2.075   1.00 13.53 ? 100 ASP A CA  1 
ATOM   768 C C   . ASP A 1 100 ? -6.157  0.184   1.103   1.00 13.66 ? 100 ASP A C   1 
ATOM   769 O O   . ASP A 1 100 ? -6.268  0.397   -0.083  1.00 14.03 ? 100 ASP A O   1 
ATOM   770 C CB  . ASP A 1 100 ? -8.106  1.651   1.677   1.00 15.05 ? 100 ASP A CB  1 
ATOM   771 C CG  . ASP A 1 100 ? -9.129  0.560   1.942   1.00 16.49 ? 100 ASP A CG  1 
ATOM   772 O OD1 . ASP A 1 100 ? -8.846  -0.619  1.689   1.00 17.20 ? 100 ASP A OD1 1 
ATOM   773 O OD2 . ASP A 1 100 ? -10.242 0.917   2.390   1.00 17.93 ? 100 ASP A OD2 1 
ATOM   774 N N   . VAL A 1 101 ? -5.527  -0.893  1.594   1.00 11.85 ? 101 VAL A N   1 
ATOM   775 C CA  . VAL A 1 101 ? -4.971  -1.899  0.709   1.00 13.58 ? 101 VAL A CA  1 
ATOM   776 C C   . VAL A 1 101 ? -5.587  -3.249  0.998   1.00 13.69 ? 101 VAL A C   1 
ATOM   777 O O   . VAL A 1 101 ? -5.673  -3.628  2.153   1.00 12.64 ? 101 VAL A O   1 
ATOM   778 C CB  . VAL A 1 101 ? -3.428  -2.071  0.934   1.00 11.42 ? 101 VAL A CB  1 
ATOM   779 C CG1 . VAL A 1 101 ? -2.846  -3.087  -0.109  1.00 14.91 ? 101 VAL A CG1 1 
ATOM   780 C CG2 . VAL A 1 101 ? -2.730  -0.722  0.802   1.00 12.90 ? 101 VAL A CG2 1 
ATOM   781 N N   . GLU A 1 102 ? -5.966  -3.982  -0.059  1.00 13.10 ? 102 GLU A N   1 
ATOM   782 C CA  . GLU A 1 102 ? -6.512  -5.330  0.109   1.00 12.61 ? 102 GLU A CA  1 
ATOM   783 C C   . GLU A 1 102 ? -5.578  -6.280  -0.640  1.00 12.53 ? 102 GLU A C   1 
ATOM   784 O O   . GLU A 1 102 ? -5.395  -6.124  -1.851  1.00 13.36 ? 102 GLU A O   1 
ATOM   785 C CB  . GLU A 1 102 ? -7.939  -5.433  -0.454  1.00 13.43 ? 102 GLU A CB  1 
ATOM   786 C CG  . GLU A 1 102 ? -8.564  -6.803  -0.199  1.00 12.51 ? 102 GLU A CG  1 
ATOM   787 C CD  . GLU A 1 102 ? -9.959  -6.973  -0.797  1.00 16.89 ? 102 GLU A CD  1 
ATOM   788 O OE1 . GLU A 1 102 ? -10.488 -8.108  -0.664  1.00 15.95 ? 102 GLU A OE1 1 
ATOM   789 O OE2 . GLU A 1 102 ? -10.531 -5.990  -1.369  1.00 17.15 ? 102 GLU A OE2 1 
ATOM   790 N N   . LEU A 1 103 ? -4.952  -7.209  0.083   1.00 11.32 ? 103 LEU A N   1 
ATOM   791 C CA  . LEU A 1 103 ? -4.067  -8.221  -0.533  1.00 11.16 ? 103 LEU A CA  1 
ATOM   792 C C   . LEU A 1 103 ? -4.969  -9.316  -1.099  1.00 12.08 ? 103 LEU A C   1 
ATOM   793 O O   . LEU A 1 103 ? -5.463  -10.192 -0.386  1.00 13.12 ? 103 LEU A O   1 
ATOM   794 C CB  . LEU A 1 103 ? -3.054  -8.771  0.491   1.00 11.03 ? 103 LEU A CB  1 
ATOM   795 C CG  . LEU A 1 103 ? -2.091  -9.842  -0.087  1.00 12.80 ? 103 LEU A CG  1 
ATOM   796 C CD1 . LEU A 1 103 ? -1.216  -9.218  -1.186  1.00 14.96 ? 103 LEU A CD1 1 
ATOM   797 C CD2 . LEU A 1 103 ? -1.170  -10.368 1.025   1.00 13.68 ? 103 LEU A CD2 1 
ATOM   798 N N   . LEU A 1 104 ? -5.138  -9.312  -2.422  1.00 11.95 ? 104 LEU A N   1 
ATOM   799 C CA  . LEU A 1 104 ? -6.064  -10.229 -3.070  1.00 12.36 ? 104 LEU A CA  1 
ATOM   800 C C   . LEU A 1 104 ? -5.553  -11.615 -3.365  1.00 13.79 ? 104 LEU A C   1 
ATOM   801 O O   . LEU A 1 104 ? -6.322  -12.582 -3.307  1.00 14.40 ? 104 LEU A O   1 
ATOM   802 C CB  . LEU A 1 104 ? -6.537  -9.635  -4.395  1.00 12.83 ? 104 LEU A CB  1 
ATOM   803 C CG  . LEU A 1 104 ? -7.061  -8.218  -4.303  1.00 11.64 ? 104 LEU A CG  1 
ATOM   804 C CD1 . LEU A 1 104 ? -6.937  -7.589  -5.695  1.00 15.32 ? 104 LEU A CD1 1 
ATOM   805 C CD2 . LEU A 1 104 ? -8.451  -8.233  -3.750  1.00 12.32 ? 104 LEU A CD2 1 
ATOM   806 N N   . LYS A 1 105 ? -4.257  -11.709 -3.647  1.00 13.38 ? 105 LYS A N   1 
ATOM   807 C CA  . LYS A 1 105 ? -3.687  -12.982 -4.027  1.00 14.14 ? 105 LYS A CA  1 
ATOM   808 C C   . LYS A 1 105 ? -2.166  -12.872 -4.036  1.00 15.22 ? 105 LYS A C   1 
ATOM   809 O O   . LYS A 1 105 ? -1.626  -11.776 -4.262  1.00 13.86 ? 105 LYS A O   1 
ATOM   810 C CB  . LYS A 1 105 ? -4.173  -13.265 -5.460  1.00 16.07 ? 105 LYS A CB  1 
ATOM   811 C CG  . LYS A 1 105 ? -3.630  -14.569 -6.093  1.00 16.99 ? 105 LYS A CG  1 
ATOM   812 C CD  . LYS A 1 105 ? -3.939  -14.650 -7.577  1.00 18.57 ? 105 LYS A CD  1 
ATOM   813 C CE  . LYS A 1 105 ? -3.701  -16.094 -8.053  1.00 22.03 ? 105 LYS A CE  1 
ATOM   814 N NZ  . LYS A 1 105 ? -3.873  -16.318 -9.545  1.00 22.32 ? 105 LYS A NZ  1 
ATOM   815 N N   . LEU A 1 106 ? -1.511  -14.005 -3.783  1.00 15.08 ? 106 LEU A N   1 
ATOM   816 C CA  . LEU A 1 106 ? -0.060  -14.083 -3.907  1.00 18.05 ? 106 LEU A CA  1 
ATOM   817 C C   . LEU A 1 106 ? 0.217   -15.082 -5.051  1.00 19.24 ? 106 LEU A C   1 
ATOM   818 O O   . LEU A 1 106 ? -0.352  -16.187 -5.046  1.00 22.33 ? 106 LEU A O   1 
ATOM   819 C CB  . LEU A 1 106 ? 0.562   -14.617 -2.630  1.00 16.86 ? 106 LEU A CB  1 
ATOM   820 C CG  . LEU A 1 106 ? 1.122   -13.718 -1.521  1.00 19.90 ? 106 LEU A CG  1 
ATOM   821 C CD1 . LEU A 1 106 ? 0.877   -12.283 -1.773  1.00 19.99 ? 106 LEU A CD1 1 
ATOM   822 C CD2 . LEU A 1 106 ? 0.645   -14.185 -0.193  1.00 18.86 ? 106 LEU A CD2 1 
ATOM   823 N N   . GLU A 1 107 ? 1.043   -14.676 -6.013  1.00 18.39 ? 107 GLU A N   1 
ATOM   824 C CA  . GLU A 1 107 ? 1.497   -15.554 -7.091  1.00 23.00 ? 107 GLU A CA  1 
ATOM   825 C C   . GLU A 1 107 ? 2.999   -15.858 -6.767  1.00 24.07 ? 107 GLU A C   1 
ATOM   826 O O   . GLU A 1 107 ? 3.939   -15.043 -7.202  1.00 25.80 ? 107 GLU A O   1 
ATOM   827 C CB  . GLU A 1 107 ? 1.472   -14.854 -8.451  1.00 21.52 ? 107 GLU A CB  1 
ATOM   828 C CG  . GLU A 1 107 ? 0.251   -14.009 -8.776  1.00 20.38 ? 107 GLU A CG  1 
ATOM   829 C CD  . GLU A 1 107 ? 0.402   -13.310 -10.123 1.00 21.95 ? 107 GLU A CD  1 
ATOM   830 O OE1 . GLU A 1 107 ? 1.555   -13.180 -10.571 1.00 23.45 ? 107 GLU A OE1 1 
ATOM   831 O OE2 . GLU A 1 107 ? -0.605  -12.871 -10.712 1.00 22.45 ? 107 GLU A OE2 1 
HETATM 832 S S1  . TST B 2 .   ? 1.839   1.235   -4.781  1.00 12.72 ? 201 TST A S1  1 
HETATM 833 C C1  . TST B 2 .   ? 0.433   2.004   -5.659  1.00 15.07 ? 201 TST A C1  1 
HETATM 834 C C2  . TST B 2 .   ? 1.215   3.137   -6.544  1.00 15.48 ? 201 TST A C2  1 
HETATM 835 N N1  . TST B 2 .   ? 1.447   4.272   -5.489  1.00 13.95 ? 201 TST A N1  1 
HETATM 836 C C3  . TST B 2 .   ? 2.655   3.764   -4.493  1.00 13.01 ? 201 TST A C3  1 
HETATM 837 C C4  . TST B 2 .   ? 2.045   2.401   -3.701  1.00 14.15 ? 201 TST A C4  1 
HETATM 838 C C5  . TST B 2 .   ? 4.142   3.515   -5.265  1.00 14.80 ? 201 TST A C5  1 
HETATM 839 N N2  . TST B 2 .   ? 4.187   3.838   -6.545  1.00 13.92 ? 201 TST A N2  1 
HETATM 840 O O1  . TST B 2 .   ? 4.889   2.903   -4.635  1.00 13.35 ? 201 TST A O1  1 
HETATM 841 C C6  . TST B 2 .   ? 5.257   3.377   -7.350  1.00 15.67 ? 201 TST A C6  1 
HETATM 842 C C7  . TST B 2 .   ? 4.913   3.484   -8.841  1.00 16.42 ? 201 TST A C7  1 
HETATM 843 C C8  . TST B 2 .   ? 6.632   4.160   -7.064  1.00 15.19 ? 201 TST A C8  1 
HETATM 844 O O2  . TST B 2 .   ? 6.632   5.190   -6.163  1.00 14.80 ? 201 TST A O2  1 
HETATM 845 O O3  . TST B 2 .   ? 7.561   3.841   -7.643  1.00 16.37 ? 201 TST A O3  1 
HETATM 846 C C9  . TST B 2 .   ? 4.007   4.615   -9.232  1.00 15.78 ? 201 TST A C9  1 
HETATM 847 C C10 . TST B 2 .   ? 3.563   4.533   -10.742 1.00 15.89 ? 201 TST A C10 1 
HETATM 848 S S2  . TST B 2 .   ? 0.693   5.668   -5.320  1.00 14.05 ? 201 TST A S2  1 
HETATM 849 C C11 . TST B 2 .   ? 1.114   6.567   -6.662  1.00 13.82 ? 201 TST A C11 1 
HETATM 850 C C12 . TST B 2 .   ? 0.188   6.619   -7.819  1.00 14.40 ? 201 TST A C12 1 
HETATM 851 C C13 . TST B 2 .   ? 0.576   7.420   -9.022  1.00 14.20 ? 201 TST A C13 1 
HETATM 852 C C14 . TST B 2 .   ? 1.796   8.137   -9.072  1.00 13.64 ? 201 TST A C14 1 
HETATM 853 C C15 . TST B 2 .   ? 2.703   8.100   -7.954  1.00 13.95 ? 201 TST A C15 1 
HETATM 854 C C16 . TST B 2 .   ? 2.384   7.319   -6.758  1.00 14.83 ? 201 TST A C16 1 
HETATM 855 C C17 . TST B 2 .   ? 2.174   8.951   -10.294 1.00 14.64 ? 201 TST A C17 1 
HETATM 856 O O4  . TST B 2 .   ? 1.223   6.332   -4.191  1.00 13.22 ? 201 TST A O4  1 
HETATM 857 O O5  . TST B 2 .   ? -0.599  5.095   -5.393  1.00 12.81 ? 201 TST A O5  1 
HETATM 858 C C18 . TST B 2 .   ? 4.815   5.892   -9.004  1.00 18.84 ? 201 TST A C18 1 
HETATM 859 O O   . HOH C 3 .   ? 8.498   -3.896  -4.762  1.00 13.30 ? 202 HOH A O   1 
HETATM 860 O O   . HOH C 3 .   ? 7.221   -12.605 -8.249  1.00 15.00 ? 203 HOH A O   1 
HETATM 861 O O   . HOH C 3 .   ? 5.674   13.856  -0.220  1.00 15.29 ? 204 HOH A O   1 
HETATM 862 O O   . HOH C 3 .   ? -15.085 1.054   -9.865  1.00 17.20 ? 205 HOH A O   1 
HETATM 863 O O   . HOH C 3 .   ? 4.914   11.320  0.508   1.00 13.81 ? 206 HOH A O   1 
HETATM 864 O O   . HOH C 3 .   ? 2.680   19.077  -8.150  1.00 19.09 ? 207 HOH A O   1 
HETATM 865 O O   . HOH C 3 .   ? 3.386   14.846  6.979   1.00 11.82 ? 208 HOH A O   1 
HETATM 866 O O   . HOH C 3 .   ? -7.418  6.127   -11.969 1.00 19.23 ? 209 HOH A O   1 
HETATM 867 O O   . HOH C 3 .   ? -5.199  3.602   13.045  1.00 15.50 ? 210 HOH A O   1 
HETATM 868 O O   . HOH C 3 .   ? 14.981  -4.915  -1.184  1.00 14.50 ? 211 HOH A O   1 
HETATM 869 O O   . HOH C 3 .   ? -3.068  -11.144 8.683   1.00 21.60 ? 212 HOH A O   1 
HETATM 870 O O   . HOH C 3 .   ? -2.908  2.716   9.721   1.00 14.70 ? 213 HOH A O   1 
HETATM 871 O O   . HOH C 3 .   ? -11.233 2.021   -0.073  1.00 20.14 ? 214 HOH A O   1 
HETATM 872 O O   . HOH C 3 .   ? -7.921  6.889   -9.270  1.00 18.55 ? 215 HOH A O   1 
HETATM 873 O O   . HOH C 3 .   ? 7.536   1.293   10.487  1.00 20.03 ? 216 HOH A O   1 
HETATM 874 O O   . HOH C 3 .   ? 10.969  -8.627  1.356   1.00 17.48 ? 217 HOH A O   1 
HETATM 875 O O   . HOH C 3 .   ? -8.993  -12.400 -2.816  1.00 13.64 ? 218 HOH A O   1 
HETATM 876 O O   . HOH C 3 .   ? 0.074   -5.912  11.058  1.00 17.17 ? 219 HOH A O   1 
HETATM 877 O O   . HOH C 3 .   ? 1.720   17.751  2.291   1.00 16.25 ? 220 HOH A O   1 
HETATM 878 O O   . HOH C 3 .   ? 11.096  0.545   9.339   1.00 16.40 ? 221 HOH A O   1 
HETATM 879 O O   . HOH C 3 .   ? 0.879   13.243  -11.481 1.00 16.65 ? 222 HOH A O   1 
HETATM 880 O O   . HOH C 3 .   ? 2.919   6.340   10.025  1.00 17.31 ? 223 HOH A O   1 
HETATM 881 O O   . HOH C 3 .   ? -12.851 -1.956  -9.099  1.00 18.98 ? 224 HOH A O   1 
HETATM 882 O O   . HOH C 3 .   ? 7.903   -1.095  9.389   1.00 12.74 ? 225 HOH A O   1 
HETATM 883 O O   . HOH C 3 .   ? -5.393  -0.475  -12.342 1.00 18.28 ? 226 HOH A O   1 
HETATM 884 O O   . HOH C 3 .   ? 1.637   17.648  5.101   1.00 19.42 ? 227 HOH A O   1 
HETATM 885 O O   . HOH C 3 .   ? 8.835   15.214  4.826   1.00 16.66 ? 228 HOH A O   1 
HETATM 886 O O   . HOH C 3 .   ? 3.457   -17.048 0.357   1.00 18.10 ? 229 HOH A O   1 
HETATM 887 O O   . HOH C 3 .   ? -13.248 5.982   -4.159  1.00 19.48 ? 230 HOH A O   1 
HETATM 888 O O   . HOH C 3 .   ? -2.159  0.578   13.843  1.00 19.39 ? 231 HOH A O   1 
HETATM 889 O O   . HOH C 3 .   ? 1.862   -10.111 10.250  1.00 20.08 ? 232 HOH A O   1 
HETATM 890 O O   . HOH C 3 .   ? -9.553  0.695   -1.692  1.00 17.19 ? 233 HOH A O   1 
HETATM 891 O O   . HOH C 3 .   ? 14.430  -2.563  -8.517  1.00 20.42 ? 234 HOH A O   1 
HETATM 892 O O   . HOH C 3 .   ? -4.246  1.342   15.554  1.00 21.73 ? 235 HOH A O   1 
HETATM 893 O O   . HOH C 3 .   ? 2.873   -17.788 4.388   1.00 25.33 ? 236 HOH A O   1 
HETATM 894 O O   . HOH C 3 .   ? 8.355   9.232   -7.479  1.00 18.10 ? 237 HOH A O   1 
HETATM 895 O O   . HOH C 3 .   ? 5.048   17.350  -5.154  1.00 20.38 ? 238 HOH A O   1 
HETATM 896 O O   . HOH C 3 .   ? 13.565  0.624   -7.696  1.00 24.18 ? 239 HOH A O   1 
HETATM 897 O O   . HOH C 3 .   ? -10.880 -5.347  -15.710 1.00 15.45 ? 240 HOH A O   1 
HETATM 898 O O   . HOH C 3 .   ? -11.938 3.245   -15.379 1.00 17.30 ? 241 HOH A O   1 
HETATM 899 O O   . HOH C 3 .   ? -2.879  -16.408 -2.948  1.00 16.19 ? 242 HOH A O   1 
HETATM 900 O O   . HOH C 3 .   ? 11.423  -15.906 -1.639  1.00 18.63 ? 243 HOH A O   1 
HETATM 901 O O   . HOH C 3 .   ? 9.871   5.272   -0.221  1.00 20.78 ? 244 HOH A O   1 
HETATM 902 O O   . HOH C 3 .   ? -2.973  -6.384  -12.782 1.00 25.51 ? 245 HOH A O   1 
HETATM 903 O O   . HOH C 3 .   ? 3.837   20.760  1.101   1.00 21.46 ? 246 HOH A O   1 
HETATM 904 O O   . HOH C 3 .   ? -4.036  14.389  -6.069  1.00 19.65 ? 247 HOH A O   1 
HETATM 905 O O   . HOH C 3 .   ? -13.321 -2.781  -6.414  1.00 17.40 ? 248 HOH A O   1 
HETATM 906 O O   . HOH C 3 .   ? -6.743  -15.250 -3.771  1.00 17.54 ? 249 HOH A O   1 
HETATM 907 O O   . HOH C 3 .   ? -5.772  -10.260 9.173   1.00 16.18 ? 250 HOH A O   1 
HETATM 908 O O   . HOH C 3 .   ? -5.029  9.435   -10.254 1.00 19.70 ? 251 HOH A O   1 
HETATM 909 O O   . HOH C 3 .   ? -1.200  -7.809  9.548   1.00 17.33 ? 252 HOH A O   1 
HETATM 910 O O   . HOH C 3 .   ? -4.019  -22.194 1.188   1.00 23.73 ? 253 HOH A O   1 
HETATM 911 O O   . HOH C 3 .   ? 4.583   13.279  -12.546 1.00 17.19 ? 254 HOH A O   1 
HETATM 912 O O   . HOH C 3 .   ? -9.690  -10.591 -0.666  1.00 19.83 ? 255 HOH A O   1 
HETATM 913 O O   . HOH C 3 .   ? 2.185   -11.457 -12.645 1.00 21.97 ? 256 HOH A O   1 
HETATM 914 O O   . HOH C 3 .   ? -8.352  -1.560  -0.948  1.00 18.57 ? 257 HOH A O   1 
HETATM 915 O O   . HOH C 3 .   ? -11.731 3.512   -3.964  1.00 20.21 ? 258 HOH A O   1 
HETATM 916 O O   . HOH C 3 .   ? -4.156  6.965   10.151  1.00 22.77 ? 259 HOH A O   1 
HETATM 917 O O   . HOH C 3 .   ? 11.321  9.309   -0.540  1.00 26.07 ? 260 HOH A O   1 
HETATM 918 O O   . HOH C 3 .   ? 13.551  5.006   4.944   1.00 25.58 ? 261 HOH A O   1 
HETATM 919 O O   . HOH C 3 .   ? 5.148   5.620   11.700  1.00 24.79 ? 262 HOH A O   1 
HETATM 920 O O   . HOH C 3 .   ? 13.900  7.571   6.616   1.00 23.24 ? 263 HOH A O   1 
HETATM 921 O O   . HOH C 3 .   ? 12.995  13.549  1.201   1.00 26.08 ? 264 HOH A O   1 
HETATM 922 O O   . HOH C 3 .   ? 0.580   15.222  5.172   1.00 15.64 ? 265 HOH A O   1 
HETATM 923 O O   . HOH C 3 .   ? 0.109   1.329   15.211  1.00 23.55 ? 266 HOH A O   1 
HETATM 924 O O   . HOH C 3 .   ? -12.339 -0.340  3.053   1.00 24.55 ? 267 HOH A O   1 
HETATM 925 O O   . HOH C 3 .   ? 8.677   -5.957  -13.005 1.00 22.44 ? 268 HOH A O   1 
HETATM 926 O O   . HOH C 3 .   ? 11.052  1.023   -2.197  1.00 21.23 ? 269 HOH A O   1 
HETATM 927 O O   . HOH C 3 .   ? -11.863 -6.016  -3.566  1.00 26.06 ? 270 HOH A O   1 
HETATM 928 O O   . HOH C 3 .   ? 5.110   -11.317 7.769   1.00 26.24 ? 271 HOH A O   1 
HETATM 929 O O   . HOH C 3 .   ? 12.137  13.566  -1.567  1.00 25.40 ? 272 HOH A O   1 
HETATM 930 O O   . HOH C 3 .   ? 10.216  5.210   10.842  1.00 29.34 ? 273 HOH A O   1 
HETATM 931 O O   . HOH C 3 .   ? 6.591   -14.866 4.491   1.00 22.72 ? 274 HOH A O   1 
HETATM 932 O O   . HOH C 3 .   ? -7.084  19.651  2.250   1.00 21.88 ? 275 HOH A O   1 
HETATM 933 O O   . HOH C 3 .   ? -2.080  10.738  10.044  1.00 22.94 ? 276 HOH A O   1 
HETATM 934 O O   . HOH C 3 .   ? 12.927  18.029  -3.415  1.00 26.23 ? 277 HOH A O   1 
HETATM 935 O O   . HOH C 3 .   ? -1.599  16.882  -12.047 1.00 15.30 ? 278 HOH A O   1 
HETATM 936 O O   . HOH C 3 .   ? -13.570 -5.551  3.477   1.00 26.93 ? 279 HOH A O   1 
HETATM 937 O O   . HOH C 3 .   ? 9.745   7.247   -3.198  1.00 30.15 ? 280 HOH A O   1 
HETATM 938 O O   . HOH C 3 .   ? -13.939 14.137  -4.710  1.00 23.54 ? 281 HOH A O   1 
HETATM 939 O O   . HOH C 3 .   ? 12.321  -2.786  -0.137  1.00 24.42 ? 282 HOH A O   1 
HETATM 940 O O   . HOH C 3 .   ? 4.925   -5.504  -11.492 1.00 30.85 ? 283 HOH A O   1 
HETATM 941 O O   . HOH C 3 .   ? -7.274  -19.598 7.360   1.00 24.68 ? 284 HOH A O   1 
HETATM 942 O O   . HOH C 3 .   ? -1.504  -20.511 4.049   1.00 22.31 ? 285 HOH A O   1 
HETATM 943 O O   . HOH C 3 .   ? -14.577 3.815   -9.970  1.00 20.38 ? 286 HOH A O   1 
HETATM 944 O O   . HOH C 3 .   ? 3.722   11.215  9.379   1.00 28.07 ? 287 HOH A O   1 
HETATM 945 O O   . HOH C 3 .   ? -1.768  -4.348  12.644  1.00 24.35 ? 288 HOH A O   1 
HETATM 946 O O   . HOH C 3 .   ? 9.141   10.716  9.769   1.00 31.05 ? 289 HOH A O   1 
HETATM 947 O O   . HOH C 3 .   ? 1.340   15.809  8.629   1.00 25.05 ? 290 HOH A O   1 
HETATM 948 O O   . HOH C 3 .   ? -0.994  14.627  3.095   1.00 26.27 ? 291 HOH A O   1 
HETATM 949 O O   . HOH C 3 .   ? 9.069   6.009   -7.932  1.00 27.01 ? 292 HOH A O   1 
HETATM 950 O O   . HOH C 3 .   ? -8.698  0.322   10.106  1.00 31.62 ? 293 HOH A O   1 
HETATM 951 O O   . HOH C 3 .   ? -9.643  -1.944  12.577  1.00 19.82 ? 294 HOH A O   1 
HETATM 952 O O   . HOH C 3 .   ? -10.637 -8.334  2.493   1.00 23.14 ? 295 HOH A O   1 
HETATM 953 O O   . HOH C 3 .   ? -6.770  -17.807 1.695   1.00 27.69 ? 296 HOH A O   1 
HETATM 954 O O   . HOH C 3 .   ? 3.755   -0.226  15.338  1.00 25.47 ? 297 HOH A O   1 
HETATM 955 O O   . HOH C 3 .   ? -8.388  -14.943 2.824   1.00 26.59 ? 298 HOH A O   1 
HETATM 956 O O   . HOH C 3 .   ? 4.366   -14.440 -10.361 1.00 28.80 ? 299 HOH A O   1 
HETATM 957 O O   . HOH C 3 .   ? 8.860   19.239  -4.755  1.00 25.41 ? 300 HOH A O   1 
HETATM 958 O O   . HOH C 3 .   ? -3.274  -2.781  -17.623 1.00 22.40 ? 301 HOH A O   1 
HETATM 959 O O   . HOH C 3 .   ? -6.266  16.920  -1.031  1.00 19.56 ? 302 HOH A O   1 
HETATM 960 O O   . HOH C 3 .   ? 6.566   1.921   13.434  1.00 26.37 ? 303 HOH A O   1 
HETATM 961 O O   . HOH C 3 .   ? -3.977  16.289  3.580   1.00 26.82 ? 304 HOH A O   1 
HETATM 962 O O   . HOH C 3 .   ? -13.095 3.370   -6.573  1.00 22.83 ? 305 HOH A O   1 
HETATM 963 O O   . HOH C 3 .   ? -5.970  10.147  5.079   1.00 32.03 ? 306 HOH A O   1 
HETATM 964 O O   . HOH C 3 .   ? -1.001  -13.842 -13.707 1.00 37.06 ? 307 HOH A O   1 
HETATM 965 O O   . HOH C 3 .   ? 1.702   -18.351 -1.215  1.00 26.07 ? 308 HOH A O   1 
HETATM 966 O O   . HOH C 3 .   ? 15.094  2.129   -3.418  1.00 26.95 ? 309 HOH A O   1 
HETATM 967 O O   . HOH C 3 .   ? 5.029   -8.896  -10.374 1.00 35.93 ? 310 HOH A O   1 
HETATM 968 O O   . HOH C 3 .   ? 5.085   -1.429  10.486  1.00 28.50 ? 311 HOH A O   1 
HETATM 969 O O   . HOH C 3 .   ? -14.691 8.608   -5.329  1.00 34.49 ? 312 HOH A O   1 
HETATM 970 O O   . HOH C 3 .   ? -14.159 -0.647  -1.580  1.00 25.49 ? 313 HOH A O   1 
HETATM 971 O O   . HOH C 3 .   ? -6.740  -13.196 10.223  1.00 28.26 ? 314 HOH A O   1 
HETATM 972 O O   . HOH C 3 .   ? -0.096  -9.689  -14.895 1.00 31.75 ? 315 HOH A O   1 
HETATM 973 O O   . HOH C 3 .   ? -7.819  9.297   -7.958  1.00 27.37 ? 316 HOH A O   1 
HETATM 974 O O   . HOH C 3 .   ? 6.339   -22.516 1.034   1.00 23.16 ? 317 HOH A O   1 
HETATM 975 O O   . HOH C 3 .   ? 7.299   -1.754  -12.766 1.00 25.74 ? 318 HOH A O   1 
HETATM 976 O O   . HOH C 3 .   ? -0.842  -5.262  -16.369 1.00 28.46 ? 319 HOH A O   1 
HETATM 977 O O   . HOH C 3 .   ? -13.430 -6.074  0.869   1.00 29.76 ? 320 HOH A O   1 
# 
